data_1CQH
# 
_entry.id   1CQH 
# 
_audit_conform.dict_name       mmcif_pdbx.dic 
_audit_conform.dict_version    5.397 
_audit_conform.dict_location   http://mmcif.pdb.org/dictionaries/ascii/mmcif_pdbx.dic 
# 
loop_
_database_2.database_id 
_database_2.database_code 
_database_2.pdbx_database_accession 
_database_2.pdbx_DOI 
PDB   1CQH         pdb_00001cqh 10.2210/pdb1cqh/pdb 
WWPDB D_1000172472 ?            ?                   
# 
loop_
_pdbx_audit_revision_history.ordinal 
_pdbx_audit_revision_history.data_content_type 
_pdbx_audit_revision_history.major_revision 
_pdbx_audit_revision_history.minor_revision 
_pdbx_audit_revision_history.revision_date 
1 'Structure model' 1 0 1996-08-01 
2 'Structure model' 1 1 2008-03-24 
3 'Structure model' 1 2 2011-07-13 
4 'Structure model' 1 3 2021-11-03 
5 'Structure model' 1 4 2024-10-16 
# 
_pdbx_audit_revision_details.ordinal             1 
_pdbx_audit_revision_details.revision_ordinal    1 
_pdbx_audit_revision_details.data_content_type   'Structure model' 
_pdbx_audit_revision_details.provider            repository 
_pdbx_audit_revision_details.type                'Initial release' 
_pdbx_audit_revision_details.description         ? 
_pdbx_audit_revision_details.details             ? 
# 
loop_
_pdbx_audit_revision_group.ordinal 
_pdbx_audit_revision_group.revision_ordinal 
_pdbx_audit_revision_group.data_content_type 
_pdbx_audit_revision_group.group 
1 2 'Structure model' 'Version format compliance' 
2 3 'Structure model' 'Version format compliance' 
3 4 'Structure model' 'Database references'       
4 4 'Structure model' 'Derived calculations'      
5 4 'Structure model' Other                       
6 5 'Structure model' 'Data collection'           
7 5 'Structure model' 'Structure summary'         
# 
loop_
_pdbx_audit_revision_category.ordinal 
_pdbx_audit_revision_category.revision_ordinal 
_pdbx_audit_revision_category.data_content_type 
_pdbx_audit_revision_category.category 
1  4 'Structure model' database_2                
2  4 'Structure model' pdbx_database_related     
3  4 'Structure model' pdbx_database_status      
4  4 'Structure model' pdbx_struct_assembly      
5  4 'Structure model' pdbx_struct_oper_list     
6  4 'Structure model' struct_ref_seq_dif        
7  5 'Structure model' chem_comp_atom            
8  5 'Structure model' chem_comp_bond            
9  5 'Structure model' pdbx_entry_details        
10 5 'Structure model' pdbx_modification_feature 
# 
loop_
_pdbx_audit_revision_item.ordinal 
_pdbx_audit_revision_item.revision_ordinal 
_pdbx_audit_revision_item.data_content_type 
_pdbx_audit_revision_item.item 
1 4 'Structure model' '_database_2.pdbx_DOI'                         
2 4 'Structure model' '_database_2.pdbx_database_accession'          
3 4 'Structure model' '_pdbx_database_related.content_type'          
4 4 'Structure model' '_pdbx_database_related.details'               
5 4 'Structure model' '_pdbx_database_status.process_site'           
6 4 'Structure model' '_struct_ref_seq_dif.details'                  
7 5 'Structure model' '_pdbx_entry_details.has_protein_modification' 
# 
_pdbx_database_status.status_code                     REL 
_pdbx_database_status.entry_id                        1CQH 
_pdbx_database_status.recvd_initial_deposition_date   1996-04-02 
_pdbx_database_status.deposit_site                    ? 
_pdbx_database_status.process_site                    BNL 
_pdbx_database_status.SG_entry                        . 
_pdbx_database_status.pdb_format_compatible           Y 
_pdbx_database_status.status_code_mr                  ? 
_pdbx_database_status.status_code_sf                  ? 
_pdbx_database_status.status_code_cs                  ? 
_pdbx_database_status.methods_development_category    ? 
_pdbx_database_status.status_code_nmr_data            ? 
# 
_pdbx_database_related.db_name        PDB 
_pdbx_database_related.db_id          1CQG 
_pdbx_database_related.details        ensemble 
_pdbx_database_related.content_type   unspecified 
# 
loop_
_audit_author.name 
_audit_author.pdbx_ordinal 
'Clore, G.M.'      1 
'Qin, J.'          2 
'Gronenborn, A.M.' 3 
# 
loop_
_citation.id 
_citation.title 
_citation.journal_abbrev 
_citation.journal_volume 
_citation.page_first 
_citation.page_last 
_citation.year 
_citation.journal_id_ASTM 
_citation.country 
_citation.journal_id_ISSN 
_citation.journal_id_CSD 
_citation.book_publisher 
_citation.pdbx_database_id_PubMed 
_citation.pdbx_database_id_DOI 
primary 'The solution structure of human thioredoxin complexed with its target from Ref-1 reveals peptide chain reversal.' 
Structure    4  613  620 1996 STRUE6 UK 0969-2126 2005 ? 8736558 '10.1016/S0969-2126(96)00065-2' 
1       
;Solution Structure of Human Thioredoxin in a Mixed Disulfide Intermediate Complex with its Target Peptide from the Transcription Factor NF Kappa B
;
Structure    3  289  ?   1995 STRUE6 UK 0969-2126 2005 ? ?       ?                               
2       'The High-Resolution Three-Dimensional Solution Structures of the Oxidized and Reduced States of Human Thioredoxin' 
Structure    2  503  ?   1994 STRUE6 UK 0969-2126 2005 ? ?       ?                               
3       'High-Resolution Three-Dimensional Structure of Reduced Recombinant Human Thioredoxin in Solution' Biochemistry 30 2685 ? 
1991 BICHAW US 0006-2960 0033 ? ?       ?                               
# 
loop_
_citation_author.citation_id 
_citation_author.name 
_citation_author.ordinal 
_citation_author.identifier_ORCID 
primary 'Qin, J.'          1  ? 
primary 'Clore, G.M.'      2  ? 
primary 'Kennedy, W.P.'    3  ? 
primary 'Kuszewski, J.'    4  ? 
primary 'Gronenborn, A.M.' 5  ? 
1       'Qin, J.'          6  ? 
1       'Clore, G.M.'      7  ? 
1       'Kennedy, W.M.'    8  ? 
1       'Huth, J.R.'       9  ? 
1       'Gronenborn, A.M.' 10 ? 
2       'Qin, J.'          11 ? 
2       'Clore, G.M.'      12 ? 
2       'Gronenborn, A.M.' 13 ? 
3       'Forman-Kay, J.D.' 14 ? 
3       'Clore, G.M.'      15 ? 
3       'Wingfield, P.T.'  16 ? 
3       'Gronenborn, A.M.' 17 ? 
# 
loop_
_entity.id 
_entity.type 
_entity.src_method 
_entity.pdbx_description 
_entity.formula_weight 
_entity.pdbx_number_of_molecules 
_entity.pdbx_ec 
_entity.pdbx_mutation 
_entity.pdbx_fragment 
_entity.details 
1 polymer man THIOREDOXIN     11592.125 1 ?         'CHAIN A, C35A, C62A, C69A, C73A' ? ? 
2 polymer man 'REF-1 PEPTIDE' 1404.611  1 4.2.99.18 ?                                 
'RESIDUES 59 - 71 OF THE P50 SUBUNIT OF NFKB' ? 
# 
loop_
_entity_poly.entity_id 
_entity_poly.type 
_entity_poly.nstd_linkage 
_entity_poly.nstd_monomer 
_entity_poly.pdbx_seq_one_letter_code 
_entity_poly.pdbx_seq_one_letter_code_can 
_entity_poly.pdbx_strand_id 
_entity_poly.pdbx_target_identifier 
1 'polypeptide(L)' no no 
;MVKQIESKTAFQEALDAAGDKLVVVDFSATWCGPAKMIKPFFHSLSEKYSNVIFLEVDVDDAQDVASEAEVKATPTFQFF
KKGQKVGEFSGANKEKLEATINELV
;
;MVKQIESKTAFQEALDAAGDKLVVVDFSATWCGPAKMIKPFFHSLSEKYSNVIFLEVDVDDAQDVASEAEVKATPTFQFF
KKGQKVGEFSGANKEKLEATINELV
;
A ? 
2 'polypeptide(L)' no no PATLKICSWNVDG PATLKICSWNVDG B ? 
# 
loop_
_entity_poly_seq.entity_id 
_entity_poly_seq.num 
_entity_poly_seq.mon_id 
_entity_poly_seq.hetero 
1 1   MET n 
1 2   VAL n 
1 3   LYS n 
1 4   GLN n 
1 5   ILE n 
1 6   GLU n 
1 7   SER n 
1 8   LYS n 
1 9   THR n 
1 10  ALA n 
1 11  PHE n 
1 12  GLN n 
1 13  GLU n 
1 14  ALA n 
1 15  LEU n 
1 16  ASP n 
1 17  ALA n 
1 18  ALA n 
1 19  GLY n 
1 20  ASP n 
1 21  LYS n 
1 22  LEU n 
1 23  VAL n 
1 24  VAL n 
1 25  VAL n 
1 26  ASP n 
1 27  PHE n 
1 28  SER n 
1 29  ALA n 
1 30  THR n 
1 31  TRP n 
1 32  CYS n 
1 33  GLY n 
1 34  PRO n 
1 35  ALA n 
1 36  LYS n 
1 37  MET n 
1 38  ILE n 
1 39  LYS n 
1 40  PRO n 
1 41  PHE n 
1 42  PHE n 
1 43  HIS n 
1 44  SER n 
1 45  LEU n 
1 46  SER n 
1 47  GLU n 
1 48  LYS n 
1 49  TYR n 
1 50  SER n 
1 51  ASN n 
1 52  VAL n 
1 53  ILE n 
1 54  PHE n 
1 55  LEU n 
1 56  GLU n 
1 57  VAL n 
1 58  ASP n 
1 59  VAL n 
1 60  ASP n 
1 61  ASP n 
1 62  ALA n 
1 63  GLN n 
1 64  ASP n 
1 65  VAL n 
1 66  ALA n 
1 67  SER n 
1 68  GLU n 
1 69  ALA n 
1 70  GLU n 
1 71  VAL n 
1 72  LYS n 
1 73  ALA n 
1 74  THR n 
1 75  PRO n 
1 76  THR n 
1 77  PHE n 
1 78  GLN n 
1 79  PHE n 
1 80  PHE n 
1 81  LYS n 
1 82  LYS n 
1 83  GLY n 
1 84  GLN n 
1 85  LYS n 
1 86  VAL n 
1 87  GLY n 
1 88  GLU n 
1 89  PHE n 
1 90  SER n 
1 91  GLY n 
1 92  ALA n 
1 93  ASN n 
1 94  LYS n 
1 95  GLU n 
1 96  LYS n 
1 97  LEU n 
1 98  GLU n 
1 99  ALA n 
1 100 THR n 
1 101 ILE n 
1 102 ASN n 
1 103 GLU n 
1 104 LEU n 
1 105 VAL n 
2 1   PRO n 
2 2   ALA n 
2 3   THR n 
2 4   LEU n 
2 5   LYS n 
2 6   ILE n 
2 7   CYS n 
2 8   SER n 
2 9   TRP n 
2 10  ASN n 
2 11  VAL n 
2 12  ASP n 
2 13  GLY n 
# 
_entity_src_gen.entity_id                          1 
_entity_src_gen.pdbx_src_id                        1 
_entity_src_gen.pdbx_alt_source_flag               sample 
_entity_src_gen.pdbx_seq_type                      ? 
_entity_src_gen.pdbx_beg_seq_num                   ? 
_entity_src_gen.pdbx_end_seq_num                   ? 
_entity_src_gen.gene_src_common_name               human 
_entity_src_gen.gene_src_genus                     Homo 
_entity_src_gen.pdbx_gene_src_gene                 POTENTIAL 
_entity_src_gen.gene_src_species                   ? 
_entity_src_gen.gene_src_strain                    ? 
_entity_src_gen.gene_src_tissue                    ? 
_entity_src_gen.gene_src_tissue_fraction           ? 
_entity_src_gen.gene_src_details                   ? 
_entity_src_gen.pdbx_gene_src_fragment             ? 
_entity_src_gen.pdbx_gene_src_scientific_name      'Homo sapiens' 
_entity_src_gen.pdbx_gene_src_ncbi_taxonomy_id     9606 
_entity_src_gen.pdbx_gene_src_variant              ? 
_entity_src_gen.pdbx_gene_src_cell_line            ? 
_entity_src_gen.pdbx_gene_src_atcc                 ? 
_entity_src_gen.pdbx_gene_src_organ                ? 
_entity_src_gen.pdbx_gene_src_organelle            ? 
_entity_src_gen.pdbx_gene_src_cell                 ? 
_entity_src_gen.pdbx_gene_src_cellular_location    ? 
_entity_src_gen.host_org_common_name               ? 
_entity_src_gen.pdbx_host_org_scientific_name      ? 
_entity_src_gen.pdbx_host_org_ncbi_taxonomy_id     ? 
_entity_src_gen.host_org_genus                     ? 
_entity_src_gen.pdbx_host_org_gene                 ? 
_entity_src_gen.pdbx_host_org_organ                ? 
_entity_src_gen.host_org_species                   ? 
_entity_src_gen.pdbx_host_org_tissue               ? 
_entity_src_gen.pdbx_host_org_tissue_fraction      ? 
_entity_src_gen.pdbx_host_org_strain               ? 
_entity_src_gen.pdbx_host_org_variant              ? 
_entity_src_gen.pdbx_host_org_cell_line            ? 
_entity_src_gen.pdbx_host_org_atcc                 ? 
_entity_src_gen.pdbx_host_org_culture_collection   ? 
_entity_src_gen.pdbx_host_org_cell                 ? 
_entity_src_gen.pdbx_host_org_organelle            ? 
_entity_src_gen.pdbx_host_org_cellular_location    ? 
_entity_src_gen.pdbx_host_org_vector_type          ? 
_entity_src_gen.pdbx_host_org_vector               ? 
_entity_src_gen.host_org_details                   ? 
_entity_src_gen.expression_system_id               ? 
_entity_src_gen.plasmid_name                       ? 
_entity_src_gen.plasmid_details                    ? 
_entity_src_gen.pdbx_description                   ? 
# 
loop_
_chem_comp.id 
_chem_comp.type 
_chem_comp.mon_nstd_flag 
_chem_comp.name 
_chem_comp.pdbx_synonyms 
_chem_comp.formula 
_chem_comp.formula_weight 
ALA 'L-peptide linking' y ALANINE         ? 'C3 H7 N O2'     89.093  
ASN 'L-peptide linking' y ASPARAGINE      ? 'C4 H8 N2 O3'    132.118 
ASP 'L-peptide linking' y 'ASPARTIC ACID' ? 'C4 H7 N O4'     133.103 
CYS 'L-peptide linking' y CYSTEINE        ? 'C3 H7 N O2 S'   121.158 
GLN 'L-peptide linking' y GLUTAMINE       ? 'C5 H10 N2 O3'   146.144 
GLU 'L-peptide linking' y 'GLUTAMIC ACID' ? 'C5 H9 N O4'     147.129 
GLY 'peptide linking'   y GLYCINE         ? 'C2 H5 N O2'     75.067  
HIS 'L-peptide linking' y HISTIDINE       ? 'C6 H10 N3 O2 1' 156.162 
ILE 'L-peptide linking' y ISOLEUCINE      ? 'C6 H13 N O2'    131.173 
LEU 'L-peptide linking' y LEUCINE         ? 'C6 H13 N O2'    131.173 
LYS 'L-peptide linking' y LYSINE          ? 'C6 H15 N2 O2 1' 147.195 
MET 'L-peptide linking' y METHIONINE      ? 'C5 H11 N O2 S'  149.211 
PHE 'L-peptide linking' y PHENYLALANINE   ? 'C9 H11 N O2'    165.189 
PRO 'L-peptide linking' y PROLINE         ? 'C5 H9 N O2'     115.130 
SER 'L-peptide linking' y SERINE          ? 'C3 H7 N O3'     105.093 
THR 'L-peptide linking' y THREONINE       ? 'C4 H9 N O3'     119.119 
TRP 'L-peptide linking' y TRYPTOPHAN      ? 'C11 H12 N2 O2'  204.225 
TYR 'L-peptide linking' y TYROSINE        ? 'C9 H11 N O3'    181.189 
VAL 'L-peptide linking' y VALINE          ? 'C5 H11 N O2'    117.146 
# 
loop_
_pdbx_poly_seq_scheme.asym_id 
_pdbx_poly_seq_scheme.entity_id 
_pdbx_poly_seq_scheme.seq_id 
_pdbx_poly_seq_scheme.mon_id 
_pdbx_poly_seq_scheme.ndb_seq_num 
_pdbx_poly_seq_scheme.pdb_seq_num 
_pdbx_poly_seq_scheme.auth_seq_num 
_pdbx_poly_seq_scheme.pdb_mon_id 
_pdbx_poly_seq_scheme.auth_mon_id 
_pdbx_poly_seq_scheme.pdb_strand_id 
_pdbx_poly_seq_scheme.pdb_ins_code 
_pdbx_poly_seq_scheme.hetero 
A 1 1   MET 1   1   1   MET MET A . n 
A 1 2   VAL 2   2   2   VAL VAL A . n 
A 1 3   LYS 3   3   3   LYS LYS A . n 
A 1 4   GLN 4   4   4   GLN GLN A . n 
A 1 5   ILE 5   5   5   ILE ILE A . n 
A 1 6   GLU 6   6   6   GLU GLU A . n 
A 1 7   SER 7   7   7   SER SER A . n 
A 1 8   LYS 8   8   8   LYS LYS A . n 
A 1 9   THR 9   9   9   THR THR A . n 
A 1 10  ALA 10  10  10  ALA ALA A . n 
A 1 11  PHE 11  11  11  PHE PHE A . n 
A 1 12  GLN 12  12  12  GLN GLN A . n 
A 1 13  GLU 13  13  13  GLU GLU A . n 
A 1 14  ALA 14  14  14  ALA ALA A . n 
A 1 15  LEU 15  15  15  LEU LEU A . n 
A 1 16  ASP 16  16  16  ASP ASP A . n 
A 1 17  ALA 17  17  17  ALA ALA A . n 
A 1 18  ALA 18  18  18  ALA ALA A . n 
A 1 19  GLY 19  19  19  GLY GLY A . n 
A 1 20  ASP 20  20  20  ASP ASP A . n 
A 1 21  LYS 21  21  21  LYS LYS A . n 
A 1 22  LEU 22  22  22  LEU LEU A . n 
A 1 23  VAL 23  23  23  VAL VAL A . n 
A 1 24  VAL 24  24  24  VAL VAL A . n 
A 1 25  VAL 25  25  25  VAL VAL A . n 
A 1 26  ASP 26  26  26  ASP ASP A . n 
A 1 27  PHE 27  27  27  PHE PHE A . n 
A 1 28  SER 28  28  28  SER SER A . n 
A 1 29  ALA 29  29  29  ALA ALA A . n 
A 1 30  THR 30  30  30  THR THR A . n 
A 1 31  TRP 31  31  31  TRP TRP A . n 
A 1 32  CYS 32  32  32  CYS CYS A . n 
A 1 33  GLY 33  33  33  GLY GLY A . n 
A 1 34  PRO 34  34  34  PRO PRO A . n 
A 1 35  ALA 35  35  35  ALA ALA A . n 
A 1 36  LYS 36  36  36  LYS LYS A . n 
A 1 37  MET 37  37  37  MET MET A . n 
A 1 38  ILE 38  38  38  ILE ILE A . n 
A 1 39  LYS 39  39  39  LYS LYS A . n 
A 1 40  PRO 40  40  40  PRO PRO A . n 
A 1 41  PHE 41  41  41  PHE PHE A . n 
A 1 42  PHE 42  42  42  PHE PHE A . n 
A 1 43  HIS 43  43  43  HIS HIS A . n 
A 1 44  SER 44  44  44  SER SER A . n 
A 1 45  LEU 45  45  45  LEU LEU A . n 
A 1 46  SER 46  46  46  SER SER A . n 
A 1 47  GLU 47  47  47  GLU GLU A . n 
A 1 48  LYS 48  48  48  LYS LYS A . n 
A 1 49  TYR 49  49  49  TYR TYR A . n 
A 1 50  SER 50  50  50  SER SER A . n 
A 1 51  ASN 51  51  51  ASN ASN A . n 
A 1 52  VAL 52  52  52  VAL VAL A . n 
A 1 53  ILE 53  53  53  ILE ILE A . n 
A 1 54  PHE 54  54  54  PHE PHE A . n 
A 1 55  LEU 55  55  55  LEU LEU A . n 
A 1 56  GLU 56  56  56  GLU GLU A . n 
A 1 57  VAL 57  57  57  VAL VAL A . n 
A 1 58  ASP 58  58  58  ASP ASP A . n 
A 1 59  VAL 59  59  59  VAL VAL A . n 
A 1 60  ASP 60  60  60  ASP ASP A . n 
A 1 61  ASP 61  61  61  ASP ASP A . n 
A 1 62  ALA 62  62  62  ALA ALA A . n 
A 1 63  GLN 63  63  63  GLN GLN A . n 
A 1 64  ASP 64  64  64  ASP ASP A . n 
A 1 65  VAL 65  65  65  VAL VAL A . n 
A 1 66  ALA 66  66  66  ALA ALA A . n 
A 1 67  SER 67  67  67  SER SER A . n 
A 1 68  GLU 68  68  68  GLU GLU A . n 
A 1 69  ALA 69  69  69  ALA ALA A . n 
A 1 70  GLU 70  70  70  GLU GLU A . n 
A 1 71  VAL 71  71  71  VAL VAL A . n 
A 1 72  LYS 72  72  72  LYS LYS A . n 
A 1 73  ALA 73  73  73  ALA ALA A . n 
A 1 74  THR 74  74  74  THR THR A . n 
A 1 75  PRO 75  75  75  PRO PRO A . n 
A 1 76  THR 76  76  76  THR THR A . n 
A 1 77  PHE 77  77  77  PHE PHE A . n 
A 1 78  GLN 78  78  78  GLN GLN A . n 
A 1 79  PHE 79  79  79  PHE PHE A . n 
A 1 80  PHE 80  80  80  PHE PHE A . n 
A 1 81  LYS 81  81  81  LYS LYS A . n 
A 1 82  LYS 82  82  82  LYS LYS A . n 
A 1 83  GLY 83  83  83  GLY GLY A . n 
A 1 84  GLN 84  84  84  GLN GLN A . n 
A 1 85  LYS 85  85  85  LYS LYS A . n 
A 1 86  VAL 86  86  86  VAL VAL A . n 
A 1 87  GLY 87  87  87  GLY GLY A . n 
A 1 88  GLU 88  88  88  GLU GLU A . n 
A 1 89  PHE 89  89  89  PHE PHE A . n 
A 1 90  SER 90  90  90  SER SER A . n 
A 1 91  GLY 91  91  91  GLY GLY A . n 
A 1 92  ALA 92  92  92  ALA ALA A . n 
A 1 93  ASN 93  93  93  ASN ASN A . n 
A 1 94  LYS 94  94  94  LYS LYS A . n 
A 1 95  GLU 95  95  95  GLU GLU A . n 
A 1 96  LYS 96  96  96  LYS LYS A . n 
A 1 97  LEU 97  97  97  LEU LEU A . n 
A 1 98  GLU 98  98  98  GLU GLU A . n 
A 1 99  ALA 99  99  99  ALA ALA A . n 
A 1 100 THR 100 100 100 THR THR A . n 
A 1 101 ILE 101 101 101 ILE ILE A . n 
A 1 102 ASN 102 102 102 ASN ASN A . n 
A 1 103 GLU 103 103 103 GLU GLU A . n 
A 1 104 LEU 104 104 104 LEU LEU A . n 
A 1 105 VAL 105 105 105 VAL VAL A . n 
B 2 1   PRO 1   59  59  PRO PRO B . n 
B 2 2   ALA 2   60  60  ALA ALA B . n 
B 2 3   THR 3   61  61  THR THR B . n 
B 2 4   LEU 4   62  62  LEU LEU B . n 
B 2 5   LYS 5   63  63  LYS LYS B . n 
B 2 6   ILE 6   64  64  ILE ILE B . n 
B 2 7   CYS 7   65  65  CYS CYS B . n 
B 2 8   SER 8   66  66  SER SER B . n 
B 2 9   TRP 9   67  67  TRP TRP B . n 
B 2 10  ASN 10  68  68  ASN ASN B . n 
B 2 11  VAL 11  69  69  VAL VAL B . n 
B 2 12  ASP 12  70  70  ASP ASP B . n 
B 2 13  GLY 13  71  71  GLY GLY B . n 
# 
_cell.entry_id           1CQH 
_cell.length_a           1.000 
_cell.length_b           1.000 
_cell.length_c           1.000 
_cell.angle_alpha        90.00 
_cell.angle_beta         90.00 
_cell.angle_gamma        90.00 
_cell.Z_PDB              1 
_cell.pdbx_unique_axis   ? 
# 
_symmetry.entry_id                         1CQH 
_symmetry.space_group_name_H-M             'P 1' 
_symmetry.pdbx_full_space_group_name_H-M   ? 
_symmetry.cell_setting                     ? 
_symmetry.Int_Tables_number                1 
# 
_exptl.entry_id          1CQH 
_exptl.method            'SOLUTION NMR' 
_exptl.crystals_number   ? 
# 
_struct.entry_id                  1CQH 
_struct.title                     
;HIGH RESOLUTION SOLUTION NMR STRUCTURE OF MIXED DISULFIDE INTERMEDIATE BETWEEN HUMAN THIOREDOXIN (C35A, C62A, C69A, C73A) MUTANT AND A 13 RESIDUE PEPTIDE COMPRISING ITS TARGET SITE IN HUMAN REF-1 (RESIDUES 59-71 OF THE P50 SUBUNIT OF NFKB), NMR, MINIMIZED AVERAGE STRUCTURE
;
_struct.pdbx_model_details        ? 
_struct.pdbx_CASP_flag            ? 
_struct.pdbx_model_type_details   ? 
# 
_struct_keywords.entry_id        1CQH 
_struct_keywords.pdbx_keywords   'COMPLEX (ELECTRON TRANSPORT/PEPTIDE)' 
_struct_keywords.text            'COMPLEX, ELECTRON TRANSPORT/PEPTIDE, COMPLEX (ELECTRON TRANSPORT-PEPTIDE) COMPLEX' 
# 
loop_
_struct_asym.id 
_struct_asym.pdbx_blank_PDB_chainid_flag 
_struct_asym.pdbx_modified 
_struct_asym.entity_id 
_struct_asym.details 
A N N 1 ? 
B N N 2 ? 
# 
loop_
_struct_ref.id 
_struct_ref.db_name 
_struct_ref.db_code 
_struct_ref.entity_id 
_struct_ref.pdbx_db_accession 
_struct_ref.pdbx_align_begin 
_struct_ref.pdbx_seq_one_letter_code 
_struct_ref.pdbx_db_isoform 
1 UNP THIO_HUMAN  1 P10599 1 
;VKQIESKTAFQEALDAAGDKLVVVDFSATWCGPCKMIKPFFHSLSEKYSNVIFLEVDVDDCQDVASECEVKCMPTFQFFK
KGQKVGEFSGANKEKLEATINELV
;
? 
2 UNP APEX1_HUMAN 2 P27695 1 
;PKRGKKGAVAEDGDELRTEPEAKKSKTAAKKNDKEAAGEGPALYEDPPDQKTSPSGKPATLKICSWNVDGLRAWIKKKGL
DWVKEEAPDILCLQETKCSENKLPAELQELPGLSHQYWSAPSDKEGYSGVGLLSRQCPLKVSYGIGDEEHDQEGRVIVAE
FDSFVLVTAYVPNAGRGLVRLEYRQRWDEAFRKFLKGLASRKPLVLCGDLNVAHEEIDLRNPKGNKKNAGFTPQERQGFG
ELLQAVPLADSFRHLYPNTPYAYTFWTYMMNARSKNVGWRLDYFLLSHSLLPALCDSKIRSKALGSDHCPITLYLAL
;
? 
# 
loop_
_struct_ref_seq.align_id 
_struct_ref_seq.ref_id 
_struct_ref_seq.pdbx_PDB_id_code 
_struct_ref_seq.pdbx_strand_id 
_struct_ref_seq.seq_align_beg 
_struct_ref_seq.pdbx_seq_align_beg_ins_code 
_struct_ref_seq.seq_align_end 
_struct_ref_seq.pdbx_seq_align_end_ins_code 
_struct_ref_seq.pdbx_db_accession 
_struct_ref_seq.db_align_beg 
_struct_ref_seq.pdbx_db_align_beg_ins_code 
_struct_ref_seq.db_align_end 
_struct_ref_seq.pdbx_db_align_end_ins_code 
_struct_ref_seq.pdbx_auth_seq_align_beg 
_struct_ref_seq.pdbx_auth_seq_align_end 
1 1 1CQH A 2 ? 105 ? P10599 1  ? 104 ? 2  105 
2 2 1CQH B 1 ? 13  ? P27695 58 ? 70  ? 59 71  
# 
loop_
_struct_ref_seq_dif.align_id 
_struct_ref_seq_dif.pdbx_pdb_id_code 
_struct_ref_seq_dif.mon_id 
_struct_ref_seq_dif.pdbx_pdb_strand_id 
_struct_ref_seq_dif.seq_num 
_struct_ref_seq_dif.pdbx_pdb_ins_code 
_struct_ref_seq_dif.pdbx_seq_db_name 
_struct_ref_seq_dif.pdbx_seq_db_accession_code 
_struct_ref_seq_dif.db_mon_id 
_struct_ref_seq_dif.pdbx_seq_db_seq_num 
_struct_ref_seq_dif.details 
_struct_ref_seq_dif.pdbx_auth_seq_num 
_struct_ref_seq_dif.pdbx_ordinal 
1 1CQH ALA A 35 ? UNP P10599 CYS 34 'engineered mutation' 35 1 
1 1CQH ALA A 62 ? UNP P10599 CYS 61 'engineered mutation' 62 2 
1 1CQH ALA A 69 ? UNP P10599 CYS 68 'engineered mutation' 69 3 
1 1CQH ALA A 73 ? UNP P10599 CYS 72 'engineered mutation' 73 4 
1 1CQH THR A 74 ? UNP P10599 MET 73 conflict              74 5 
# 
_pdbx_struct_assembly.id                   1 
_pdbx_struct_assembly.details              author_defined_assembly 
_pdbx_struct_assembly.method_details       ? 
_pdbx_struct_assembly.oligomeric_details   dimeric 
_pdbx_struct_assembly.oligomeric_count     2 
# 
_pdbx_struct_assembly_gen.assembly_id       1 
_pdbx_struct_assembly_gen.oper_expression   1 
_pdbx_struct_assembly_gen.asym_id_list      A,B 
# 
_pdbx_struct_oper_list.id                   1 
_pdbx_struct_oper_list.type                 'identity operation' 
_pdbx_struct_oper_list.name                 1_555 
_pdbx_struct_oper_list.symmetry_operation   ? 
_pdbx_struct_oper_list.matrix[1][1]         1.0000000000 
_pdbx_struct_oper_list.matrix[1][2]         0.0000000000 
_pdbx_struct_oper_list.matrix[1][3]         0.0000000000 
_pdbx_struct_oper_list.vector[1]            0.0000000000 
_pdbx_struct_oper_list.matrix[2][1]         0.0000000000 
_pdbx_struct_oper_list.matrix[2][2]         1.0000000000 
_pdbx_struct_oper_list.matrix[2][3]         0.0000000000 
_pdbx_struct_oper_list.vector[2]            0.0000000000 
_pdbx_struct_oper_list.matrix[3][1]         0.0000000000 
_pdbx_struct_oper_list.matrix[3][2]         0.0000000000 
_pdbx_struct_oper_list.matrix[3][3]         1.0000000000 
_pdbx_struct_oper_list.vector[3]            0.0000000000 
# 
loop_
_struct_conf.conf_type_id 
_struct_conf.id 
_struct_conf.pdbx_PDB_helix_id 
_struct_conf.beg_label_comp_id 
_struct_conf.beg_label_asym_id 
_struct_conf.beg_label_seq_id 
_struct_conf.pdbx_beg_PDB_ins_code 
_struct_conf.end_label_comp_id 
_struct_conf.end_label_asym_id 
_struct_conf.end_label_seq_id 
_struct_conf.pdbx_end_PDB_ins_code 
_struct_conf.beg_auth_comp_id 
_struct_conf.beg_auth_asym_id 
_struct_conf.beg_auth_seq_id 
_struct_conf.end_auth_comp_id 
_struct_conf.end_auth_asym_id 
_struct_conf.end_auth_seq_id 
_struct_conf.pdbx_PDB_helix_class 
_struct_conf.details 
_struct_conf.pdbx_PDB_helix_length 
HELX_P HELX_P1 1 LYS A 8  ? ALA A 17  ? LYS A 8  ALA A 17  1 ? 10 
HELX_P HELX_P2 2 GLY A 33 ? PHE A 42  ? GLY A 33 PHE A 42  1 ? 10 
HELX_P HELX_P3 3 SER A 44 ? LYS A 48  ? SER A 44 LYS A 48  5 ? 5  
HELX_P HELX_P4 4 GLN A 63 ? ALA A 69  ? GLN A 63 ALA A 69  1 ? 7  
HELX_P HELX_P5 5 LYS A 94 ? LEU A 104 ? LYS A 94 LEU A 104 1 ? 11 
# 
_struct_conf_type.id          HELX_P 
_struct_conf_type.criteria    ? 
_struct_conf_type.reference   ? 
# 
_struct_conn.id                            disulf1 
_struct_conn.conn_type_id                  disulf 
_struct_conn.pdbx_leaving_atom_flag        ? 
_struct_conn.pdbx_PDB_id                   ? 
_struct_conn.ptnr1_label_asym_id           A 
_struct_conn.ptnr1_label_comp_id           CYS 
_struct_conn.ptnr1_label_seq_id            32 
_struct_conn.ptnr1_label_atom_id           SG 
_struct_conn.pdbx_ptnr1_label_alt_id       ? 
_struct_conn.pdbx_ptnr1_PDB_ins_code       ? 
_struct_conn.pdbx_ptnr1_standard_comp_id   ? 
_struct_conn.ptnr1_symmetry                1_555 
_struct_conn.ptnr2_label_asym_id           B 
_struct_conn.ptnr2_label_comp_id           CYS 
_struct_conn.ptnr2_label_seq_id            7 
_struct_conn.ptnr2_label_atom_id           SG 
_struct_conn.pdbx_ptnr2_label_alt_id       ? 
_struct_conn.pdbx_ptnr2_PDB_ins_code       ? 
_struct_conn.ptnr1_auth_asym_id            A 
_struct_conn.ptnr1_auth_comp_id            CYS 
_struct_conn.ptnr1_auth_seq_id             32 
_struct_conn.ptnr2_auth_asym_id            B 
_struct_conn.ptnr2_auth_comp_id            CYS 
_struct_conn.ptnr2_auth_seq_id             65 
_struct_conn.ptnr2_symmetry                1_555 
_struct_conn.pdbx_ptnr3_label_atom_id      ? 
_struct_conn.pdbx_ptnr3_label_seq_id       ? 
_struct_conn.pdbx_ptnr3_label_comp_id      ? 
_struct_conn.pdbx_ptnr3_label_asym_id      ? 
_struct_conn.pdbx_ptnr3_label_alt_id       ? 
_struct_conn.pdbx_ptnr3_PDB_ins_code       ? 
_struct_conn.details                       ? 
_struct_conn.pdbx_dist_value               2.027 
_struct_conn.pdbx_value_order              ? 
_struct_conn.pdbx_role                     ? 
# 
_struct_conn_type.id          disulf 
_struct_conn_type.criteria    ? 
_struct_conn_type.reference   ? 
# 
_pdbx_modification_feature.ordinal                            1 
_pdbx_modification_feature.label_comp_id                      CYS 
_pdbx_modification_feature.label_asym_id                      A 
_pdbx_modification_feature.label_seq_id                       32 
_pdbx_modification_feature.label_alt_id                       ? 
_pdbx_modification_feature.modified_residue_label_comp_id     CYS 
_pdbx_modification_feature.modified_residue_label_asym_id     B 
_pdbx_modification_feature.modified_residue_label_seq_id      7 
_pdbx_modification_feature.modified_residue_label_alt_id      ? 
_pdbx_modification_feature.auth_comp_id                       CYS 
_pdbx_modification_feature.auth_asym_id                       A 
_pdbx_modification_feature.auth_seq_id                        32 
_pdbx_modification_feature.PDB_ins_code                       ? 
_pdbx_modification_feature.symmetry                           1_555 
_pdbx_modification_feature.modified_residue_auth_comp_id      CYS 
_pdbx_modification_feature.modified_residue_auth_asym_id      B 
_pdbx_modification_feature.modified_residue_auth_seq_id       65 
_pdbx_modification_feature.modified_residue_PDB_ins_code      ? 
_pdbx_modification_feature.modified_residue_symmetry          1_555 
_pdbx_modification_feature.comp_id_linking_atom               SG 
_pdbx_modification_feature.modified_residue_id_linking_atom   SG 
_pdbx_modification_feature.modified_residue_id                . 
_pdbx_modification_feature.ref_pcm_id                         . 
_pdbx_modification_feature.ref_comp_id                        . 
_pdbx_modification_feature.type                               None 
_pdbx_modification_feature.category                           'Disulfide bridge' 
# 
_struct_mon_prot_cis.pdbx_id                1 
_struct_mon_prot_cis.label_comp_id          THR 
_struct_mon_prot_cis.label_seq_id           74 
_struct_mon_prot_cis.label_asym_id          A 
_struct_mon_prot_cis.label_alt_id           . 
_struct_mon_prot_cis.pdbx_PDB_ins_code      ? 
_struct_mon_prot_cis.auth_comp_id           THR 
_struct_mon_prot_cis.auth_seq_id            74 
_struct_mon_prot_cis.auth_asym_id           A 
_struct_mon_prot_cis.pdbx_label_comp_id_2   PRO 
_struct_mon_prot_cis.pdbx_label_seq_id_2    75 
_struct_mon_prot_cis.pdbx_label_asym_id_2   A 
_struct_mon_prot_cis.pdbx_PDB_ins_code_2    ? 
_struct_mon_prot_cis.pdbx_auth_comp_id_2    PRO 
_struct_mon_prot_cis.pdbx_auth_seq_id_2     75 
_struct_mon_prot_cis.pdbx_auth_asym_id_2    A 
_struct_mon_prot_cis.pdbx_PDB_model_num     1 
_struct_mon_prot_cis.pdbx_omega_angle       -2.71 
# 
_struct_sheet.id               A 
_struct_sheet.type             ? 
_struct_sheet.number_strands   5 
_struct_sheet.details          ? 
# 
loop_
_struct_sheet_order.sheet_id 
_struct_sheet_order.range_id_1 
_struct_sheet_order.range_id_2 
_struct_sheet_order.offset 
_struct_sheet_order.sense 
A 1 2 ? parallel      
A 2 3 ? parallel      
A 3 4 ? anti-parallel 
A 4 5 ? anti-parallel 
# 
loop_
_struct_sheet_range.sheet_id 
_struct_sheet_range.id 
_struct_sheet_range.beg_label_comp_id 
_struct_sheet_range.beg_label_asym_id 
_struct_sheet_range.beg_label_seq_id 
_struct_sheet_range.pdbx_beg_PDB_ins_code 
_struct_sheet_range.end_label_comp_id 
_struct_sheet_range.end_label_asym_id 
_struct_sheet_range.end_label_seq_id 
_struct_sheet_range.pdbx_end_PDB_ins_code 
_struct_sheet_range.beg_auth_comp_id 
_struct_sheet_range.beg_auth_asym_id 
_struct_sheet_range.beg_auth_seq_id 
_struct_sheet_range.end_auth_comp_id 
_struct_sheet_range.end_auth_asym_id 
_struct_sheet_range.end_auth_seq_id 
A 1 VAL A 2  ? ILE A 5  ? VAL A 2  ILE A 5  
A 2 ILE A 53 ? VAL A 57 ? ILE A 53 VAL A 57 
A 3 VAL A 23 ? PHE A 27 ? VAL A 23 PHE A 27 
A 4 THR A 76 ? LYS A 81 ? THR A 76 LYS A 81 
A 5 GLN A 84 ? SER A 90 ? GLN A 84 SER A 90 
# 
loop_
_pdbx_struct_sheet_hbond.sheet_id 
_pdbx_struct_sheet_hbond.range_id_1 
_pdbx_struct_sheet_hbond.range_id_2 
_pdbx_struct_sheet_hbond.range_1_label_atom_id 
_pdbx_struct_sheet_hbond.range_1_label_comp_id 
_pdbx_struct_sheet_hbond.range_1_label_asym_id 
_pdbx_struct_sheet_hbond.range_1_label_seq_id 
_pdbx_struct_sheet_hbond.range_1_PDB_ins_code 
_pdbx_struct_sheet_hbond.range_1_auth_atom_id 
_pdbx_struct_sheet_hbond.range_1_auth_comp_id 
_pdbx_struct_sheet_hbond.range_1_auth_asym_id 
_pdbx_struct_sheet_hbond.range_1_auth_seq_id 
_pdbx_struct_sheet_hbond.range_2_label_atom_id 
_pdbx_struct_sheet_hbond.range_2_label_comp_id 
_pdbx_struct_sheet_hbond.range_2_label_asym_id 
_pdbx_struct_sheet_hbond.range_2_label_seq_id 
_pdbx_struct_sheet_hbond.range_2_PDB_ins_code 
_pdbx_struct_sheet_hbond.range_2_auth_atom_id 
_pdbx_struct_sheet_hbond.range_2_auth_comp_id 
_pdbx_struct_sheet_hbond.range_2_auth_asym_id 
_pdbx_struct_sheet_hbond.range_2_auth_seq_id 
A 1 2 O LYS A 3  ? O LYS A 3  N PHE A 54 ? N PHE A 54 
A 2 3 O ILE A 53 ? O ILE A 53 N VAL A 24 ? N VAL A 24 
A 3 4 O VAL A 23 ? O VAL A 23 N PHE A 80 ? N PHE A 80 
A 4 5 O PHE A 77 ? O PHE A 77 N PHE A 89 ? N PHE A 89 
# 
_pdbx_entry_details.entry_id                   1CQH 
_pdbx_entry_details.compound_details           ? 
_pdbx_entry_details.source_details             ? 
_pdbx_entry_details.nonpolymer_details         ? 
_pdbx_entry_details.sequence_details           
;THR AT POSITION 74 WAS FOUND BY WOLMAN ET AL., JOURNAL OF
BIOCHEMISTRY 263, 15506 (1988).
;
_pdbx_entry_details.has_ligand_of_interest     ? 
_pdbx_entry_details.has_protein_modification   Y 
# 
_pdbx_validate_torsion.id              1 
_pdbx_validate_torsion.PDB_model_num   1 
_pdbx_validate_torsion.auth_comp_id    PHE 
_pdbx_validate_torsion.auth_asym_id    A 
_pdbx_validate_torsion.auth_seq_id     27 
_pdbx_validate_torsion.PDB_ins_code    ? 
_pdbx_validate_torsion.label_alt_id    ? 
_pdbx_validate_torsion.phi             -97.61 
_pdbx_validate_torsion.psi             30.03 
# 
_pdbx_nmr_ensemble.entry_id                             1CQH 
_pdbx_nmr_ensemble.conformers_calculated_total_number   ? 
_pdbx_nmr_ensemble.conformers_submitted_total_number    1 
_pdbx_nmr_ensemble.conformer_selection_criteria         ? 
# 
_pdbx_nmr_refine.entry_id           1CQH 
_pdbx_nmr_refine.method             ? 
_pdbx_nmr_refine.details            
;THE STRUCTURES ARE CALCULATED USING THE HYBRID METRIC
 MATRIX DISTANCE GEOMETRY-DYNAMICAL SIMULATED ANNEALING
 METHOD DESCRIBED BY:  NILGES, M., CLORE, G.M. &
 GRONENBORN, A.M. (1988) FEBS LETT 229, 317 - 324.
 MODIFIED TO INCORPORATE COUPLING CONSTANT (GARRETT ET AL.
 (1994) J. MAGN. RESON SERIES B 104 99 - 103), CARBON
 CHEMICAL SHIFT (KUSZEWSKI ET AL. (1995) J. MAGN. RESON.
 SERIES B 106, 92 - 96), AND PROTON CHEMICAL SHIFT
 (KUSZEWSKI ET AL. (1995) J. MAGN. RESON SERIES B 107,
 293 - 297) RESTRAINTS, AND A CONFORMATIONAL DATABASE
 POTENTIAL TERM (KUSZEWSKI, GRONENBORN & CLORE (1996)
 PROTEIN SCIENCE IN PRESS).  ALL STRUCTURAL STATISTICS ARE
 GIVEN IN THE REFERENCE.

 THE 3D STRUCTURE OF THE HUMAN THIOREDOXIN-NFKB PEPTIDE
 COMPLEX IN SOLUTION BY NMR IS BASED ON 3213 EXPERIMENTAL
 RESTRAINTS COMPRISING:
  2581 STRUCTURE USEFUL INTERPROTON DISTANCE RESTRAINTS
    36 RESTRAINTS FOR 18 BACKBONE H-BONDS
   321 TORSION ANGLE RESTRAINTS (104 PHI, 76 PSI, 78 CHI1,
       AND 30 CHI2 FOR HUMAN THIOREDOXIN, AND 11 PHI,
       9 PSI, 9 CHI1, AND 4 CHI2 ANGLES FOR THE REF-1
       PEPTIDE
    86 HN-HALPHA THREE-BOND COUPLING CONSTANTS
   100 13CALPHA AND 97 13CB CHEMICAL SHIFT RESTRAINTS.
   442 1H CHEMICAL SHIFT RESTRAINTS (MADE UP OF 113 CAH,
       67 METHYL GROUPS AND 262 OTHER NON-EXCHANGEABLE
       PROTONS).
 THE BREAKDOWN OF THE INTERPROTON DISTANCE RESTRAINTS IS AS
 FOLLOWS:
  INTRAMOLECULAR HTRX RESTRAINTS:
    534 SEQUENTIAL
    539 SHORT RANGE (1 < |I-J|<=5)
    688 LONG RANGE (|I-J|>5)
    682 INTRARESIDUE
  INTRAMOLECULAR PEPTIDE RESTRAINTS: 83
  INTERMOLECULAR HTRX-NFKB:  55

THE STRUCTURE FOUND IN THIS ENTRY IS THE RESTRAINED
MINIMIZED AVERAGE STRUCTURE: (SA)R.  THIS IS OBTAINED BY
FIRST AVERAGING THE COORDINATES OF THE INDIVIDUAL 35
DYNAMICAL SIMULATED ANNEALING SA STRUCTURES BEST FITTED TO
RESIDUES 1 - 105 OF HTRX AND RESIDUES 57 - 67 OF THE
PEPTIDE AND SUBJECTING THE RESULTING COORDINATES TO
RESTRAINED MINIMIZATION.  THE LAST NUMBER COLUMN IN THIS
SET OF COORDINATES (THE B-FACTOR COLUMN IN X-RAY
STRUCTURES) GIVES THE AVERAGE RMS DIFFERENCE BETWEEN THE
INDIVIDUAL SA STRUCTURES AND THE MEAN STRUCTURE.
;
_pdbx_nmr_refine.software_ordinal   1 
# 
loop_
_chem_comp_atom.comp_id 
_chem_comp_atom.atom_id 
_chem_comp_atom.type_symbol 
_chem_comp_atom.pdbx_aromatic_flag 
_chem_comp_atom.pdbx_stereo_config 
_chem_comp_atom.pdbx_ordinal 
ALA N    N N N 1   
ALA CA   C N S 2   
ALA C    C N N 3   
ALA O    O N N 4   
ALA CB   C N N 5   
ALA OXT  O N N 6   
ALA H    H N N 7   
ALA H2   H N N 8   
ALA HA   H N N 9   
ALA HB1  H N N 10  
ALA HB2  H N N 11  
ALA HB3  H N N 12  
ALA HXT  H N N 13  
ASN N    N N N 14  
ASN CA   C N S 15  
ASN C    C N N 16  
ASN O    O N N 17  
ASN CB   C N N 18  
ASN CG   C N N 19  
ASN OD1  O N N 20  
ASN ND2  N N N 21  
ASN OXT  O N N 22  
ASN H    H N N 23  
ASN H2   H N N 24  
ASN HA   H N N 25  
ASN HB2  H N N 26  
ASN HB3  H N N 27  
ASN HD21 H N N 28  
ASN HD22 H N N 29  
ASN HXT  H N N 30  
ASP N    N N N 31  
ASP CA   C N S 32  
ASP C    C N N 33  
ASP O    O N N 34  
ASP CB   C N N 35  
ASP CG   C N N 36  
ASP OD1  O N N 37  
ASP OD2  O N N 38  
ASP OXT  O N N 39  
ASP H    H N N 40  
ASP H2   H N N 41  
ASP HA   H N N 42  
ASP HB2  H N N 43  
ASP HB3  H N N 44  
ASP HD2  H N N 45  
ASP HXT  H N N 46  
CYS N    N N N 47  
CYS CA   C N R 48  
CYS C    C N N 49  
CYS O    O N N 50  
CYS CB   C N N 51  
CYS SG   S N N 52  
CYS OXT  O N N 53  
CYS H    H N N 54  
CYS H2   H N N 55  
CYS HA   H N N 56  
CYS HB2  H N N 57  
CYS HB3  H N N 58  
CYS HG   H N N 59  
CYS HXT  H N N 60  
GLN N    N N N 61  
GLN CA   C N S 62  
GLN C    C N N 63  
GLN O    O N N 64  
GLN CB   C N N 65  
GLN CG   C N N 66  
GLN CD   C N N 67  
GLN OE1  O N N 68  
GLN NE2  N N N 69  
GLN OXT  O N N 70  
GLN H    H N N 71  
GLN H2   H N N 72  
GLN HA   H N N 73  
GLN HB2  H N N 74  
GLN HB3  H N N 75  
GLN HG2  H N N 76  
GLN HG3  H N N 77  
GLN HE21 H N N 78  
GLN HE22 H N N 79  
GLN HXT  H N N 80  
GLU N    N N N 81  
GLU CA   C N S 82  
GLU C    C N N 83  
GLU O    O N N 84  
GLU CB   C N N 85  
GLU CG   C N N 86  
GLU CD   C N N 87  
GLU OE1  O N N 88  
GLU OE2  O N N 89  
GLU OXT  O N N 90  
GLU H    H N N 91  
GLU H2   H N N 92  
GLU HA   H N N 93  
GLU HB2  H N N 94  
GLU HB3  H N N 95  
GLU HG2  H N N 96  
GLU HG3  H N N 97  
GLU HE2  H N N 98  
GLU HXT  H N N 99  
GLY N    N N N 100 
GLY CA   C N N 101 
GLY C    C N N 102 
GLY O    O N N 103 
GLY OXT  O N N 104 
GLY H    H N N 105 
GLY H2   H N N 106 
GLY HA2  H N N 107 
GLY HA3  H N N 108 
GLY HXT  H N N 109 
HIS N    N N N 110 
HIS CA   C N S 111 
HIS C    C N N 112 
HIS O    O N N 113 
HIS CB   C N N 114 
HIS CG   C Y N 115 
HIS ND1  N Y N 116 
HIS CD2  C Y N 117 
HIS CE1  C Y N 118 
HIS NE2  N Y N 119 
HIS OXT  O N N 120 
HIS H    H N N 121 
HIS H2   H N N 122 
HIS HA   H N N 123 
HIS HB2  H N N 124 
HIS HB3  H N N 125 
HIS HD1  H N N 126 
HIS HD2  H N N 127 
HIS HE1  H N N 128 
HIS HE2  H N N 129 
HIS HXT  H N N 130 
ILE N    N N N 131 
ILE CA   C N S 132 
ILE C    C N N 133 
ILE O    O N N 134 
ILE CB   C N S 135 
ILE CG1  C N N 136 
ILE CG2  C N N 137 
ILE CD1  C N N 138 
ILE OXT  O N N 139 
ILE H    H N N 140 
ILE H2   H N N 141 
ILE HA   H N N 142 
ILE HB   H N N 143 
ILE HG12 H N N 144 
ILE HG13 H N N 145 
ILE HG21 H N N 146 
ILE HG22 H N N 147 
ILE HG23 H N N 148 
ILE HD11 H N N 149 
ILE HD12 H N N 150 
ILE HD13 H N N 151 
ILE HXT  H N N 152 
LEU N    N N N 153 
LEU CA   C N S 154 
LEU C    C N N 155 
LEU O    O N N 156 
LEU CB   C N N 157 
LEU CG   C N N 158 
LEU CD1  C N N 159 
LEU CD2  C N N 160 
LEU OXT  O N N 161 
LEU H    H N N 162 
LEU H2   H N N 163 
LEU HA   H N N 164 
LEU HB2  H N N 165 
LEU HB3  H N N 166 
LEU HG   H N N 167 
LEU HD11 H N N 168 
LEU HD12 H N N 169 
LEU HD13 H N N 170 
LEU HD21 H N N 171 
LEU HD22 H N N 172 
LEU HD23 H N N 173 
LEU HXT  H N N 174 
LYS N    N N N 175 
LYS CA   C N S 176 
LYS C    C N N 177 
LYS O    O N N 178 
LYS CB   C N N 179 
LYS CG   C N N 180 
LYS CD   C N N 181 
LYS CE   C N N 182 
LYS NZ   N N N 183 
LYS OXT  O N N 184 
LYS H    H N N 185 
LYS H2   H N N 186 
LYS HA   H N N 187 
LYS HB2  H N N 188 
LYS HB3  H N N 189 
LYS HG2  H N N 190 
LYS HG3  H N N 191 
LYS HD2  H N N 192 
LYS HD3  H N N 193 
LYS HE2  H N N 194 
LYS HE3  H N N 195 
LYS HZ1  H N N 196 
LYS HZ2  H N N 197 
LYS HZ3  H N N 198 
LYS HXT  H N N 199 
MET N    N N N 200 
MET CA   C N S 201 
MET C    C N N 202 
MET O    O N N 203 
MET CB   C N N 204 
MET CG   C N N 205 
MET SD   S N N 206 
MET CE   C N N 207 
MET OXT  O N N 208 
MET H    H N N 209 
MET H2   H N N 210 
MET HA   H N N 211 
MET HB2  H N N 212 
MET HB3  H N N 213 
MET HG2  H N N 214 
MET HG3  H N N 215 
MET HE1  H N N 216 
MET HE2  H N N 217 
MET HE3  H N N 218 
MET HXT  H N N 219 
PHE N    N N N 220 
PHE CA   C N S 221 
PHE C    C N N 222 
PHE O    O N N 223 
PHE CB   C N N 224 
PHE CG   C Y N 225 
PHE CD1  C Y N 226 
PHE CD2  C Y N 227 
PHE CE1  C Y N 228 
PHE CE2  C Y N 229 
PHE CZ   C Y N 230 
PHE OXT  O N N 231 
PHE H    H N N 232 
PHE H2   H N N 233 
PHE HA   H N N 234 
PHE HB2  H N N 235 
PHE HB3  H N N 236 
PHE HD1  H N N 237 
PHE HD2  H N N 238 
PHE HE1  H N N 239 
PHE HE2  H N N 240 
PHE HZ   H N N 241 
PHE HXT  H N N 242 
PRO N    N N N 243 
PRO CA   C N S 244 
PRO C    C N N 245 
PRO O    O N N 246 
PRO CB   C N N 247 
PRO CG   C N N 248 
PRO CD   C N N 249 
PRO OXT  O N N 250 
PRO H    H N N 251 
PRO HA   H N N 252 
PRO HB2  H N N 253 
PRO HB3  H N N 254 
PRO HG2  H N N 255 
PRO HG3  H N N 256 
PRO HD2  H N N 257 
PRO HD3  H N N 258 
PRO HXT  H N N 259 
SER N    N N N 260 
SER CA   C N S 261 
SER C    C N N 262 
SER O    O N N 263 
SER CB   C N N 264 
SER OG   O N N 265 
SER OXT  O N N 266 
SER H    H N N 267 
SER H2   H N N 268 
SER HA   H N N 269 
SER HB2  H N N 270 
SER HB3  H N N 271 
SER HG   H N N 272 
SER HXT  H N N 273 
THR N    N N N 274 
THR CA   C N S 275 
THR C    C N N 276 
THR O    O N N 277 
THR CB   C N R 278 
THR OG1  O N N 279 
THR CG2  C N N 280 
THR OXT  O N N 281 
THR H    H N N 282 
THR H2   H N N 283 
THR HA   H N N 284 
THR HB   H N N 285 
THR HG1  H N N 286 
THR HG21 H N N 287 
THR HG22 H N N 288 
THR HG23 H N N 289 
THR HXT  H N N 290 
TRP N    N N N 291 
TRP CA   C N S 292 
TRP C    C N N 293 
TRP O    O N N 294 
TRP CB   C N N 295 
TRP CG   C Y N 296 
TRP CD1  C Y N 297 
TRP CD2  C Y N 298 
TRP NE1  N Y N 299 
TRP CE2  C Y N 300 
TRP CE3  C Y N 301 
TRP CZ2  C Y N 302 
TRP CZ3  C Y N 303 
TRP CH2  C Y N 304 
TRP OXT  O N N 305 
TRP H    H N N 306 
TRP H2   H N N 307 
TRP HA   H N N 308 
TRP HB2  H N N 309 
TRP HB3  H N N 310 
TRP HD1  H N N 311 
TRP HE1  H N N 312 
TRP HE3  H N N 313 
TRP HZ2  H N N 314 
TRP HZ3  H N N 315 
TRP HH2  H N N 316 
TRP HXT  H N N 317 
TYR N    N N N 318 
TYR CA   C N S 319 
TYR C    C N N 320 
TYR O    O N N 321 
TYR CB   C N N 322 
TYR CG   C Y N 323 
TYR CD1  C Y N 324 
TYR CD2  C Y N 325 
TYR CE1  C Y N 326 
TYR CE2  C Y N 327 
TYR CZ   C Y N 328 
TYR OH   O N N 329 
TYR OXT  O N N 330 
TYR H    H N N 331 
TYR H2   H N N 332 
TYR HA   H N N 333 
TYR HB2  H N N 334 
TYR HB3  H N N 335 
TYR HD1  H N N 336 
TYR HD2  H N N 337 
TYR HE1  H N N 338 
TYR HE2  H N N 339 
TYR HH   H N N 340 
TYR HXT  H N N 341 
VAL N    N N N 342 
VAL CA   C N S 343 
VAL C    C N N 344 
VAL O    O N N 345 
VAL CB   C N N 346 
VAL CG1  C N N 347 
VAL CG2  C N N 348 
VAL OXT  O N N 349 
VAL H    H N N 350 
VAL H2   H N N 351 
VAL HA   H N N 352 
VAL HB   H N N 353 
VAL HG11 H N N 354 
VAL HG12 H N N 355 
VAL HG13 H N N 356 
VAL HG21 H N N 357 
VAL HG22 H N N 358 
VAL HG23 H N N 359 
VAL HXT  H N N 360 
# 
loop_
_chem_comp_bond.comp_id 
_chem_comp_bond.atom_id_1 
_chem_comp_bond.atom_id_2 
_chem_comp_bond.value_order 
_chem_comp_bond.pdbx_aromatic_flag 
_chem_comp_bond.pdbx_stereo_config 
_chem_comp_bond.pdbx_ordinal 
ALA N   CA   sing N N 1   
ALA N   H    sing N N 2   
ALA N   H2   sing N N 3   
ALA CA  C    sing N N 4   
ALA CA  CB   sing N N 5   
ALA CA  HA   sing N N 6   
ALA C   O    doub N N 7   
ALA C   OXT  sing N N 8   
ALA CB  HB1  sing N N 9   
ALA CB  HB2  sing N N 10  
ALA CB  HB3  sing N N 11  
ALA OXT HXT  sing N N 12  
ASN N   CA   sing N N 13  
ASN N   H    sing N N 14  
ASN N   H2   sing N N 15  
ASN CA  C    sing N N 16  
ASN CA  CB   sing N N 17  
ASN CA  HA   sing N N 18  
ASN C   O    doub N N 19  
ASN C   OXT  sing N N 20  
ASN CB  CG   sing N N 21  
ASN CB  HB2  sing N N 22  
ASN CB  HB3  sing N N 23  
ASN CG  OD1  doub N N 24  
ASN CG  ND2  sing N N 25  
ASN ND2 HD21 sing N N 26  
ASN ND2 HD22 sing N N 27  
ASN OXT HXT  sing N N 28  
ASP N   CA   sing N N 29  
ASP N   H    sing N N 30  
ASP N   H2   sing N N 31  
ASP CA  C    sing N N 32  
ASP CA  CB   sing N N 33  
ASP CA  HA   sing N N 34  
ASP C   O    doub N N 35  
ASP C   OXT  sing N N 36  
ASP CB  CG   sing N N 37  
ASP CB  HB2  sing N N 38  
ASP CB  HB3  sing N N 39  
ASP CG  OD1  doub N N 40  
ASP CG  OD2  sing N N 41  
ASP OD2 HD2  sing N N 42  
ASP OXT HXT  sing N N 43  
CYS N   CA   sing N N 44  
CYS N   H    sing N N 45  
CYS N   H2   sing N N 46  
CYS CA  C    sing N N 47  
CYS CA  CB   sing N N 48  
CYS CA  HA   sing N N 49  
CYS C   O    doub N N 50  
CYS C   OXT  sing N N 51  
CYS CB  SG   sing N N 52  
CYS CB  HB2  sing N N 53  
CYS CB  HB3  sing N N 54  
CYS SG  HG   sing N N 55  
CYS OXT HXT  sing N N 56  
GLN N   CA   sing N N 57  
GLN N   H    sing N N 58  
GLN N   H2   sing N N 59  
GLN CA  C    sing N N 60  
GLN CA  CB   sing N N 61  
GLN CA  HA   sing N N 62  
GLN C   O    doub N N 63  
GLN C   OXT  sing N N 64  
GLN CB  CG   sing N N 65  
GLN CB  HB2  sing N N 66  
GLN CB  HB3  sing N N 67  
GLN CG  CD   sing N N 68  
GLN CG  HG2  sing N N 69  
GLN CG  HG3  sing N N 70  
GLN CD  OE1  doub N N 71  
GLN CD  NE2  sing N N 72  
GLN NE2 HE21 sing N N 73  
GLN NE2 HE22 sing N N 74  
GLN OXT HXT  sing N N 75  
GLU N   CA   sing N N 76  
GLU N   H    sing N N 77  
GLU N   H2   sing N N 78  
GLU CA  C    sing N N 79  
GLU CA  CB   sing N N 80  
GLU CA  HA   sing N N 81  
GLU C   O    doub N N 82  
GLU C   OXT  sing N N 83  
GLU CB  CG   sing N N 84  
GLU CB  HB2  sing N N 85  
GLU CB  HB3  sing N N 86  
GLU CG  CD   sing N N 87  
GLU CG  HG2  sing N N 88  
GLU CG  HG3  sing N N 89  
GLU CD  OE1  doub N N 90  
GLU CD  OE2  sing N N 91  
GLU OE2 HE2  sing N N 92  
GLU OXT HXT  sing N N 93  
GLY N   CA   sing N N 94  
GLY N   H    sing N N 95  
GLY N   H2   sing N N 96  
GLY CA  C    sing N N 97  
GLY CA  HA2  sing N N 98  
GLY CA  HA3  sing N N 99  
GLY C   O    doub N N 100 
GLY C   OXT  sing N N 101 
GLY OXT HXT  sing N N 102 
HIS N   CA   sing N N 103 
HIS N   H    sing N N 104 
HIS N   H2   sing N N 105 
HIS CA  C    sing N N 106 
HIS CA  CB   sing N N 107 
HIS CA  HA   sing N N 108 
HIS C   O    doub N N 109 
HIS C   OXT  sing N N 110 
HIS CB  CG   sing N N 111 
HIS CB  HB2  sing N N 112 
HIS CB  HB3  sing N N 113 
HIS CG  ND1  sing Y N 114 
HIS CG  CD2  doub Y N 115 
HIS ND1 CE1  doub Y N 116 
HIS ND1 HD1  sing N N 117 
HIS CD2 NE2  sing Y N 118 
HIS CD2 HD2  sing N N 119 
HIS CE1 NE2  sing Y N 120 
HIS CE1 HE1  sing N N 121 
HIS NE2 HE2  sing N N 122 
HIS OXT HXT  sing N N 123 
ILE N   CA   sing N N 124 
ILE N   H    sing N N 125 
ILE N   H2   sing N N 126 
ILE CA  C    sing N N 127 
ILE CA  CB   sing N N 128 
ILE CA  HA   sing N N 129 
ILE C   O    doub N N 130 
ILE C   OXT  sing N N 131 
ILE CB  CG1  sing N N 132 
ILE CB  CG2  sing N N 133 
ILE CB  HB   sing N N 134 
ILE CG1 CD1  sing N N 135 
ILE CG1 HG12 sing N N 136 
ILE CG1 HG13 sing N N 137 
ILE CG2 HG21 sing N N 138 
ILE CG2 HG22 sing N N 139 
ILE CG2 HG23 sing N N 140 
ILE CD1 HD11 sing N N 141 
ILE CD1 HD12 sing N N 142 
ILE CD1 HD13 sing N N 143 
ILE OXT HXT  sing N N 144 
LEU N   CA   sing N N 145 
LEU N   H    sing N N 146 
LEU N   H2   sing N N 147 
LEU CA  C    sing N N 148 
LEU CA  CB   sing N N 149 
LEU CA  HA   sing N N 150 
LEU C   O    doub N N 151 
LEU C   OXT  sing N N 152 
LEU CB  CG   sing N N 153 
LEU CB  HB2  sing N N 154 
LEU CB  HB3  sing N N 155 
LEU CG  CD1  sing N N 156 
LEU CG  CD2  sing N N 157 
LEU CG  HG   sing N N 158 
LEU CD1 HD11 sing N N 159 
LEU CD1 HD12 sing N N 160 
LEU CD1 HD13 sing N N 161 
LEU CD2 HD21 sing N N 162 
LEU CD2 HD22 sing N N 163 
LEU CD2 HD23 sing N N 164 
LEU OXT HXT  sing N N 165 
LYS N   CA   sing N N 166 
LYS N   H    sing N N 167 
LYS N   H2   sing N N 168 
LYS CA  C    sing N N 169 
LYS CA  CB   sing N N 170 
LYS CA  HA   sing N N 171 
LYS C   O    doub N N 172 
LYS C   OXT  sing N N 173 
LYS CB  CG   sing N N 174 
LYS CB  HB2  sing N N 175 
LYS CB  HB3  sing N N 176 
LYS CG  CD   sing N N 177 
LYS CG  HG2  sing N N 178 
LYS CG  HG3  sing N N 179 
LYS CD  CE   sing N N 180 
LYS CD  HD2  sing N N 181 
LYS CD  HD3  sing N N 182 
LYS CE  NZ   sing N N 183 
LYS CE  HE2  sing N N 184 
LYS CE  HE3  sing N N 185 
LYS NZ  HZ1  sing N N 186 
LYS NZ  HZ2  sing N N 187 
LYS NZ  HZ3  sing N N 188 
LYS OXT HXT  sing N N 189 
MET N   CA   sing N N 190 
MET N   H    sing N N 191 
MET N   H2   sing N N 192 
MET CA  C    sing N N 193 
MET CA  CB   sing N N 194 
MET CA  HA   sing N N 195 
MET C   O    doub N N 196 
MET C   OXT  sing N N 197 
MET CB  CG   sing N N 198 
MET CB  HB2  sing N N 199 
MET CB  HB3  sing N N 200 
MET CG  SD   sing N N 201 
MET CG  HG2  sing N N 202 
MET CG  HG3  sing N N 203 
MET SD  CE   sing N N 204 
MET CE  HE1  sing N N 205 
MET CE  HE2  sing N N 206 
MET CE  HE3  sing N N 207 
MET OXT HXT  sing N N 208 
PHE N   CA   sing N N 209 
PHE N   H    sing N N 210 
PHE N   H2   sing N N 211 
PHE CA  C    sing N N 212 
PHE CA  CB   sing N N 213 
PHE CA  HA   sing N N 214 
PHE C   O    doub N N 215 
PHE C   OXT  sing N N 216 
PHE CB  CG   sing N N 217 
PHE CB  HB2  sing N N 218 
PHE CB  HB3  sing N N 219 
PHE CG  CD1  doub Y N 220 
PHE CG  CD2  sing Y N 221 
PHE CD1 CE1  sing Y N 222 
PHE CD1 HD1  sing N N 223 
PHE CD2 CE2  doub Y N 224 
PHE CD2 HD2  sing N N 225 
PHE CE1 CZ   doub Y N 226 
PHE CE1 HE1  sing N N 227 
PHE CE2 CZ   sing Y N 228 
PHE CE2 HE2  sing N N 229 
PHE CZ  HZ   sing N N 230 
PHE OXT HXT  sing N N 231 
PRO N   CA   sing N N 232 
PRO N   CD   sing N N 233 
PRO N   H    sing N N 234 
PRO CA  C    sing N N 235 
PRO CA  CB   sing N N 236 
PRO CA  HA   sing N N 237 
PRO C   O    doub N N 238 
PRO C   OXT  sing N N 239 
PRO CB  CG   sing N N 240 
PRO CB  HB2  sing N N 241 
PRO CB  HB3  sing N N 242 
PRO CG  CD   sing N N 243 
PRO CG  HG2  sing N N 244 
PRO CG  HG3  sing N N 245 
PRO CD  HD2  sing N N 246 
PRO CD  HD3  sing N N 247 
PRO OXT HXT  sing N N 248 
SER N   CA   sing N N 249 
SER N   H    sing N N 250 
SER N   H2   sing N N 251 
SER CA  C    sing N N 252 
SER CA  CB   sing N N 253 
SER CA  HA   sing N N 254 
SER C   O    doub N N 255 
SER C   OXT  sing N N 256 
SER CB  OG   sing N N 257 
SER CB  HB2  sing N N 258 
SER CB  HB3  sing N N 259 
SER OG  HG   sing N N 260 
SER OXT HXT  sing N N 261 
THR N   CA   sing N N 262 
THR N   H    sing N N 263 
THR N   H2   sing N N 264 
THR CA  C    sing N N 265 
THR CA  CB   sing N N 266 
THR CA  HA   sing N N 267 
THR C   O    doub N N 268 
THR C   OXT  sing N N 269 
THR CB  OG1  sing N N 270 
THR CB  CG2  sing N N 271 
THR CB  HB   sing N N 272 
THR OG1 HG1  sing N N 273 
THR CG2 HG21 sing N N 274 
THR CG2 HG22 sing N N 275 
THR CG2 HG23 sing N N 276 
THR OXT HXT  sing N N 277 
TRP N   CA   sing N N 278 
TRP N   H    sing N N 279 
TRP N   H2   sing N N 280 
TRP CA  C    sing N N 281 
TRP CA  CB   sing N N 282 
TRP CA  HA   sing N N 283 
TRP C   O    doub N N 284 
TRP C   OXT  sing N N 285 
TRP CB  CG   sing N N 286 
TRP CB  HB2  sing N N 287 
TRP CB  HB3  sing N N 288 
TRP CG  CD1  doub Y N 289 
TRP CG  CD2  sing Y N 290 
TRP CD1 NE1  sing Y N 291 
TRP CD1 HD1  sing N N 292 
TRP CD2 CE2  doub Y N 293 
TRP CD2 CE3  sing Y N 294 
TRP NE1 CE2  sing Y N 295 
TRP NE1 HE1  sing N N 296 
TRP CE2 CZ2  sing Y N 297 
TRP CE3 CZ3  doub Y N 298 
TRP CE3 HE3  sing N N 299 
TRP CZ2 CH2  doub Y N 300 
TRP CZ2 HZ2  sing N N 301 
TRP CZ3 CH2  sing Y N 302 
TRP CZ3 HZ3  sing N N 303 
TRP CH2 HH2  sing N N 304 
TRP OXT HXT  sing N N 305 
TYR N   CA   sing N N 306 
TYR N   H    sing N N 307 
TYR N   H2   sing N N 308 
TYR CA  C    sing N N 309 
TYR CA  CB   sing N N 310 
TYR CA  HA   sing N N 311 
TYR C   O    doub N N 312 
TYR C   OXT  sing N N 313 
TYR CB  CG   sing N N 314 
TYR CB  HB2  sing N N 315 
TYR CB  HB3  sing N N 316 
TYR CG  CD1  doub Y N 317 
TYR CG  CD2  sing Y N 318 
TYR CD1 CE1  sing Y N 319 
TYR CD1 HD1  sing N N 320 
TYR CD2 CE2  doub Y N 321 
TYR CD2 HD2  sing N N 322 
TYR CE1 CZ   doub Y N 323 
TYR CE1 HE1  sing N N 324 
TYR CE2 CZ   sing Y N 325 
TYR CE2 HE2  sing N N 326 
TYR CZ  OH   sing N N 327 
TYR OH  HH   sing N N 328 
TYR OXT HXT  sing N N 329 
VAL N   CA   sing N N 330 
VAL N   H    sing N N 331 
VAL N   H2   sing N N 332 
VAL CA  C    sing N N 333 
VAL CA  CB   sing N N 334 
VAL CA  HA   sing N N 335 
VAL C   O    doub N N 336 
VAL C   OXT  sing N N 337 
VAL CB  CG1  sing N N 338 
VAL CB  CG2  sing N N 339 
VAL CB  HB   sing N N 340 
VAL CG1 HG11 sing N N 341 
VAL CG1 HG12 sing N N 342 
VAL CG1 HG13 sing N N 343 
VAL CG2 HG21 sing N N 344 
VAL CG2 HG22 sing N N 345 
VAL CG2 HG23 sing N N 346 
VAL OXT HXT  sing N N 347 
# 
_atom_sites.entry_id                    1CQH 
_atom_sites.fract_transf_matrix[1][1]   1.000000 
_atom_sites.fract_transf_matrix[1][2]   0.000000 
_atom_sites.fract_transf_matrix[1][3]   0.000000 
_atom_sites.fract_transf_matrix[2][1]   0.000000 
_atom_sites.fract_transf_matrix[2][2]   1.000000 
_atom_sites.fract_transf_matrix[2][3]   0.000000 
_atom_sites.fract_transf_matrix[3][1]   0.000000 
_atom_sites.fract_transf_matrix[3][2]   0.000000 
_atom_sites.fract_transf_matrix[3][3]   1.000000 
_atom_sites.fract_transf_vector[1]      0.00000 
_atom_sites.fract_transf_vector[2]      0.00000 
_atom_sites.fract_transf_vector[3]      0.00000 
# 
loop_
_atom_type.symbol 
C 
H 
N 
O 
S 
# 
loop_
_atom_site.group_PDB 
_atom_site.id 
_atom_site.type_symbol 
_atom_site.label_atom_id 
_atom_site.label_alt_id 
_atom_site.label_comp_id 
_atom_site.label_asym_id 
_atom_site.label_entity_id 
_atom_site.label_seq_id 
_atom_site.pdbx_PDB_ins_code 
_atom_site.Cartn_x 
_atom_site.Cartn_y 
_atom_site.Cartn_z 
_atom_site.occupancy 
_atom_site.B_iso_or_equiv 
_atom_site.pdbx_formal_charge 
_atom_site.auth_seq_id 
_atom_site.auth_comp_id 
_atom_site.auth_asym_id 
_atom_site.auth_atom_id 
_atom_site.pdbx_PDB_model_num 
ATOM 1    N N    . MET A 1 1   ? -5.885  13.001  -1.670  1.00 1.04 ? 1   MET A N    1 
ATOM 2    C CA   . MET A 1 1   ? -4.847  13.243  -0.629  1.00 0.78 ? 1   MET A CA   1 
ATOM 3    C C    . MET A 1 1   ? -4.244  11.914  -0.189  1.00 0.57 ? 1   MET A C    1 
ATOM 4    O O    . MET A 1 1   ? -4.776  10.856  -0.456  1.00 0.63 ? 1   MET A O    1 
ATOM 5    C CB   . MET A 1 1   ? -5.486  13.904  0.596   1.00 0.79 ? 1   MET A CB   1 
ATOM 6    C CG   . MET A 1 1   ? -6.131  15.230  0.195   1.00 1.45 ? 1   MET A CG   1 
ATOM 7    S SD   . MET A 1 1   ? -4.848  16.381  -0.380  1.00 2.32 ? 1   MET A SD   1 
ATOM 8    C CE   . MET A 1 1   ? -4.836  17.542  1.019   1.00 2.88 ? 1   MET A CE   1 
ATOM 9    H H1   . MET A 1 1   ? -6.589  12.327  -1.309  1.00 1.44 ? 1   MET A H1   1 
ATOM 10   H H2   . MET A 1 1   ? -6.353  13.900  -1.908  1.00 1.45 ? 1   MET A H2   1 
ATOM 11   H H3   . MET A 1 1   ? -5.437  12.608  -2.522  1.00 1.57 ? 1   MET A H3   1 
ATOM 12   H HA   . MET A 1 1   ? -4.072  13.883  -1.025  1.00 0.96 ? 1   MET A HA   1 
ATOM 13   H HB2  . MET A 1 1   ? -6.237  13.245  1.007   1.00 1.23 ? 1   MET A HB2  1 
ATOM 14   H HB3  . MET A 1 1   ? -4.724  14.088  1.339   1.00 1.26 ? 1   MET A HB3  1 
ATOM 15   H HG2  . MET A 1 1   ? -6.837  15.052  -0.603  1.00 1.91 ? 1   MET A HG2  1 
ATOM 16   H HG3  . MET A 1 1   ? -6.652  15.646  1.041   1.00 1.73 ? 1   MET A HG3  1 
ATOM 17   H HE1  . MET A 1 1   ? -5.159  17.049  1.921   1.00 3.23 ? 1   MET A HE1  1 
ATOM 18   H HE2  . MET A 1 1   ? -3.832  17.915  1.162   1.00 3.32 ? 1   MET A HE2  1 
ATOM 19   H HE3  . MET A 1 1   ? -5.500  18.367  0.802   1.00 3.15 ? 1   MET A HE3  1 
ATOM 20   N N    . VAL A 1 2   ? -3.151  11.972  0.519   1.00 0.41 ? 2   VAL A N    1 
ATOM 21   C CA   . VAL A 1 2   ? -2.499  10.730  1.035   1.00 0.28 ? 2   VAL A CA   1 
ATOM 22   C C    . VAL A 1 2   ? -2.862  10.611  2.517   1.00 0.23 ? 2   VAL A C    1 
ATOM 23   O O    . VAL A 1 2   ? -3.003  11.598  3.211   1.00 0.24 ? 2   VAL A O    1 
ATOM 24   C CB   . VAL A 1 2   ? -0.972  10.850  0.841   1.00 0.33 ? 2   VAL A CB   1 
ATOM 25   C CG1  . VAL A 1 2   ? -0.226  9.630   1.462   1.00 0.45 ? 2   VAL A CG1  1 
ATOM 26   C CG2  . VAL A 1 2   ? -0.665  10.976  -0.687  1.00 0.40 ? 2   VAL A CG2  1 
ATOM 27   H H    . VAL A 1 2   ? -2.766  12.845  0.741   1.00 0.48 ? 2   VAL A H    1 
ATOM 28   H HA   . VAL A 1 2   ? -2.862  9.861   0.494   1.00 0.35 ? 2   VAL A HA   1 
ATOM 29   H HB   . VAL A 1 2   ? -0.638  11.750  1.343   1.00 0.42 ? 2   VAL A HB   1 
ATOM 30   H HG11 . VAL A 1 2   ? -0.780  9.230   2.290   1.00 1.16 ? 2   VAL A HG11 1 
ATOM 31   H HG12 . VAL A 1 2   ? -0.094  8.853   0.728   1.00 1.09 ? 2   VAL A HG12 1 
ATOM 32   H HG13 . VAL A 1 2   ? 0.746   9.950   1.815   1.00 1.10 ? 2   VAL A HG13 1 
ATOM 33   H HG21 . VAL A 1 2   ? -1.581  11.153  -1.237  1.00 1.10 ? 2   VAL A HG21 1 
ATOM 34   H HG22 . VAL A 1 2   ? 0.000   11.803  -0.854  1.00 1.14 ? 2   VAL A HG22 1 
ATOM 35   H HG23 . VAL A 1 2   ? -0.203  10.075  -1.062  1.00 1.03 ? 2   VAL A HG23 1 
ATOM 36   N N    . LYS A 1 3   ? -3.030  9.412   2.994   1.00 0.20 ? 3   LYS A N    1 
ATOM 37   C CA   . LYS A 1 3   ? -3.399  9.191   4.419   1.00 0.18 ? 3   LYS A CA   1 
ATOM 38   C C    . LYS A 1 3   ? -2.431  8.163   4.991   1.00 0.15 ? 3   LYS A C    1 
ATOM 39   O O    . LYS A 1 3   ? -2.251  7.098   4.434   1.00 0.16 ? 3   LYS A O    1 
ATOM 40   C CB   . LYS A 1 3   ? -4.827  8.629   4.452   1.00 0.19 ? 3   LYS A CB   1 
ATOM 41   C CG   . LYS A 1 3   ? -5.307  8.369   5.896   1.00 0.20 ? 3   LYS A CG   1 
ATOM 42   C CD   . LYS A 1 3   ? -5.933  9.626   6.516   1.00 0.81 ? 3   LYS A CD   1 
ATOM 43   C CE   . LYS A 1 3   ? -6.652  9.229   7.815   1.00 1.03 ? 3   LYS A CE   1 
ATOM 44   N NZ   . LYS A 1 3   ? -6.851  10.431  8.669   1.00 1.67 ? 3   LYS A NZ   1 
ATOM 45   H H    . LYS A 1 3   ? -2.919  8.637   2.404   1.00 0.21 ? 3   LYS A H    1 
ATOM 46   H HA   . LYS A 1 3   ? -3.345  10.112  4.984   1.00 0.19 ? 3   LYS A HA   1 
ATOM 47   H HB2  . LYS A 1 3   ? -5.491  9.333   3.974   1.00 0.24 ? 3   LYS A HB2  1 
ATOM 48   H HB3  . LYS A 1 3   ? -4.847  7.700   3.901   1.00 0.20 ? 3   LYS A HB3  1 
ATOM 49   H HG2  . LYS A 1 3   ? -6.045  7.584   5.885   1.00 0.55 ? 3   LYS A HG2  1 
ATOM 50   H HG3  . LYS A 1 3   ? -4.473  8.057   6.506   1.00 0.50 ? 3   LYS A HG3  1 
ATOM 51   H HD2  . LYS A 1 3   ? -5.163  10.350  6.732   1.00 1.29 ? 3   LYS A HD2  1 
ATOM 52   H HD3  . LYS A 1 3   ? -6.651  10.052  5.830   1.00 1.20 ? 3   LYS A HD3  1 
ATOM 53   H HE2  . LYS A 1 3   ? -7.613  8.799   7.574   1.00 1.58 ? 3   LYS A HE2  1 
ATOM 54   H HE3  . LYS A 1 3   ? -6.060  8.502   8.352   1.00 1.50 ? 3   LYS A HE3  1 
ATOM 55   H HZ1  . LYS A 1 3   ? -7.032  11.260  8.068   1.00 2.10 ? 3   LYS A HZ1  1 
ATOM 56   H HZ2  . LYS A 1 3   ? -7.666  10.277  9.298   1.00 2.17 ? 3   LYS A HZ2  1 
ATOM 57   H HZ3  . LYS A 1 3   ? -5.997  10.593  9.241   1.00 2.18 ? 3   LYS A HZ3  1 
ATOM 58   N N    . GLN A 1 4   ? -1.812  8.466   6.100   1.00 0.15 ? 4   GLN A N    1 
ATOM 59   C CA   . GLN A 1 4   ? -0.859  7.498   6.710   1.00 0.14 ? 4   GLN A CA   1 
ATOM 60   C C    . GLN A 1 4   ? -1.585  6.744   7.828   1.00 0.12 ? 4   GLN A C    1 
ATOM 61   O O    . GLN A 1 4   ? -2.109  7.332   8.752   1.00 0.13 ? 4   GLN A O    1 
ATOM 62   C CB   . GLN A 1 4   ? 0.346   8.258   7.279   1.00 0.16 ? 4   GLN A CB   1 
ATOM 63   C CG   . GLN A 1 4   ? 1.347   7.257   7.860   1.00 0.17 ? 4   GLN A CG   1 
ATOM 64   C CD   . GLN A 1 4   ? 2.531   7.996   8.483   1.00 0.22 ? 4   GLN A CD   1 
ATOM 65   O OE1  . GLN A 1 4   ? 2.401   9.124   8.913   1.00 0.29 ? 4   GLN A OE1  1 
ATOM 66   N NE2  . GLN A 1 4   ? 3.691   7.399   8.551   1.00 0.31 ? 4   GLN A NE2  1 
ATOM 67   H H    . GLN A 1 4   ? -1.977  9.330   6.534   1.00 0.16 ? 4   GLN A H    1 
ATOM 68   H HA   . GLN A 1 4   ? -0.514  6.791   5.964   1.00 0.14 ? 4   GLN A HA   1 
ATOM 69   H HB2  . GLN A 1 4   ? 0.819   8.825   6.490   1.00 0.19 ? 4   GLN A HB2  1 
ATOM 70   H HB3  . GLN A 1 4   ? 0.017   8.927   8.058   1.00 0.17 ? 4   GLN A HB3  1 
ATOM 71   H HG2  . GLN A 1 4   ? 0.857   6.675   8.617   1.00 0.16 ? 4   GLN A HG2  1 
ATOM 72   H HG3  . GLN A 1 4   ? 1.702   6.605   7.077   1.00 0.19 ? 4   GLN A HG3  1 
ATOM 73   H HE21 . GLN A 1 4   ? 3.794   6.487   8.204   1.00 0.40 ? 4   GLN A HE21 1 
ATOM 74   H HE22 . GLN A 1 4   ? 4.457   7.860   8.952   1.00 0.35 ? 4   GLN A HE22 1 
ATOM 75   N N    . ILE A 1 5   ? -1.608  5.441   7.748   1.00 0.10 ? 5   ILE A N    1 
ATOM 76   C CA   . ILE A 1 5   ? -2.286  4.619   8.792   1.00 0.10 ? 5   ILE A CA   1 
ATOM 77   C C    . ILE A 1 5   ? -1.217  4.045   9.729   1.00 0.10 ? 5   ILE A C    1 
ATOM 78   O O    . ILE A 1 5   ? -0.383  3.265   9.317   1.00 0.11 ? 5   ILE A O    1 
ATOM 79   C CB   . ILE A 1 5   ? -3.012  3.460   8.095   1.00 0.11 ? 5   ILE A CB   1 
ATOM 80   C CG1  . ILE A 1 5   ? -3.890  3.973   6.920   1.00 0.13 ? 5   ILE A CG1  1 
ATOM 81   C CG2  . ILE A 1 5   ? -3.844  2.639   9.101   1.00 0.15 ? 5   ILE A CG2  1 
ATOM 82   C CD1  . ILE A 1 5   ? -4.861  5.102   7.333   1.00 0.19 ? 5   ILE A CD1  1 
ATOM 83   H H    . ILE A 1 5   ? -1.171  4.995   6.994   1.00 0.11 ? 5   ILE A H    1 
ATOM 84   H HA   . ILE A 1 5   ? -2.990  5.208   9.359   1.00 0.12 ? 5   ILE A HA   1 
ATOM 85   H HB   . ILE A 1 5   ? -2.253  2.808   7.682   1.00 0.12 ? 5   ILE A HB   1 
ATOM 86   H HG12 . ILE A 1 5   ? -3.242  4.348   6.141   1.00 0.11 ? 5   ILE A HG12 1 
ATOM 87   H HG13 . ILE A 1 5   ? -4.462  3.146   6.525   1.00 0.18 ? 5   ILE A HG13 1 
ATOM 88   H HG21 . ILE A 1 5   ? -3.425  2.739   10.091  1.00 1.01 ? 5   ILE A HG21 1 
ATOM 89   H HG22 . ILE A 1 5   ? -4.863  2.976   9.114   1.00 0.95 ? 5   ILE A HG22 1 
ATOM 90   H HG23 . ILE A 1 5   ? -3.819  1.599   8.814   1.00 1.04 ? 5   ILE A HG23 1 
ATOM 91   H HD11 . ILE A 1 5   ? -4.311  5.937   7.731   1.00 1.00 ? 5   ILE A HD11 1 
ATOM 92   H HD12 . ILE A 1 5   ? -5.406  5.426   6.462   1.00 1.03 ? 5   ILE A HD12 1 
ATOM 93   H HD13 . ILE A 1 5   ? -5.563  4.746   8.066   1.00 1.04 ? 5   ILE A HD13 1 
ATOM 94   N N    . GLU A 1 6   ? -1.235  4.414   10.989  1.00 0.11 ? 6   GLU A N    1 
ATOM 95   C CA   . GLU A 1 6   ? -0.214  3.869   11.938  1.00 0.13 ? 6   GLU A CA   1 
ATOM 96   C C    . GLU A 1 6   ? -0.821  2.702   12.713  1.00 0.12 ? 6   GLU A C    1 
ATOM 97   O O    . GLU A 1 6   ? -0.148  2.055   13.489  1.00 0.13 ? 6   GLU A O    1 
ATOM 98   C CB   . GLU A 1 6   ? 0.212   4.944   12.951  1.00 0.15 ? 6   GLU A CB   1 
ATOM 99   C CG   . GLU A 1 6   ? 0.659   6.253   12.278  1.00 0.17 ? 6   GLU A CG   1 
ATOM 100  C CD   . GLU A 1 6   ? 1.527   5.989   11.044  1.00 1.45 ? 6   GLU A CD   1 
ATOM 101  O OE1  . GLU A 1 6   ? 1.112   5.228   10.195  1.00 2.25 ? 6   GLU A OE1  1 
ATOM 102  O OE2  . GLU A 1 6   ? 2.594   6.574   10.964  1.00 2.25 ? 6   GLU A OE2  1 
ATOM 103  H H    . GLU A 1 6   ? -1.918  5.041   11.308  1.00 0.13 ? 6   GLU A H    1 
ATOM 104  H HA   . GLU A 1 6   ? 0.648   3.507   11.406  1.00 0.13 ? 6   GLU A HA   1 
ATOM 105  H HB2  . GLU A 1 6   ? -0.622  5.160   13.595  1.00 0.15 ? 6   GLU A HB2  1 
ATOM 106  H HB3  . GLU A 1 6   ? 1.027   4.560   13.542  1.00 0.16 ? 6   GLU A HB3  1 
ATOM 107  H HG2  . GLU A 1 6   ? -0.210  6.824   11.990  1.00 0.99 ? 6   GLU A HG2  1 
ATOM 108  H HG3  . GLU A 1 6   ? 1.235   6.828   12.992  1.00 0.98 ? 6   GLU A HG3  1 
ATOM 109  N N    . SER A 1 7   ? -2.079  2.409   12.512  1.00 0.12 ? 7   SER A N    1 
ATOM 110  C CA   . SER A 1 7   ? -2.688  1.264   13.260  1.00 0.13 ? 7   SER A CA   1 
ATOM 111  C C    . SER A 1 7   ? -3.833  0.653   12.465  1.00 0.12 ? 7   SER A C    1 
ATOM 112  O O    . SER A 1 7   ? -4.425  1.283   11.613  1.00 0.12 ? 7   SER A O    1 
ATOM 113  C CB   . SER A 1 7   ? -3.255  1.763   14.588  1.00 0.15 ? 7   SER A CB   1 
ATOM 114  O OG   . SER A 1 7   ? -4.299  2.694   14.331  1.00 0.15 ? 7   SER A OG   1 
ATOM 115  H H    . SER A 1 7   ? -2.614  2.931   11.872  1.00 0.11 ? 7   SER A H    1 
ATOM 116  H HA   . SER A 1 7   ? -1.939  0.510   13.451  1.00 0.14 ? 7   SER A HA   1 
ATOM 117  H HB2  . SER A 1 7   ? -3.660  0.930   15.142  1.00 0.16 ? 7   SER A HB2  1 
ATOM 118  H HB3  . SER A 1 7   ? -2.469  2.234   15.163  1.00 0.16 ? 7   SER A HB3  1 
ATOM 119  H HG   . SER A 1 7   ? -3.902  3.508   14.013  1.00 0.91 ? 7   SER A HG   1 
ATOM 120  N N    . LYS A 1 8   ? -4.178  -0.565  12.773  1.00 0.14 ? 8   LYS A N    1 
ATOM 121  C CA   . LYS A 1 8   ? -5.315  -1.206  12.070  1.00 0.15 ? 8   LYS A CA   1 
ATOM 122  C C    . LYS A 1 8   ? -6.582  -0.444  12.431  1.00 0.15 ? 8   LYS A C    1 
ATOM 123  O O    . LYS A 1 8   ? -7.506  -0.338  11.653  1.00 0.16 ? 8   LYS A O    1 
ATOM 124  C CB   . LYS A 1 8   ? -5.471  -2.657  12.517  1.00 0.18 ? 8   LYS A CB   1 
ATOM 125  C CG   . LYS A 1 8   ? -6.448  -3.356  11.556  1.00 0.21 ? 8   LYS A CG   1 
ATOM 126  C CD   . LYS A 1 8   ? -6.934  -4.754  12.058  1.00 0.43 ? 8   LYS A CD   1 
ATOM 127  C CE   . LYS A 1 8   ? -6.137  -5.294  13.257  1.00 0.80 ? 8   LYS A CE   1 
ATOM 128  N NZ   . LYS A 1 8   ? -6.715  -6.610  13.646  1.00 1.65 ? 8   LYS A NZ   1 
ATOM 129  H H    . LYS A 1 8   ? -3.708  -1.044  13.486  1.00 0.15 ? 8   LYS A H    1 
ATOM 130  H HA   . LYS A 1 8   ? -5.167  -1.165  11.008  1.00 0.15 ? 8   LYS A HA   1 
ATOM 131  H HB2  . LYS A 1 8   ? -4.509  -3.152  12.498  1.00 0.19 ? 8   LYS A HB2  1 
ATOM 132  H HB3  . LYS A 1 8   ? -5.869  -2.662  13.513  1.00 0.19 ? 8   LYS A HB3  1 
ATOM 133  H HG2  . LYS A 1 8   ? -7.309  -2.719  11.409  1.00 0.27 ? 8   LYS A HG2  1 
ATOM 134  H HG3  . LYS A 1 8   ? -5.947  -3.478  10.602  1.00 0.20 ? 8   LYS A HG3  1 
ATOM 135  H HD2  . LYS A 1 8   ? -7.971  -4.686  12.343  1.00 1.10 ? 8   LYS A HD2  1 
ATOM 136  H HD3  . LYS A 1 8   ? -6.848  -5.463  11.245  1.00 1.21 ? 8   LYS A HD3  1 
ATOM 137  H HE2  . LYS A 1 8   ? -5.101  -5.416  12.986  1.00 1.48 ? 8   LYS A HE2  1 
ATOM 138  H HE3  . LYS A 1 8   ? -6.219  -4.626  14.094  1.00 1.28 ? 8   LYS A HE3  1 
ATOM 139  H HZ1  . LYS A 1 8   ? -7.339  -6.950  12.887  1.00 2.07 ? 8   LYS A HZ1  1 
ATOM 140  H HZ2  . LYS A 1 8   ? -5.951  -7.295  13.803  1.00 2.18 ? 8   LYS A HZ2  1 
ATOM 141  H HZ3  . LYS A 1 8   ? -7.264  -6.498  14.523  1.00 2.16 ? 8   LYS A HZ3  1 
ATOM 142  N N    . THR A 1 9   ? -6.643  0.072   13.625  1.00 0.15 ? 9   THR A N    1 
ATOM 143  C CA   . THR A 1 9   ? -7.872  0.796   14.026  1.00 0.17 ? 9   THR A CA   1 
ATOM 144  C C    . THR A 1 9   ? -8.134  1.911   13.019  1.00 0.16 ? 9   THR A C    1 
ATOM 145  O O    . THR A 1 9   ? -9.225  2.053   12.509  1.00 0.17 ? 9   THR A O    1 
ATOM 146  C CB   . THR A 1 9   ? -7.699  1.385   15.435  1.00 0.19 ? 9   THR A CB   1 
ATOM 147  O OG1  . THR A 1 9   ? -7.417  0.329   16.344  1.00 0.22 ? 9   THR A OG1  1 
ATOM 148  C CG2  . THR A 1 9   ? -8.986  2.112   15.888  1.00 0.23 ? 9   THR A CG2  1 
ATOM 149  H H    . THR A 1 9   ? -5.894  -0.037  14.253  1.00 0.15 ? 9   THR A H    1 
ATOM 150  H HA   . THR A 1 9   ? -8.698  0.111   14.025  1.00 0.19 ? 9   THR A HA   1 
ATOM 151  H HB   . THR A 1 9   ? -6.872  2.081   15.431  1.00 0.18 ? 9   THR A HB   1 
ATOM 152  H HG1  . THR A 1 9   ? -6.473  0.325   16.513  1.00 0.89 ? 9   THR A HG1  1 
ATOM 153  H HG21 . THR A 1 9   ? -9.709  2.141   15.083  1.00 1.03 ? 9   THR A HG21 1 
ATOM 154  H HG22 . THR A 1 9   ? -9.413  1.585   16.728  1.00 1.02 ? 9   THR A HG22 1 
ATOM 155  H HG23 . THR A 1 9   ? -8.750  3.124   16.187  1.00 0.98 ? 9   THR A HG23 1 
ATOM 156  N N    . ALA A 1 10  ? -7.138  2.685   12.706  1.00 0.15 ? 10  ALA A N    1 
ATOM 157  C CA   . ALA A 1 10  ? -7.328  3.770   11.704  1.00 0.15 ? 10  ALA A CA   1 
ATOM 158  C C    . ALA A 1 10  ? -7.555  3.146   10.323  1.00 0.14 ? 10  ALA A C    1 
ATOM 159  O O    . ALA A 1 10  ? -8.218  3.713   9.477   1.00 0.15 ? 10  ALA A O    1 
ATOM 160  C CB   . ALA A 1 10  ? -6.086  4.675   11.688  1.00 0.17 ? 10  ALA A CB   1 
ATOM 161  H H    . ALA A 1 10  ? -6.259  2.540   13.114  1.00 0.15 ? 10  ALA A H    1 
ATOM 162  H HA   . ALA A 1 10  ? -8.202  4.355   11.971  1.00 0.16 ? 10  ALA A HA   1 
ATOM 163  H HB1  . ALA A 1 10  ? -5.656  4.709   12.679  1.00 1.02 ? 10  ALA A HB1  1 
ATOM 164  H HB2  . ALA A 1 10  ? -5.353  4.283   10.996  1.00 1.02 ? 10  ALA A HB2  1 
ATOM 165  H HB3  . ALA A 1 10  ? -6.368  5.673   11.386  1.00 1.01 ? 10  ALA A HB3  1 
ATOM 166  N N    . PHE A 1 11  ? -7.012  1.980   10.085  1.00 0.14 ? 11  PHE A N    1 
ATOM 167  C CA   . PHE A 1 11  ? -7.199  1.335   8.752   1.00 0.13 ? 11  PHE A CA   1 
ATOM 168  C C    . PHE A 1 11  ? -8.685  1.119   8.510   1.00 0.14 ? 11  PHE A C    1 
ATOM 169  O O    . PHE A 1 11  ? -9.205  1.394   7.446   1.00 0.14 ? 11  PHE A O    1 
ATOM 170  C CB   . PHE A 1 11  ? -6.496  -0.029  8.763   1.00 0.14 ? 11  PHE A CB   1 
ATOM 171  C CG   . PHE A 1 11  ? -6.480  -0.627  7.375   1.00 0.14 ? 11  PHE A CG   1 
ATOM 172  C CD1  . PHE A 1 11  ? -5.732  -0.013  6.356   1.00 0.14 ? 11  PHE A CD1  1 
ATOM 173  C CD2  . PHE A 1 11  ? -7.198  -1.813  7.106   1.00 0.14 ? 11  PHE A CD2  1 
ATOM 174  C CE1  . PHE A 1 11  ? -5.705  -0.576  5.067   1.00 0.14 ? 11  PHE A CE1  1 
ATOM 175  C CE2  . PHE A 1 11  ? -7.168  -2.376  5.816   1.00 0.14 ? 11  PHE A CE2  1 
ATOM 176  C CZ   . PHE A 1 11  ? -6.424  -1.755  4.796   1.00 0.14 ? 11  PHE A CZ   1 
ATOM 177  H H    . PHE A 1 11  ? -6.479  1.534   10.777  1.00 0.14 ? 11  PHE A H    1 
ATOM 178  H HA   . PHE A 1 11  ? -6.775  1.962   7.976   1.00 0.13 ? 11  PHE A HA   1 
ATOM 179  H HB2  . PHE A 1 11  ? -5.491  0.093   9.110   1.00 0.15 ? 11  PHE A HB2  1 
ATOM 180  H HB3  . PHE A 1 11  ? -7.022  -0.692  9.428   1.00 0.15 ? 11  PHE A HB3  1 
ATOM 181  H HD1  . PHE A 1 11  ? -5.182  0.893   6.562   1.00 0.15 ? 11  PHE A HD1  1 
ATOM 182  H HD2  . PHE A 1 11  ? -7.770  -2.288  7.889   1.00 0.15 ? 11  PHE A HD2  1 
ATOM 183  H HE1  . PHE A 1 11  ? -5.129  -0.104  4.286   1.00 0.15 ? 11  PHE A HE1  1 
ATOM 184  H HE2  . PHE A 1 11  ? -7.721  -3.280  5.609   1.00 0.15 ? 11  PHE A HE2  1 
ATOM 185  H HZ   . PHE A 1 11  ? -6.402  -2.184  3.807   1.00 0.15 ? 11  PHE A HZ   1 
ATOM 186  N N    . GLN A 1 12  ? -9.373  0.640   9.501   1.00 0.14 ? 12  GLN A N    1 
ATOM 187  C CA   . GLN A 1 12  ? -10.831 0.407   9.350   1.00 0.16 ? 12  GLN A CA   1 
ATOM 188  C C    . GLN A 1 12  ? -11.540 1.750   9.187   1.00 0.15 ? 12  GLN A C    1 
ATOM 189  O O    . GLN A 1 12  ? -12.430 1.902   8.375   1.00 0.16 ? 12  GLN A O    1 
ATOM 190  C CB   . GLN A 1 12  ? -11.340 -0.300  10.607  1.00 0.18 ? 12  GLN A CB   1 
ATOM 191  C CG   . GLN A 1 12  ? -10.558 -1.604  10.830  1.00 0.17 ? 12  GLN A CG   1 
ATOM 192  C CD   . GLN A 1 12  ? -10.804 -2.598  9.685   1.00 0.40 ? 12  GLN A CD   1 
ATOM 193  O OE1  . GLN A 1 12  ? -10.470 -2.345  8.546   1.00 1.12 ? 12  GLN A OE1  1 
ATOM 194  N NE2  . GLN A 1 12  ? -11.352 -3.749  9.954   1.00 1.31 ? 12  GLN A NE2  1 
ATOM 195  H H    . GLN A 1 12  ? -8.925  0.435   10.350  1.00 0.15 ? 12  GLN A H    1 
ATOM 196  H HA   . GLN A 1 12  ? -11.023 -0.198  8.482   1.00 0.16 ? 12  GLN A HA   1 
ATOM 197  H HB2  . GLN A 1 12  ? -11.205 0.349   11.461  1.00 0.19 ? 12  GLN A HB2  1 
ATOM 198  H HB3  . GLN A 1 12  ? -12.389 -0.527  10.492  1.00 0.20 ? 12  GLN A HB3  1 
ATOM 199  H HG2  . GLN A 1 12  ? -9.501  -1.378  10.884  1.00 0.29 ? 12  GLN A HG2  1 
ATOM 200  H HG3  . GLN A 1 12  ? -10.872 -2.050  11.761  1.00 0.32 ? 12  GLN A HG3  1 
ATOM 201  H HE21 . GLN A 1 12  ? -11.596 -3.971  10.875  1.00 2.07 ? 12  GLN A HE21 1 
ATOM 202  H HE22 . GLN A 1 12  ? -11.519 -4.393  9.233   1.00 1.44 ? 12  GLN A HE22 1 
ATOM 203  N N    . GLU A 1 13  ? -11.144 2.729   9.949   1.00 0.16 ? 13  GLU A N    1 
ATOM 204  C CA   . GLU A 1 13  ? -11.788 4.069   9.837   1.00 0.17 ? 13  GLU A CA   1 
ATOM 205  C C    . GLU A 1 13  ? -11.527 4.652   8.453   1.00 0.15 ? 13  GLU A C    1 
ATOM 206  O O    . GLU A 1 13  ? -12.372 5.304   7.872   1.00 0.16 ? 13  GLU A O    1 
ATOM 207  C CB   . GLU A 1 13  ? -11.209 5.008   10.906  1.00 0.19 ? 13  GLU A CB   1 
ATOM 208  C CG   . GLU A 1 13  ? -11.517 4.474   12.310  1.00 0.28 ? 13  GLU A CG   1 
ATOM 209  C CD   . GLU A 1 13  ? -13.025 4.291   12.492  1.00 0.95 ? 13  GLU A CD   1 
ATOM 210  O OE1  . GLU A 1 13  ? -13.770 5.130   12.013  1.00 1.77 ? 13  GLU A OE1  1 
ATOM 211  O OE2  . GLU A 1 13  ? -13.410 3.307   13.104  1.00 1.67 ? 13  GLU A OE2  1 
ATOM 212  H H    . GLU A 1 13  ? -10.420 2.583   10.595  1.00 0.16 ? 13  GLU A H    1 
ATOM 213  H HA   . GLU A 1 13  ? -12.853 3.966   9.970   1.00 0.18 ? 13  GLU A HA   1 
ATOM 214  H HB2  . GLU A 1 13  ? -10.138 5.072   10.778  1.00 0.22 ? 13  GLU A HB2  1 
ATOM 215  H HB3  . GLU A 1 13  ? -11.634 5.988   10.796  1.00 0.21 ? 13  GLU A HB3  1 
ATOM 216  H HG2  . GLU A 1 13  ? -11.024 3.526   12.446  1.00 0.95 ? 13  GLU A HG2  1 
ATOM 217  H HG3  . GLU A 1 13  ? -11.153 5.176   13.045  1.00 0.98 ? 13  GLU A HG3  1 
ATOM 218  N N    . ALA A 1 14  ? -10.359 4.437   7.925   1.00 0.15 ? 14  ALA A N    1 
ATOM 219  C CA   . ALA A 1 14  ? -10.047 4.987   6.583   1.00 0.14 ? 14  ALA A CA   1 
ATOM 220  C C    . ALA A 1 14  ? -10.900 4.271   5.533   1.00 0.13 ? 14  ALA A C    1 
ATOM 221  O O    . ALA A 1 14  ? -11.444 4.884   4.637   1.00 0.13 ? 14  ALA A O    1 
ATOM 222  C CB   . ALA A 1 14  ? -8.557  4.776   6.281   1.00 0.15 ? 14  ALA A CB   1 
ATOM 223  H H    . ALA A 1 14  ? -9.687  3.916   8.412   1.00 0.16 ? 14  ALA A H    1 
ATOM 224  H HA   . ALA A 1 14  ? -10.276 6.043   6.566   1.00 0.15 ? 14  ALA A HA   1 
ATOM 225  H HB1  . ALA A 1 14  ? -8.174  3.981   6.905   1.00 1.04 ? 14  ALA A HB1  1 
ATOM 226  H HB2  . ALA A 1 14  ? -8.431  4.512   5.244   1.00 0.97 ? 14  ALA A HB2  1 
ATOM 227  H HB3  . ALA A 1 14  ? -8.009  5.686   6.485   1.00 0.96 ? 14  ALA A HB3  1 
ATOM 228  N N    . LEU A 1 15  ? -11.011 2.979   5.631   1.00 0.12 ? 15  LEU A N    1 
ATOM 229  C CA   . LEU A 1 15  ? -11.813 2.241   4.628   1.00 0.12 ? 15  LEU A CA   1 
ATOM 230  C C    . LEU A 1 15  ? -13.242 2.768   4.685   1.00 0.13 ? 15  LEU A C    1 
ATOM 231  O O    . LEU A 1 15  ? -13.895 2.938   3.674   1.00 0.13 ? 15  LEU A O    1 
ATOM 232  C CB   . LEU A 1 15  ? -11.804 0.743   4.960   1.00 0.13 ? 15  LEU A CB   1 
ATOM 233  C CG   . LEU A 1 15  ? -10.407 0.136   4.718   1.00 0.13 ? 15  LEU A CG   1 
ATOM 234  C CD1  . LEU A 1 15  ? -10.297 -1.209  5.456   1.00 0.17 ? 15  LEU A CD1  1 
ATOM 235  C CD2  . LEU A 1 15  ? -10.173 -0.117  3.223   1.00 0.17 ? 15  LEU A CD2  1 
ATOM 236  H H    . LEU A 1 15  ? -10.562 2.496   6.354   1.00 0.13 ? 15  LEU A H    1 
ATOM 237  H HA   . LEU A 1 15  ? -11.410 2.411   3.647   1.00 0.13 ? 15  LEU A HA   1 
ATOM 238  H HB2  . LEU A 1 15  ? -12.077 0.610   5.999   1.00 0.14 ? 15  LEU A HB2  1 
ATOM 239  H HB3  . LEU A 1 15  ? -12.524 0.238   4.337   1.00 0.13 ? 15  LEU A HB3  1 
ATOM 240  H HG   . LEU A 1 15  ? -9.655  0.813   5.094   1.00 0.14 ? 15  LEU A HG   1 
ATOM 241  H HD11 . LEU A 1 15  ? -11.244 -1.730  5.410   1.00 1.07 ? 15  LEU A HD11 1 
ATOM 242  H HD12 . LEU A 1 15  ? -9.536  -1.820  4.991   1.00 1.00 ? 15  LEU A HD12 1 
ATOM 243  H HD13 . LEU A 1 15  ? -10.033 -1.035  6.487   1.00 1.01 ? 15  LEU A HD13 1 
ATOM 244  H HD21 . LEU A 1 15  ? -10.371 0.772   2.652   1.00 1.05 ? 15  LEU A HD21 1 
ATOM 245  H HD22 . LEU A 1 15  ? -9.145  -0.417  3.072   1.00 1.01 ? 15  LEU A HD22 1 
ATOM 246  H HD23 . LEU A 1 15  ? -10.827 -0.905  2.901   1.00 1.03 ? 15  LEU A HD23 1 
ATOM 247  N N    . ASP A 1 16  ? -13.728 3.038   5.862   1.00 0.13 ? 16  ASP A N    1 
ATOM 248  C CA   . ASP A 1 16  ? -15.110 3.563   5.990   1.00 0.15 ? 16  ASP A CA   1 
ATOM 249  C C    . ASP A 1 16  ? -15.176 4.996   5.450   1.00 0.15 ? 16  ASP A C    1 
ATOM 250  O O    . ASP A 1 16  ? -16.173 5.415   4.894   1.00 0.16 ? 16  ASP A O    1 
ATOM 251  C CB   . ASP A 1 16  ? -15.527 3.559   7.463   1.00 0.17 ? 16  ASP A CB   1 
ATOM 252  C CG   . ASP A 1 16  ? -17.036 3.796   7.559   1.00 0.19 ? 16  ASP A CG   1 
ATOM 253  O OD1  . ASP A 1 16  ? -17.579 4.402   6.648   1.00 1.07 ? 16  ASP A OD1  1 
ATOM 254  O OD2  . ASP A 1 16  ? -17.622 3.369   8.539   1.00 1.07 ? 16  ASP A OD2  1 
ATOM 255  H H    . ASP A 1 16  ? -13.179 2.898   6.662   1.00 0.14 ? 16  ASP A H    1 
ATOM 256  H HA   . ASP A 1 16  ? -15.777 2.934   5.431   1.00 0.16 ? 16  ASP A HA   1 
ATOM 257  H HB2  . ASP A 1 16  ? -15.284 2.602   7.904   1.00 0.18 ? 16  ASP A HB2  1 
ATOM 258  H HB3  . ASP A 1 16  ? -15.007 4.345   7.991   1.00 0.17 ? 16  ASP A HB3  1 
ATOM 259  N N    . ALA A 1 17  ? -14.131 5.757   5.633   1.00 0.15 ? 17  ALA A N    1 
ATOM 260  C CA   . ALA A 1 17  ? -14.133 7.173   5.155   1.00 0.16 ? 17  ALA A CA   1 
ATOM 261  C C    . ALA A 1 17  ? -14.124 7.215   3.620   1.00 0.15 ? 17  ALA A C    1 
ATOM 262  O O    . ALA A 1 17  ? -14.756 8.053   3.009   1.00 0.17 ? 17  ALA A O    1 
ATOM 263  C CB   . ALA A 1 17  ? -12.889 7.895   5.725   1.00 0.18 ? 17  ALA A CB   1 
ATOM 264  H H    . ALA A 1 17  ? -13.346 5.403   6.102   1.00 0.15 ? 17  ALA A H    1 
ATOM 265  H HA   . ALA A 1 17  ? -15.028 7.660   5.512   1.00 0.17 ? 17  ALA A HA   1 
ATOM 266  H HB1  . ALA A 1 17  ? -12.359 7.221   6.382   1.00 1.03 ? 17  ALA A HB1  1 
ATOM 267  H HB2  . ALA A 1 17  ? -12.230 8.202   4.923   1.00 1.00 ? 17  ALA A HB2  1 
ATOM 268  H HB3  . ALA A 1 17  ? -13.195 8.768   6.285   1.00 1.07 ? 17  ALA A HB3  1 
ATOM 269  N N    . ALA A 1 18  ? -13.407 6.327   2.999   1.00 0.14 ? 18  ALA A N    1 
ATOM 270  C CA   . ALA A 1 18  ? -13.347 6.325   1.511   1.00 0.15 ? 18  ALA A CA   1 
ATOM 271  C C    . ALA A 1 18  ? -14.742 6.052   0.941   1.00 0.14 ? 18  ALA A C    1 
ATOM 272  O O    . ALA A 1 18  ? -15.091 6.520   -0.123  1.00 0.17 ? 18  ALA A O    1 
ATOM 273  C CB   . ALA A 1 18  ? -12.357 5.240   1.056   1.00 0.15 ? 18  ALA A CB   1 
ATOM 274  H H    . ALA A 1 18  ? -12.898 5.663   3.511   1.00 0.14 ? 18  ALA A H    1 
ATOM 275  H HA   . ALA A 1 18  ? -13.010 7.295   1.169   1.00 0.18 ? 18  ALA A HA   1 
ATOM 276  H HB1  . ALA A 1 18  ? -12.068 4.642   1.907   1.00 1.03 ? 18  ALA A HB1  1 
ATOM 277  H HB2  . ALA A 1 18  ? -12.808 4.601   0.307   1.00 1.03 ? 18  ALA A HB2  1 
ATOM 278  H HB3  . ALA A 1 18  ? -11.481 5.707   0.639   1.00 0.97 ? 18  ALA A HB3  1 
ATOM 279  N N    . GLY A 1 19  ? -15.534 5.291   1.637   1.00 0.16 ? 19  GLY A N    1 
ATOM 280  C CA   . GLY A 1 19  ? -16.898 4.983   1.133   1.00 0.20 ? 19  GLY A CA   1 
ATOM 281  C C    . GLY A 1 19  ? -16.803 4.100   -0.116  1.00 0.16 ? 19  GLY A C    1 
ATOM 282  O O    . GLY A 1 19  ? -16.223 3.034   -0.090  1.00 0.17 ? 19  GLY A O    1 
ATOM 283  H H    . GLY A 1 19  ? -15.229 4.918   2.490   1.00 0.19 ? 19  GLY A H    1 
ATOM 284  H HA2  . GLY A 1 19  ? -17.455 4.464   1.901   1.00 0.24 ? 19  GLY A HA2  1 
ATOM 285  H HA3  . GLY A 1 19  ? -17.404 5.903   0.881   1.00 0.22 ? 19  GLY A HA3  1 
ATOM 286  N N    . ASP A 1 20  ? -17.388 4.527   -1.204  1.00 0.15 ? 20  ASP A N    1 
ATOM 287  C CA   . ASP A 1 20  ? -17.358 3.707   -2.455  1.00 0.14 ? 20  ASP A CA   1 
ATOM 288  C C    . ASP A 1 20  ? -16.161 4.092   -3.330  1.00 0.12 ? 20  ASP A C    1 
ATOM 289  O O    . ASP A 1 20  ? -16.017 3.609   -4.436  1.00 0.13 ? 20  ASP A O    1 
ATOM 290  C CB   . ASP A 1 20  ? -18.651 3.944   -3.233  1.00 0.15 ? 20  ASP A CB   1 
ATOM 291  C CG   . ASP A 1 20  ? -19.846 3.528   -2.372  1.00 0.18 ? 20  ASP A CG   1 
ATOM 292  O OD1  . ASP A 1 20  ? -19.696 2.601   -1.593  1.00 1.07 ? 20  ASP A OD1  1 
ATOM 293  O OD2  . ASP A 1 20  ? -20.891 4.143   -2.506  1.00 1.07 ? 20  ASP A OD2  1 
ATOM 294  H H    . ASP A 1 20  ? -17.862 5.383   -1.198  1.00 0.16 ? 20  ASP A H    1 
ATOM 295  H HA   . ASP A 1 20  ? -17.287 2.662   -2.199  1.00 0.15 ? 20  ASP A HA   1 
ATOM 296  H HB2  . ASP A 1 20  ? -18.734 4.992   -3.484  1.00 0.16 ? 20  ASP A HB2  1 
ATOM 297  H HB3  . ASP A 1 20  ? -18.639 3.354   -4.135  1.00 0.16 ? 20  ASP A HB3  1 
ATOM 298  N N    . LYS A 1 21  ? -15.310 4.959   -2.862  1.00 0.12 ? 21  LYS A N    1 
ATOM 299  C CA   . LYS A 1 21  ? -14.141 5.370   -3.693  1.00 0.12 ? 21  LYS A CA   1 
ATOM 300  C C    . LYS A 1 21  ? -13.077 4.278   -3.678  1.00 0.10 ? 21  LYS A C    1 
ATOM 301  O O    . LYS A 1 21  ? -12.932 3.551   -2.716  1.00 0.11 ? 21  LYS A O    1 
ATOM 302  C CB   . LYS A 1 21  ? -13.539 6.653   -3.123  1.00 0.15 ? 21  LYS A CB   1 
ATOM 303  C CG   . LYS A 1 21  ? -14.539 7.796   -3.279  1.00 0.21 ? 21  LYS A CG   1 
ATOM 304  C CD   . LYS A 1 21  ? -13.827 9.135   -3.096  1.00 0.31 ? 21  LYS A CD   1 
ATOM 305  C CE   . LYS A 1 21  ? -14.866 10.247  -3.155  1.00 0.80 ? 21  LYS A CE   1 
ATOM 306  N NZ   . LYS A 1 21  ? -14.200 11.574  -3.094  1.00 1.50 ? 21  LYS A NZ   1 
ATOM 307  H H    . LYS A 1 21  ? -15.442 5.347   -1.972  1.00 0.13 ? 21  LYS A H    1 
ATOM 308  H HA   . LYS A 1 21  ? -14.463 5.544   -4.709  1.00 0.13 ? 21  LYS A HA   1 
ATOM 309  H HB2  . LYS A 1 21  ? -13.315 6.511   -2.075  1.00 0.15 ? 21  LYS A HB2  1 
ATOM 310  H HB3  . LYS A 1 21  ? -12.631 6.892   -3.656  1.00 0.18 ? 21  LYS A HB3  1 
ATOM 311  H HG2  . LYS A 1 21  ? -14.980 7.760   -4.266  1.00 0.21 ? 21  LYS A HG2  1 
ATOM 312  H HG3  . LYS A 1 21  ? -15.315 7.699   -2.535  1.00 0.27 ? 21  LYS A HG3  1 
ATOM 313  H HD2  . LYS A 1 21  ? -13.329 9.152   -2.137  1.00 0.88 ? 21  LYS A HD2  1 
ATOM 314  H HD3  . LYS A 1 21  ? -13.104 9.274   -3.885  1.00 0.92 ? 21  LYS A HD3  1 
ATOM 315  H HE2  . LYS A 1 21  ? -15.422 10.166  -4.073  1.00 1.49 ? 21  LYS A HE2  1 
ATOM 316  H HE3  . LYS A 1 21  ? -15.536 10.144  -2.317  1.00 1.51 ? 21  LYS A HE3  1 
ATOM 317  H HZ1  . LYS A 1 21  ? -13.571 11.608  -2.266  1.00 2.03 ? 21  LYS A HZ1  1 
ATOM 318  H HZ2  . LYS A 1 21  ? -13.647 11.725  -3.961  1.00 2.03 ? 21  LYS A HZ2  1 
ATOM 319  H HZ3  . LYS A 1 21  ? -14.921 12.319  -3.013  1.00 1.96 ? 21  LYS A HZ3  1 
ATOM 320  N N    . LEU A 1 22  ? -12.324 4.163   -4.736  1.00 0.11 ? 22  LEU A N    1 
ATOM 321  C CA   . LEU A 1 22  ? -11.269 3.126   -4.779  1.00 0.12 ? 22  LEU A CA   1 
ATOM 322  C C    . LEU A 1 22  ? -10.297 3.425   -3.630  1.00 0.12 ? 22  LEU A C    1 
ATOM 323  O O    . LEU A 1 22  ? -10.143 4.561   -3.226  1.00 0.14 ? 22  LEU A O    1 
ATOM 324  C CB   . LEU A 1 22  ? -10.549 3.221   -6.140  1.00 0.15 ? 22  LEU A CB   1 
ATOM 325  C CG   . LEU A 1 22  ? -10.251 1.839   -6.747  1.00 0.29 ? 22  LEU A CG   1 
ATOM 326  C CD1  . LEU A 1 22  ? -9.374  2.023   -8.023  1.00 0.31 ? 22  LEU A CD1  1 
ATOM 327  C CD2  . LEU A 1 22  ? -9.523  0.947   -5.715  1.00 0.47 ? 22  LEU A CD2  1 
ATOM 328  H H    . LEU A 1 22  ? -12.452 4.759   -5.505  1.00 0.11 ? 22  LEU A H    1 
ATOM 329  H HA   . LEU A 1 22  ? -11.717 2.159   -4.643  1.00 0.11 ? 22  LEU A HA   1 
ATOM 330  H HB2  . LEU A 1 22  ? -11.162 3.781   -6.830  1.00 0.36 ? 22  LEU A HB2  1 
ATOM 331  H HB3  . LEU A 1 22  ? -9.616  3.738   -6.001  1.00 0.28 ? 22  LEU A HB3  1 
ATOM 332  H HG   . LEU A 1 22  ? -11.190 1.375   -7.023  1.00 0.46 ? 22  LEU A HG   1 
ATOM 333  H HD11 . LEU A 1 22  ? -8.843  2.964   -7.987  1.00 1.10 ? 22  LEU A HD11 1 
ATOM 334  H HD12 . LEU A 1 22  ? -8.656  1.228   -8.106  1.00 0.97 ? 22  LEU A HD12 1 
ATOM 335  H HD13 . LEU A 1 22  ? -10.010 2.016   -8.898  1.00 1.05 ? 22  LEU A HD13 1 
ATOM 336  H HD21 . LEU A 1 22  ? -8.809  1.540   -5.166  1.00 1.10 ? 22  LEU A HD21 1 
ATOM 337  H HD22 . LEU A 1 22  ? -10.239 0.521   -5.033  1.00 1.10 ? 22  LEU A HD22 1 
ATOM 338  H HD23 . LEU A 1 22  ? -9.009  0.144   -6.220  1.00 1.23 ? 22  LEU A HD23 1 
ATOM 339  N N    . VAL A 1 23  ? -9.640  2.430   -3.105  1.00 0.11 ? 23  VAL A N    1 
ATOM 340  C CA   . VAL A 1 23  ? -8.677  2.660   -1.987  1.00 0.11 ? 23  VAL A CA   1 
ATOM 341  C C    . VAL A 1 23  ? -7.465  1.783   -2.239  1.00 0.11 ? 23  VAL A C    1 
ATOM 342  O O    . VAL A 1 23  ? -7.569  0.573   -2.266  1.00 0.17 ? 23  VAL A O    1 
ATOM 343  C CB   . VAL A 1 23  ? -9.308  2.242   -0.639  1.00 0.11 ? 23  VAL A CB   1 
ATOM 344  C CG1  . VAL A 1 23  ? -8.275  2.399   0.497   1.00 0.16 ? 23  VAL A CG1  1 
ATOM 345  C CG2  . VAL A 1 23  ? -10.554 3.104   -0.309  1.00 0.12 ? 23  VAL A CG2  1 
ATOM 346  H H    . VAL A 1 23  ? -9.768  1.527   -3.453  1.00 0.11 ? 23  VAL A H    1 
ATOM 347  H HA   . VAL A 1 23  ? -8.376  3.698   -1.950  1.00 0.12 ? 23  VAL A HA   1 
ATOM 348  H HB   . VAL A 1 23  ? -9.599  1.204   -0.703  1.00 0.11 ? 23  VAL A HB   1 
ATOM 349  H HG11 . VAL A 1 23  ? -7.397  1.809   0.289   1.00 0.97 ? 23  VAL A HG11 1 
ATOM 350  H HG12 . VAL A 1 23  ? -7.996  3.439   0.586   1.00 0.99 ? 23  VAL A HG12 1 
ATOM 351  H HG13 . VAL A 1 23  ? -8.716  2.070   1.426   1.00 1.00 ? 23  VAL A HG13 1 
ATOM 352  H HG21 . VAL A 1 23  ? -10.868 3.661   -1.172  1.00 1.01 ? 23  VAL A HG21 1 
ATOM 353  H HG22 . VAL A 1 23  ? -11.364 2.462   0.014   1.00 1.01 ? 23  VAL A HG22 1 
ATOM 354  H HG23 . VAL A 1 23  ? -10.315 3.791   0.483   1.00 1.03 ? 23  VAL A HG23 1 
ATOM 355  N N    . VAL A 1 24  ? -6.313  2.373   -2.405  1.00 0.09 ? 24  VAL A N    1 
ATOM 356  C CA   . VAL A 1 24  ? -5.084  1.561   -2.634  1.00 0.09 ? 24  VAL A CA   1 
ATOM 357  C C    . VAL A 1 24  ? -4.248  1.630   -1.357  1.00 0.09 ? 24  VAL A C    1 
ATOM 358  O O    . VAL A 1 24  ? -4.202  2.653   -0.705  1.00 0.10 ? 24  VAL A O    1 
ATOM 359  C CB   . VAL A 1 24  ? -4.279  2.124   -3.808  1.00 0.11 ? 24  VAL A CB   1 
ATOM 360  C CG1  . VAL A 1 24  ? -3.138  1.156   -4.138  1.00 0.12 ? 24  VAL A CG1  1 
ATOM 361  C CG2  . VAL A 1 24  ? -5.184  2.278   -5.034  1.00 0.14 ? 24  VAL A CG2  1 
ATOM 362  H H    . VAL A 1 24  ? -6.253  3.350   -2.364  1.00 0.10 ? 24  VAL A H    1 
ATOM 363  H HA   . VAL A 1 24  ? -5.352  0.532   -2.836  1.00 0.10 ? 24  VAL A HA   1 
ATOM 364  H HB   . VAL A 1 24  ? -3.867  3.087   -3.538  1.00 0.13 ? 24  VAL A HB   1 
ATOM 365  H HG11 . VAL A 1 24  ? -3.533  0.155   -4.238  1.00 1.02 ? 24  VAL A HG11 1 
ATOM 366  H HG12 . VAL A 1 24  ? -2.670  1.450   -5.064  1.00 1.03 ? 24  VAL A HG12 1 
ATOM 367  H HG13 . VAL A 1 24  ? -2.411  1.170   -3.342  1.00 1.00 ? 24  VAL A HG13 1 
ATOM 368  H HG21 . VAL A 1 24  ? -6.104  2.762   -4.747  1.00 1.03 ? 24  VAL A HG21 1 
ATOM 369  H HG22 . VAL A 1 24  ? -4.681  2.878   -5.779  1.00 1.01 ? 24  VAL A HG22 1 
ATOM 370  H HG23 . VAL A 1 24  ? -5.403  1.307   -5.442  1.00 1.00 ? 24  VAL A HG23 1 
ATOM 371  N N    . VAL A 1 25  ? -3.619  0.548   -0.971  1.00 0.09 ? 25  VAL A N    1 
ATOM 372  C CA   . VAL A 1 25  ? -2.810  0.553   0.293   1.00 0.09 ? 25  VAL A CA   1 
ATOM 373  C C    . VAL A 1 25  ? -1.385  0.096   -0.014  1.00 0.10 ? 25  VAL A C    1 
ATOM 374  O O    . VAL A 1 25  ? -1.166  -0.977  -0.534  1.00 0.11 ? 25  VAL A O    1 
ATOM 375  C CB   . VAL A 1 25  ? -3.452  -0.416  1.296   1.00 0.09 ? 25  VAL A CB   1 
ATOM 376  C CG1  . VAL A 1 25  ? -2.711  -0.364  2.648   1.00 0.13 ? 25  VAL A CG1  1 
ATOM 377  C CG2  . VAL A 1 25  ? -4.938  -0.060  1.490   1.00 0.10 ? 25  VAL A CG2  1 
ATOM 378  H H    . VAL A 1 25  ? -3.693  -0.274  -1.499  1.00 0.10 ? 25  VAL A H    1 
ATOM 379  H HA   . VAL A 1 25  ? -2.780  1.544   0.721   1.00 0.10 ? 25  VAL A HA   1 
ATOM 380  H HB   . VAL A 1 25  ? -3.379  -1.415  0.902   1.00 0.12 ? 25  VAL A HB   1 
ATOM 381  H HG11 . VAL A 1 25  ? -1.654  -0.222  2.488   1.00 0.98 ? 25  VAL A HG11 1 
ATOM 382  H HG12 . VAL A 1 25  ? -3.093  0.451   3.242   1.00 0.99 ? 25  VAL A HG12 1 
ATOM 383  H HG13 . VAL A 1 25  ? -2.865  -1.293  3.177   1.00 1.00 ? 25  VAL A HG13 1 
ATOM 384  H HG21 . VAL A 1 25  ? -5.389  0.156   0.534   1.00 1.01 ? 25  VAL A HG21 1 
ATOM 385  H HG22 . VAL A 1 25  ? -5.449  -0.897  1.943   1.00 1.01 ? 25  VAL A HG22 1 
ATOM 386  H HG23 . VAL A 1 25  ? -5.031  0.805   2.128   1.00 0.98 ? 25  VAL A HG23 1 
ATOM 387  N N    . ASP A 1 26  ? -0.414  0.902   0.323   1.00 0.11 ? 26  ASP A N    1 
ATOM 388  C CA   . ASP A 1 26  ? 1.017   0.531   0.073   1.00 0.12 ? 26  ASP A CA   1 
ATOM 389  C C    . ASP A 1 26  ? 1.656   0.007   1.372   1.00 0.14 ? 26  ASP A C    1 
ATOM 390  O O    . ASP A 1 26  ? 1.728   0.704   2.362   1.00 0.20 ? 26  ASP A O    1 
ATOM 391  C CB   . ASP A 1 26  ? 1.769   1.774   -0.416  1.00 0.14 ? 26  ASP A CB   1 
ATOM 392  C CG   . ASP A 1 26  ? 3.213   1.406   -0.754  1.00 0.16 ? 26  ASP A CG   1 
ATOM 393  O OD1  . ASP A 1 26  ? 3.438   0.282   -1.172  1.00 1.05 ? 26  ASP A OD1  1 
ATOM 394  O OD2  . ASP A 1 26  ? 4.068   2.263   -0.600  1.00 1.04 ? 26  ASP A OD2  1 
ATOM 395  H H    . ASP A 1 26  ? -0.623  1.758   0.755   1.00 0.11 ? 26  ASP A H    1 
ATOM 396  H HA   . ASP A 1 26  ? 1.071   -0.240  -0.694  1.00 0.13 ? 26  ASP A HA   1 
ATOM 397  H HB2  . ASP A 1 26  ? 1.282   2.164   -1.299  1.00 0.16 ? 26  ASP A HB2  1 
ATOM 398  H HB3  . ASP A 1 26  ? 1.763   2.528   0.356   1.00 0.16 ? 26  ASP A HB3  1 
ATOM 399  N N    . PHE A 1 27  ? 2.127   -1.215  1.370   1.00 0.13 ? 27  PHE A N    1 
ATOM 400  C CA   . PHE A 1 27  ? 2.775   -1.799  2.594   1.00 0.13 ? 27  PHE A CA   1 
ATOM 401  C C    . PHE A 1 27  ? 4.291   -1.675  2.483   1.00 0.22 ? 27  PHE A C    1 
ATOM 402  O O    . PHE A 1 27  ? 5.023   -2.497  2.984   1.00 0.73 ? 27  PHE A O    1 
ATOM 403  C CB   . PHE A 1 27  ? 2.408   -3.282  2.731   1.00 0.11 ? 27  PHE A CB   1 
ATOM 404  C CG   . PHE A 1 27  ? 0.996   -3.423  3.238   1.00 0.10 ? 27  PHE A CG   1 
ATOM 405  C CD1  . PHE A 1 27  ? 0.745   -3.345  4.621   1.00 0.11 ? 27  PHE A CD1  1 
ATOM 406  C CD2  . PHE A 1 27  ? -0.061  -3.649  2.341   1.00 0.12 ? 27  PHE A CD2  1 
ATOM 407  C CE1  . PHE A 1 27  ? -0.569  -3.491  5.107   1.00 0.14 ? 27  PHE A CE1  1 
ATOM 408  C CE2  . PHE A 1 27  ? -1.373  -3.793  2.829   1.00 0.14 ? 27  PHE A CE2  1 
ATOM 409  C CZ   . PHE A 1 27  ? -1.628  -3.714  4.209   1.00 0.14 ? 27  PHE A CZ   1 
ATOM 410  H H    . PHE A 1 27  ? 2.060   -1.756  0.555   1.00 0.17 ? 27  PHE A H    1 
ATOM 411  H HA   . PHE A 1 27  ? 2.444   -1.264  3.475   1.00 0.14 ? 27  PHE A HA   1 
ATOM 412  H HB2  . PHE A 1 27  ? 2.487   -3.758  1.765   1.00 0.11 ? 27  PHE A HB2  1 
ATOM 413  H HB3  . PHE A 1 27  ? 3.084   -3.761  3.425   1.00 0.11 ? 27  PHE A HB3  1 
ATOM 414  H HD1  . PHE A 1 27  ? 1.559   -3.173  5.308   1.00 0.14 ? 27  PHE A HD1  1 
ATOM 415  H HD2  . PHE A 1 27  ? 0.132   -3.714  1.280   1.00 0.15 ? 27  PHE A HD2  1 
ATOM 416  H HE1  . PHE A 1 27  ? -0.765  -3.433  6.168   1.00 0.17 ? 27  PHE A HE1  1 
ATOM 417  H HE2  . PHE A 1 27  ? -2.184  -3.958  2.144   1.00 0.17 ? 27  PHE A HE2  1 
ATOM 418  H HZ   . PHE A 1 27  ? -2.636  -3.827  4.580   1.00 0.17 ? 27  PHE A HZ   1 
ATOM 419  N N    . SER A 1 28  ? 4.776   -0.678  1.813   1.00 0.30 ? 28  SER A N    1 
ATOM 420  C CA   . SER A 1 28  ? 6.251   -0.553  1.672   1.00 0.24 ? 28  SER A CA   1 
ATOM 421  C C    . SER A 1 28  ? 6.901   -0.342  3.036   1.00 0.24 ? 28  SER A C    1 
ATOM 422  O O    . SER A 1 28  ? 6.340   0.271   3.921   1.00 0.28 ? 28  SER A O    1 
ATOM 423  C CB   . SER A 1 28  ? 6.580   0.641   0.781   1.00 0.27 ? 28  SER A CB   1 
ATOM 424  O OG   . SER A 1 28  ? 6.043   0.421   -0.517  1.00 0.29 ? 28  SER A OG   1 
ATOM 425  H H    . SER A 1 28  ? 4.179   -0.026  1.391   1.00 0.71 ? 28  SER A H    1 
ATOM 426  H HA   . SER A 1 28  ? 6.644   -1.451  1.230   1.00 0.21 ? 28  SER A HA   1 
ATOM 427  H HB2  . SER A 1 28  ? 6.151   1.537   1.199   1.00 0.30 ? 28  SER A HB2  1 
ATOM 428  H HB3  . SER A 1 28  ? 7.654   0.754   0.722   1.00 0.24 ? 28  SER A HB3  1 
ATOM 429  H HG   . SER A 1 28  ? 5.351   1.063   -0.664  1.00 0.84 ? 28  SER A HG   1 
ATOM 430  N N    . ALA A 1 29  ? 8.100   -0.833  3.197   1.00 0.20 ? 29  ALA A N    1 
ATOM 431  C CA   . ALA A 1 29  ? 8.820   -0.651  4.485   1.00 0.21 ? 29  ALA A CA   1 
ATOM 432  C C    . ALA A 1 29  ? 9.516   0.705   4.433   1.00 0.22 ? 29  ALA A C    1 
ATOM 433  O O    . ALA A 1 29  ? 10.256  0.992   3.514   1.00 0.22 ? 29  ALA A O    1 
ATOM 434  C CB   . ALA A 1 29  ? 9.862   -1.773  4.656   1.00 0.19 ? 29  ALA A CB   1 
ATOM 435  H H    . ALA A 1 29  ? 8.535   -1.310  2.459   1.00 0.18 ? 29  ALA A H    1 
ATOM 436  H HA   . ALA A 1 29  ? 8.118   -0.668  5.306   1.00 0.23 ? 29  ALA A HA   1 
ATOM 437  H HB1  . ALA A 1 29  ? 10.162  -2.135  3.684   1.00 1.00 ? 29  ALA A HB1  1 
ATOM 438  H HB2  . ALA A 1 29  ? 10.731  -1.397  5.179   1.00 1.00 ? 29  ALA A HB2  1 
ATOM 439  H HB3  . ALA A 1 29  ? 9.429   -2.586  5.222   1.00 1.04 ? 29  ALA A HB3  1 
ATOM 440  N N    . THR A 1 30  ? 9.283   1.551   5.393   1.00 0.23 ? 30  THR A N    1 
ATOM 441  C CA   . THR A 1 30  ? 9.943   2.877   5.344   1.00 0.24 ? 30  THR A CA   1 
ATOM 442  C C    . THR A 1 30  ? 11.450  2.687   5.551   1.00 0.22 ? 30  THR A C    1 
ATOM 443  O O    . THR A 1 30  ? 12.258  3.415   5.010   1.00 0.22 ? 30  THR A O    1 
ATOM 444  C CB   . THR A 1 30  ? 9.353   3.810   6.425   1.00 0.28 ? 30  THR A CB   1 
ATOM 445  O OG1  . THR A 1 30  ? 9.980   5.079   6.330   1.00 0.30 ? 30  THR A OG1  1 
ATOM 446  C CG2  . THR A 1 30  ? 9.561   3.251   7.852   1.00 0.29 ? 30  THR A CG2  1 
ATOM 447  H H    . THR A 1 30  ? 8.675   1.319   6.128   1.00 0.24 ? 30  THR A H    1 
ATOM 448  H HA   . THR A 1 30  ? 9.771   3.313   4.368   1.00 0.25 ? 30  THR A HA   1 
ATOM 449  H HB   . THR A 1 30  ? 8.293   3.928   6.241   1.00 0.30 ? 30  THR A HB   1 
ATOM 450  H HG1  . THR A 1 30  ? 10.770  5.061   6.873   1.00 0.93 ? 30  THR A HG1  1 
ATOM 451  H HG21 . THR A 1 30  ? 10.323  2.495   7.859   1.00 1.05 ? 30  THR A HG21 1 
ATOM 452  H HG22 . THR A 1 30  ? 9.858   4.057   8.507   1.00 1.08 ? 30  THR A HG22 1 
ATOM 453  H HG23 . THR A 1 30  ? 8.642   2.825   8.215   1.00 1.05 ? 30  THR A HG23 1 
ATOM 454  N N    . TRP A 1 31  ? 11.829  1.700   6.320   1.00 0.22 ? 31  TRP A N    1 
ATOM 455  C CA   . TRP A 1 31  ? 13.280  1.450   6.567   1.00 0.21 ? 31  TRP A CA   1 
ATOM 456  C C    . TRP A 1 31  ? 13.950  0.880   5.318   1.00 0.19 ? 31  TRP A C    1 
ATOM 457  O O    . TRP A 1 31  ? 15.151  0.973   5.154   1.00 0.22 ? 31  TRP A O    1 
ATOM 458  C CB   . TRP A 1 31  ? 13.433  0.455   7.709   1.00 0.23 ? 31  TRP A CB   1 
ATOM 459  C CG   . TRP A 1 31  ? 12.807  -0.846  7.328   1.00 0.22 ? 31  TRP A CG   1 
ATOM 460  C CD1  . TRP A 1 31  ? 11.577  -1.245  7.708   1.00 0.26 ? 31  TRP A CD1  1 
ATOM 461  C CD2  . TRP A 1 31  ? 13.341  -1.908  6.487   1.00 0.21 ? 31  TRP A CD2  1 
ATOM 462  N NE1  . TRP A 1 31  ? 11.336  -2.512  7.205   1.00 0.25 ? 31  TRP A NE1  1 
ATOM 463  C CE2  . TRP A 1 31  ? 12.388  -2.960  6.433   1.00 0.21 ? 31  TRP A CE2  1 
ATOM 464  C CE3  . TRP A 1 31  ? 14.557  -2.069  5.782   1.00 0.21 ? 31  TRP A CE3  1 
ATOM 465  C CZ2  . TRP A 1 31  ? 12.631  -4.130  5.703   1.00 0.21 ? 31  TRP A CZ2  1 
ATOM 466  C CZ3  . TRP A 1 31  ? 14.800  -3.242  5.041   1.00 0.23 ? 31  TRP A CZ3  1 
ATOM 467  C CH2  . TRP A 1 31  ? 13.840  -4.270  5.003   1.00 0.21 ? 31  TRP A CH2  1 
ATOM 468  H H    . TRP A 1 31  ? 11.153  1.116   6.738   1.00 0.24 ? 31  TRP A H    1 
ATOM 469  H HA   . TRP A 1 31  ? 13.762  2.379   6.840   1.00 0.23 ? 31  TRP A HA   1 
ATOM 470  H HB2  . TRP A 1 31  ? 14.483  0.303   7.914   1.00 0.24 ? 31  TRP A HB2  1 
ATOM 471  H HB3  . TRP A 1 31  ? 12.947  0.843   8.591   1.00 0.26 ? 31  TRP A HB3  1 
ATOM 472  H HD1  . TRP A 1 31  ? 10.904  -0.678  8.324   1.00 0.29 ? 31  TRP A HD1  1 
ATOM 473  H HE1  . TRP A 1 31  ? 10.520  -3.035  7.352   1.00 0.27 ? 31  TRP A HE1  1 
ATOM 474  H HE3  . TRP A 1 31  ? 15.300  -1.287  5.808   1.00 0.23 ? 31  TRP A HE3  1 
ATOM 475  H HZ2  . TRP A 1 31  ? 11.893  -4.917  5.675   1.00 0.22 ? 31  TRP A HZ2  1 
ATOM 476  H HZ3  . TRP A 1 31  ? 15.729  -3.354  4.502   1.00 0.26 ? 31  TRP A HZ3  1 
ATOM 477  H HH2  . TRP A 1 31  ? 14.030  -5.163  4.431   1.00 0.23 ? 31  TRP A HH2  1 
ATOM 478  N N    . CYS A 1 32  ? 13.196  0.283   4.437   1.00 0.18 ? 32  CYS A N    1 
ATOM 479  C CA   . CYS A 1 32  ? 13.810  -0.291  3.208   1.00 0.17 ? 32  CYS A CA   1 
ATOM 480  C C    . CYS A 1 32  ? 13.939  0.832   2.179   1.00 0.17 ? 32  CYS A C    1 
ATOM 481  O O    . CYS A 1 32  ? 12.966  1.428   1.762   1.00 0.20 ? 32  CYS A O    1 
ATOM 482  C CB   . CYS A 1 32  ? 12.913  -1.420  2.677   1.00 0.18 ? 32  CYS A CB   1 
ATOM 483  S SG   . CYS A 1 32  ? 13.808  -2.394  1.432   1.00 0.26 ? 32  CYS A SG   1 
ATOM 484  H H    . CYS A 1 32  ? 12.230  0.210   4.586   1.00 0.21 ? 32  CYS A H    1 
ATOM 485  H HA   . CYS A 1 32  ? 14.792  -0.678  3.438   1.00 0.18 ? 32  CYS A HA   1 
ATOM 486  H HB2  . CYS A 1 32  ? 12.628  -2.064  3.497   1.00 0.20 ? 32  CYS A HB2  1 
ATOM 487  H HB3  . CYS A 1 32  ? 12.027  -0.996  2.239   1.00 0.18 ? 32  CYS A HB3  1 
ATOM 488  N N    . GLY A 1 33  ? 15.148  1.150   1.801   1.00 0.20 ? 33  GLY A N    1 
ATOM 489  C CA   . GLY A 1 33  ? 15.365  2.262   0.834   1.00 0.23 ? 33  GLY A CA   1 
ATOM 490  C C    . GLY A 1 33  ? 14.711  1.968   -0.520  1.00 0.21 ? 33  GLY A C    1 
ATOM 491  O O    . GLY A 1 33  ? 13.977  2.786   -1.035  1.00 0.22 ? 33  GLY A O    1 
ATOM 492  H H    . GLY A 1 33  ? 15.918  0.673   2.176   1.00 0.23 ? 33  GLY A H    1 
ATOM 493  H HA2  . GLY A 1 33  ? 14.944  3.168   1.241   1.00 0.26 ? 33  GLY A HA2  1 
ATOM 494  H HA3  . GLY A 1 33  ? 16.427  2.400   0.689   1.00 0.28 ? 33  GLY A HA3  1 
ATOM 495  N N    . PRO A 1 34  ? 14.975  0.830   -1.116  1.00 0.21 ? 34  PRO A N    1 
ATOM 496  C CA   . PRO A 1 34  ? 14.365  0.509   -2.435  1.00 0.22 ? 34  PRO A CA   1 
ATOM 497  C C    . PRO A 1 34  ? 12.839  0.679   -2.432  1.00 0.22 ? 34  PRO A C    1 
ATOM 498  O O    . PRO A 1 34  ? 12.248  1.091   -3.408  1.00 0.24 ? 34  PRO A O    1 
ATOM 499  C CB   . PRO A 1 34  ? 14.746  -0.970  -2.604  1.00 0.29 ? 34  PRO A CB   1 
ATOM 500  C CG   . PRO A 1 34  ? 15.931  -1.251  -1.670  1.00 0.31 ? 34  PRO A CG   1 
ATOM 501  C CD   . PRO A 1 34  ? 15.896  -0.199  -0.548  1.00 0.24 ? 34  PRO A CD   1 
ATOM 502  H HA   . PRO A 1 34  ? 14.814  1.098   -3.217  1.00 0.25 ? 34  PRO A HA   1 
ATOM 503  H HB2  . PRO A 1 34  ? 13.908  -1.607  -2.338  1.00 0.50 ? 34  PRO A HB2  1 
ATOM 504  H HB3  . PRO A 1 34  ? 15.037  -1.161  -3.628  1.00 0.35 ? 34  PRO A HB3  1 
ATOM 505  H HG2  . PRO A 1 34  ? 15.837  -2.247  -1.246  1.00 0.48 ? 34  PRO A HG2  1 
ATOM 506  H HG3  . PRO A 1 34  ? 16.861  -1.173  -2.214  1.00 0.47 ? 34  PRO A HG3  1 
ATOM 507  H HD2  . PRO A 1 34  ? 15.495  -0.627  0.356   1.00 0.19 ? 34  PRO A HD2  1 
ATOM 508  H HD3  . PRO A 1 34  ? 16.873  0.225   -0.376  1.00 0.35 ? 34  PRO A HD3  1 
ATOM 509  N N    . ALA A 1 35  ? 12.204  0.352   -1.338  1.00 0.21 ? 35  ALA A N    1 
ATOM 510  C CA   . ALA A 1 35  ? 10.719  0.472   -1.268  1.00 0.23 ? 35  ALA A CA   1 
ATOM 511  C C    . ALA A 1 35  ? 10.316  1.936   -1.047  1.00 0.23 ? 35  ALA A C    1 
ATOM 512  O O    . ALA A 1 35  ? 9.477   2.471   -1.743  1.00 0.22 ? 35  ALA A O    1 
ATOM 513  C CB   . ALA A 1 35  ? 10.201  -0.415  -0.119  1.00 0.24 ? 35  ALA A CB   1 
ATOM 514  H H    . ALA A 1 35  ? 12.703  0.014   -0.566  1.00 0.20 ? 35  ALA A H    1 
ATOM 515  H HA   . ALA A 1 35  ? 10.298  0.129   -2.200  1.00 0.25 ? 35  ALA A HA   1 
ATOM 516  H HB1  . ALA A 1 35  ? 10.980  -1.100  0.174   1.00 1.04 ? 35  ALA A HB1  1 
ATOM 517  H HB2  . ALA A 1 35  ? 9.926   0.195   0.732   1.00 1.04 ? 35  ALA A HB2  1 
ATOM 518  H HB3  . ALA A 1 35  ? 9.339   -0.977  -0.449  1.00 1.02 ? 35  ALA A HB3  1 
ATOM 519  N N    . LYS A 1 36  ? 10.913  2.589   -0.091  1.00 0.25 ? 36  LYS A N    1 
ATOM 520  C CA   . LYS A 1 36  ? 10.564  4.012   0.160   1.00 0.27 ? 36  LYS A CA   1 
ATOM 521  C C    . LYS A 1 36  ? 10.862  4.817   -1.098  1.00 0.26 ? 36  LYS A C    1 
ATOM 522  O O    . LYS A 1 36  ? 10.156  5.736   -1.449  1.00 0.27 ? 36  LYS A O    1 
ATOM 523  C CB   . LYS A 1 36  ? 11.409  4.560   1.312   1.00 0.33 ? 36  LYS A CB   1 
ATOM 524  C CG   . LYS A 1 36  ? 10.950  5.984   1.644   1.00 0.37 ? 36  LYS A CG   1 
ATOM 525  C CD   . LYS A 1 36  ? 11.930  6.639   2.620   1.00 0.44 ? 36  LYS A CD   1 
ATOM 526  C CE   . LYS A 1 36  ? 11.638  8.145   2.713   1.00 0.89 ? 36  LYS A CE   1 
ATOM 527  N NZ   . LYS A 1 36  ? 12.045  8.644   4.054   1.00 1.59 ? 36  LYS A NZ   1 
ATOM 528  H H    . LYS A 1 36  ? 11.592  2.144   0.459   1.00 0.27 ? 36  LYS A H    1 
ATOM 529  H HA   . LYS A 1 36  ? 9.516   4.094   0.406   1.00 0.27 ? 36  LYS A HA   1 
ATOM 530  H HB2  . LYS A 1 36  ? 11.289  3.928   2.180   1.00 0.34 ? 36  LYS A HB2  1 
ATOM 531  H HB3  . LYS A 1 36  ? 12.448  4.577   1.018   1.00 0.34 ? 36  LYS A HB3  1 
ATOM 532  H HG2  . LYS A 1 36  ? 10.906  6.576   0.742   1.00 0.38 ? 36  LYS A HG2  1 
ATOM 533  H HG3  . LYS A 1 36  ? 9.971   5.949   2.095   1.00 0.39 ? 36  LYS A HG3  1 
ATOM 534  H HD2  . LYS A 1 36  ? 11.818  6.189   3.595   1.00 0.71 ? 36  LYS A HD2  1 
ATOM 535  H HD3  . LYS A 1 36  ? 12.941  6.490   2.269   1.00 0.77 ? 36  LYS A HD3  1 
ATOM 536  H HE2  . LYS A 1 36  ? 12.196  8.670   1.950   1.00 1.49 ? 36  LYS A HE2  1 
ATOM 537  H HE3  . LYS A 1 36  ? 10.581  8.327   2.570   1.00 1.43 ? 36  LYS A HE3  1 
ATOM 538  H HZ1  . LYS A 1 36  ? 11.552  8.099   4.789   1.00 2.12 ? 36  LYS A HZ1  1 
ATOM 539  H HZ2  . LYS A 1 36  ? 13.073  8.532   4.168   1.00 2.03 ? 36  LYS A HZ2  1 
ATOM 540  H HZ3  . LYS A 1 36  ? 11.792  9.648   4.142   1.00 2.08 ? 36  LYS A HZ3  1 
ATOM 541  N N    . MET A 1 37  ? 11.918  4.479   -1.765  1.00 0.28 ? 37  MET A N    1 
ATOM 542  C CA   . MET A 1 37  ? 12.310  5.219   -2.988  1.00 0.30 ? 37  MET A CA   1 
ATOM 543  C C    . MET A 1 37  ? 11.186  5.177   -4.026  1.00 0.25 ? 37  MET A C    1 
ATOM 544  O O    . MET A 1 37  ? 11.087  6.046   -4.864  1.00 0.25 ? 37  MET A O    1 
ATOM 545  C CB   . MET A 1 37  ? 13.591  4.597   -3.552  1.00 0.38 ? 37  MET A CB   1 
ATOM 546  C CG   . MET A 1 37  ? 14.141  5.443   -4.723  1.00 0.44 ? 37  MET A CG   1 
ATOM 547  S SD   . MET A 1 37  ? 13.652  4.692   -6.301  1.00 1.54 ? 37  MET A SD   1 
ATOM 548  C CE   . MET A 1 37  ? 15.204  4.970   -7.196  1.00 2.10 ? 37  MET A CE   1 
ATOM 549  H H    . MET A 1 37  ? 12.477  3.738   -1.446  1.00 0.30 ? 37  MET A H    1 
ATOM 550  H HA   . MET A 1 37  ? 12.506  6.248   -2.723  1.00 0.33 ? 37  MET A HA   1 
ATOM 551  H HB2  . MET A 1 37  ? 14.328  4.545   -2.763  1.00 0.43 ? 37  MET A HB2  1 
ATOM 552  H HB3  . MET A 1 37  ? 13.375  3.596   -3.898  1.00 0.38 ? 37  MET A HB3  1 
ATOM 553  H HG2  . MET A 1 37  ? 13.747  6.449   -4.672  1.00 1.03 ? 37  MET A HG2  1 
ATOM 554  H HG3  . MET A 1 37  ? 15.218  5.484   -4.659  1.00 1.02 ? 37  MET A HG3  1 
ATOM 555  H HE1  . MET A 1 37  ? 16.030  4.578   -6.619  1.00 2.66 ? 37  MET A HE1  1 
ATOM 556  H HE2  . MET A 1 37  ? 15.160  4.471   -8.154  1.00 2.40 ? 37  MET A HE2  1 
ATOM 557  H HE3  . MET A 1 37  ? 15.346  6.027   -7.350  1.00 2.51 ? 37  MET A HE3  1 
ATOM 558  N N    . ILE A 1 38  ? 10.350  4.174   -3.987  1.00 0.23 ? 38  ILE A N    1 
ATOM 559  C CA   . ILE A 1 38  ? 9.231   4.076   -4.978  1.00 0.25 ? 38  ILE A CA   1 
ATOM 560  C C    . ILE A 1 38  ? 8.032   4.906   -4.499  1.00 0.26 ? 38  ILE A C    1 
ATOM 561  O O    . ILE A 1 38  ? 7.028   5.009   -5.173  1.00 0.31 ? 38  ILE A O    1 
ATOM 562  C CB   . ILE A 1 38  ? 8.794   2.607   -5.114  1.00 0.33 ? 38  ILE A CB   1 
ATOM 563  C CG1  . ILE A 1 38  ? 10.000  1.752   -5.540  1.00 0.34 ? 38  ILE A CG1  1 
ATOM 564  C CG2  . ILE A 1 38  ? 7.681   2.490   -6.167  1.00 0.35 ? 38  ILE A CG2  1 
ATOM 565  C CD1  . ILE A 1 38  ? 9.735   0.276   -5.235  1.00 0.49 ? 38  ILE A CD1  1 
ATOM 566  H H    . ILE A 1 38  ? 10.458  3.479   -3.305  1.00 0.24 ? 38  ILE A H    1 
ATOM 567  H HA   . ILE A 1 38  ? 9.564   4.443   -5.935  1.00 0.27 ? 38  ILE A HA   1 
ATOM 568  H HB   . ILE A 1 38  ? 8.416   2.263   -4.161  1.00 0.47 ? 38  ILE A HB   1 
ATOM 569  H HG12 . ILE A 1 38  ? 10.173  1.874   -6.598  1.00 0.28 ? 38  ILE A HG12 1 
ATOM 570  H HG13 . ILE A 1 38  ? 10.875  2.069   -4.998  1.00 0.48 ? 38  ILE A HG13 1 
ATOM 571  H HG21 . ILE A 1 38  ? 7.946   3.069   -7.039  1.00 1.13 ? 38  ILE A HG21 1 
ATOM 572  H HG22 . ILE A 1 38  ? 7.553   1.459   -6.448  1.00 1.06 ? 38  ILE A HG22 1 
ATOM 573  H HG23 . ILE A 1 38  ? 6.753   2.855   -5.758  1.00 1.05 ? 38  ILE A HG23 1 
ATOM 574  H HD11 . ILE A 1 38  ? 9.288   0.186   -4.266  1.00 1.22 ? 38  ILE A HD11 1 
ATOM 575  H HD12 . ILE A 1 38  ? 9.071   -0.138  -5.974  1.00 1.01 ? 38  ILE A HD12 1 
ATOM 576  H HD13 . ILE A 1 38  ? 10.669  -0.266  -5.250  1.00 1.06 ? 38  ILE A HD13 1 
ATOM 577  N N    . LYS A 1 39  ? 8.103   5.482   -3.332  1.00 0.27 ? 39  LYS A N    1 
ATOM 578  C CA   . LYS A 1 39  ? 6.928   6.255   -2.840  1.00 0.34 ? 39  LYS A CA   1 
ATOM 579  C C    . LYS A 1 39  ? 6.543   7.438   -3.760  1.00 0.30 ? 39  LYS A C    1 
ATOM 580  O O    . LYS A 1 39  ? 5.394   7.813   -3.772  1.00 0.33 ? 39  LYS A O    1 
ATOM 581  C CB   . LYS A 1 39  ? 7.141   6.759   -1.388  1.00 0.46 ? 39  LYS A CB   1 
ATOM 582  C CG   . LYS A 1 39  ? 8.021   8.034   -1.314  1.00 0.50 ? 39  LYS A CG   1 
ATOM 583  C CD   . LYS A 1 39  ? 7.859   8.694   0.062   1.00 0.65 ? 39  LYS A CD   1 
ATOM 584  C CE   . LYS A 1 39  ? 6.493   9.403   0.192   1.00 0.80 ? 39  LYS A CE   1 
ATOM 585  N NZ   . LYS A 1 39  ? 5.823   8.926   1.431   1.00 0.75 ? 39  LYS A NZ   1 
ATOM 586  H H    . LYS A 1 39  ? 8.904   5.385   -2.777  1.00 0.26 ? 39  LYS A H    1 
ATOM 587  H HA   . LYS A 1 39  ? 6.087   5.576   -2.825  1.00 0.39 ? 39  LYS A HA   1 
ATOM 588  H HB2  . LYS A 1 39  ? 6.181   6.964   -0.947  1.00 0.54 ? 39  LYS A HB2  1 
ATOM 589  H HB3  . LYS A 1 39  ? 7.620   5.974   -0.820  1.00 0.48 ? 39  LYS A HB3  1 
ATOM 590  H HG2  . LYS A 1 39  ? 9.053   7.766   -1.439  1.00 0.47 ? 39  LYS A HG2  1 
ATOM 591  H HG3  . LYS A 1 39  ? 7.736   8.743   -2.071  1.00 0.50 ? 39  LYS A HG3  1 
ATOM 592  H HD2  . LYS A 1 39  ? 7.938   7.938   0.828   1.00 0.86 ? 39  LYS A HD2  1 
ATOM 593  H HD3  . LYS A 1 39  ? 8.649   9.419   0.196   1.00 0.95 ? 39  LYS A HD3  1 
ATOM 594  H HE2  . LYS A 1 39  ? 6.637   10.473  0.256   1.00 1.21 ? 39  LYS A HE2  1 
ATOM 595  H HE3  . LYS A 1 39  ? 5.864   9.185   -0.660  1.00 1.44 ? 39  LYS A HE3  1 
ATOM 596  H HZ1  . LYS A 1 39  ? 6.533   8.521   2.076   1.00 1.27 ? 39  LYS A HZ1  1 
ATOM 597  H HZ2  . LYS A 1 39  ? 5.347   9.723   1.900   1.00 1.31 ? 39  LYS A HZ2  1 
ATOM 598  H HZ3  . LYS A 1 39  ? 5.128   8.202   1.179   1.00 1.36 ? 39  LYS A HZ3  1 
ATOM 599  N N    . PRO A 1 40  ? 7.447   8.083   -4.487  1.00 0.26 ? 40  PRO A N    1 
ATOM 600  C CA   . PRO A 1 40  ? 7.025   9.253   -5.308  1.00 0.25 ? 40  PRO A CA   1 
ATOM 601  C C    . PRO A 1 40  ? 5.948   8.894   -6.324  1.00 0.20 ? 40  PRO A C    1 
ATOM 602  O O    . PRO A 1 40  ? 5.028   9.643   -6.532  1.00 0.21 ? 40  PRO A O    1 
ATOM 603  C CB   . PRO A 1 40  ? 8.340   9.653   -5.992  1.00 0.26 ? 40  PRO A CB   1 
ATOM 604  C CG   . PRO A 1 40  ? 9.464   9.038   -5.166  1.00 0.28 ? 40  PRO A CG   1 
ATOM 605  C CD   . PRO A 1 40  ? 8.896   7.743   -4.586  1.00 0.27 ? 40  PRO A CD   1 
ATOM 606  H HA   . PRO A 1 40  ? 6.682   10.057  -4.674  1.00 0.29 ? 40  PRO A HA   1 
ATOM 607  H HB2  . PRO A 1 40  ? 8.370   9.263   -7.003  1.00 0.23 ? 40  PRO A HB2  1 
ATOM 608  H HB3  . PRO A 1 40  ? 8.444   10.730  -6.007  1.00 0.30 ? 40  PRO A HB3  1 
ATOM 609  H HG2  . PRO A 1 40  ? 10.319  8.829   -5.797  1.00 0.28 ? 40  PRO A HG2  1 
ATOM 610  H HG3  . PRO A 1 40  ? 9.744   9.703   -4.367  1.00 0.31 ? 40  PRO A HG3  1 
ATOM 611  H HD2  . PRO A 1 40  ? 9.058   6.945   -5.288  1.00 0.27 ? 40  PRO A HD2  1 
ATOM 612  H HD3  . PRO A 1 40  ? 9.315   7.521   -3.627  1.00 0.30 ? 40  PRO A HD3  1 
ATOM 613  N N    . PHE A 1 41  ? 6.036   7.759   -6.956  1.00 0.16 ? 41  PHE A N    1 
ATOM 614  C CA   . PHE A 1 41  ? 4.972   7.424   -7.932  1.00 0.13 ? 41  PHE A CA   1 
ATOM 615  C C    . PHE A 1 41  ? 3.675   7.157   -7.168  1.00 0.13 ? 41  PHE A C    1 
ATOM 616  O O    . PHE A 1 41  ? 2.625   7.669   -7.489  1.00 0.15 ? 41  PHE A O    1 
ATOM 617  C CB   . PHE A 1 41  ? 5.352   6.158   -8.692  1.00 0.14 ? 41  PHE A CB   1 
ATOM 618  C CG   . PHE A 1 41  ? 6.494   6.438   -9.634  1.00 0.18 ? 41  PHE A CG   1 
ATOM 619  C CD1  . PHE A 1 41  ? 7.800   6.588   -9.132  1.00 0.25 ? 41  PHE A CD1  1 
ATOM 620  C CD2  . PHE A 1 41  ? 6.253   6.539   -11.016 1.00 0.22 ? 41  PHE A CD2  1 
ATOM 621  C CE1  . PHE A 1 41  ? 8.868   6.843   -10.016 1.00 0.34 ? 41  PHE A CE1  1 
ATOM 622  C CE2  . PHE A 1 41  ? 7.319   6.792   -11.900 1.00 0.31 ? 41  PHE A CE2  1 
ATOM 623  C CZ   . PHE A 1 41  ? 8.626   6.944   -11.400 1.00 0.37 ? 41  PHE A CZ   1 
ATOM 624  H H    . PHE A 1 41  ? 6.778   7.143   -6.786  1.00 0.18 ? 41  PHE A H    1 
ATOM 625  H HA   . PHE A 1 41  ? 4.834   8.243   -8.627  1.00 0.14 ? 41  PHE A HA   1 
ATOM 626  H HB2  . PHE A 1 41  ? 5.643   5.389   -7.991  1.00 0.19 ? 41  PHE A HB2  1 
ATOM 627  H HB3  . PHE A 1 41  ? 4.502   5.826   -9.255  1.00 0.16 ? 41  PHE A HB3  1 
ATOM 628  H HD1  . PHE A 1 41  ? 7.984   6.509   -8.071  1.00 0.27 ? 41  PHE A HD1  1 
ATOM 629  H HD2  . PHE A 1 41  ? 5.249   6.416   -11.398 1.00 0.22 ? 41  PHE A HD2  1 
ATOM 630  H HE1  . PHE A 1 41  ? 9.872   6.959   -9.633  1.00 0.41 ? 41  PHE A HE1  1 
ATOM 631  H HE2  . PHE A 1 41  ? 7.134   6.871   -12.960 1.00 0.36 ? 41  PHE A HE2  1 
ATOM 632  H HZ   . PHE A 1 41  ? 9.444   7.138   -12.078 1.00 0.45 ? 41  PHE A HZ   1 
ATOM 633  N N    . PHE A 1 42  ? 3.758   6.387   -6.121  1.00 0.12 ? 42  PHE A N    1 
ATOM 634  C CA   . PHE A 1 42  ? 2.548   6.093   -5.306  1.00 0.13 ? 42  PHE A CA   1 
ATOM 635  C C    . PHE A 1 42  ? 1.971   7.395   -4.751  1.00 0.14 ? 42  PHE A C    1 
ATOM 636  O O    . PHE A 1 42  ? 0.804   7.694   -4.902  1.00 0.16 ? 42  PHE A O    1 
ATOM 637  C CB   . PHE A 1 42  ? 2.959   5.165   -4.155  1.00 0.13 ? 42  PHE A CB   1 
ATOM 638  C CG   . PHE A 1 42  ? 1.767   4.891   -3.271  1.00 0.12 ? 42  PHE A CG   1 
ATOM 639  C CD1  . PHE A 1 42  ? 0.794   3.964   -3.674  1.00 0.12 ? 42  PHE A CD1  1 
ATOM 640  C CD2  . PHE A 1 42  ? 1.615   5.585   -2.053  1.00 0.12 ? 42  PHE A CD2  1 
ATOM 641  C CE1  . PHE A 1 42  ? -0.332  3.726   -2.872  1.00 0.13 ? 42  PHE A CE1  1 
ATOM 642  C CE2  . PHE A 1 42  ? 0.485   5.342   -1.243  1.00 0.13 ? 42  PHE A CE2  1 
ATOM 643  C CZ   . PHE A 1 42  ? -0.489  4.413   -1.655  1.00 0.13 ? 42  PHE A CZ   1 
ATOM 644  H H    . PHE A 1 42  ? 4.625   6.013   -5.859  1.00 0.12 ? 42  PHE A H    1 
ATOM 645  H HA   . PHE A 1 42  ? 1.804   5.599   -5.922  1.00 0.14 ? 42  PHE A HA   1 
ATOM 646  H HB2  . PHE A 1 42  ? 3.326   4.230   -4.568  1.00 0.15 ? 42  PHE A HB2  1 
ATOM 647  H HB3  . PHE A 1 42  ? 3.739   5.634   -3.576  1.00 0.14 ? 42  PHE A HB3  1 
ATOM 648  H HD1  . PHE A 1 42  ? 0.907   3.438   -4.596  1.00 0.14 ? 42  PHE A HD1  1 
ATOM 649  H HD2  . PHE A 1 42  ? 2.363   6.296   -1.739  1.00 0.14 ? 42  PHE A HD2  1 
ATOM 650  H HE1  . PHE A 1 42  ? -1.075  3.018   -3.189  1.00 0.15 ? 42  PHE A HE1  1 
ATOM 651  H HE2  . PHE A 1 42  ? 0.368   5.869   -0.309  1.00 0.14 ? 42  PHE A HE2  1 
ATOM 652  H HZ   . PHE A 1 42  ? -1.358  4.229   -1.043  1.00 0.15 ? 42  PHE A HZ   1 
ATOM 653  N N    . HIS A 1 43  ? 2.801   8.166   -4.119  1.00 0.16 ? 43  HIS A N    1 
ATOM 654  C CA   . HIS A 1 43  ? 2.364   9.459   -3.529  1.00 0.18 ? 43  HIS A CA   1 
ATOM 655  C C    . HIS A 1 43  ? 1.997   10.463  -4.632  1.00 0.16 ? 43  HIS A C    1 
ATOM 656  O O    . HIS A 1 43  ? 1.014   11.168  -4.538  1.00 0.16 ? 43  HIS A O    1 
ATOM 657  C CB   . HIS A 1 43  ? 3.522   9.985   -2.671  1.00 0.23 ? 43  HIS A CB   1 
ATOM 658  C CG   . HIS A 1 43  ? 3.161   11.293  -2.037  1.00 0.27 ? 43  HIS A CG   1 
ATOM 659  N ND1  . HIS A 1 43  ? 2.639   11.380  -0.757  1.00 0.30 ? 43  HIS A ND1  1 
ATOM 660  C CD2  . HIS A 1 43  ? 3.203   12.574  -2.514  1.00 0.28 ? 43  HIS A CD2  1 
ATOM 661  C CE1  . HIS A 1 43  ? 2.386   12.680  -0.512  1.00 0.32 ? 43  HIS A CE1  1 
ATOM 662  N NE2  . HIS A 1 43  ? 2.711   13.452  -1.553  1.00 0.31 ? 43  HIS A NE2  1 
ATOM 663  H H    . HIS A 1 43  ? 3.730   7.889   -4.027  1.00 0.17 ? 43  HIS A H    1 
ATOM 664  H HA   . HIS A 1 43  ? 1.500   9.291   -2.894  1.00 0.21 ? 43  HIS A HA   1 
ATOM 665  H HB2  . HIS A 1 43  ? 3.747   9.266   -1.896  1.00 0.26 ? 43  HIS A HB2  1 
ATOM 666  H HB3  . HIS A 1 43  ? 4.393   10.119  -3.295  1.00 0.23 ? 43  HIS A HB3  1 
ATOM 667  H HD1  . HIS A 1 43  ? 2.489   10.633  -0.141  1.00 0.32 ? 43  HIS A HD1  1 
ATOM 668  H HD2  . HIS A 1 43  ? 3.606   12.859  -3.470  1.00 0.27 ? 43  HIS A HD2  1 
ATOM 669  H HE1  . HIS A 1 43  ? 1.959   13.051  0.408   1.00 0.35 ? 43  HIS A HE1  1 
ATOM 670  N N    . SER A 1 44  ? 2.785   10.546  -5.668  1.00 0.15 ? 44  SER A N    1 
ATOM 671  C CA   . SER A 1 44  ? 2.480   11.513  -6.767  1.00 0.15 ? 44  SER A CA   1 
ATOM 672  C C    . SER A 1 44  ? 1.116   11.198  -7.404  1.00 0.13 ? 44  SER A C    1 
ATOM 673  O O    . SER A 1 44  ? 0.360   12.083  -7.748  1.00 0.15 ? 44  SER A O    1 
ATOM 674  C CB   . SER A 1 44  ? 3.567   11.444  -7.842  1.00 0.18 ? 44  SER A CB   1 
ATOM 675  O OG   . SER A 1 44  ? 4.810   11.840  -7.276  1.00 0.22 ? 44  SER A OG   1 
ATOM 676  H H    . SER A 1 44  ? 3.574   9.977   -5.721  1.00 0.16 ? 44  SER A H    1 
ATOM 677  H HA   . SER A 1 44  ? 2.457   12.510  -6.354  1.00 0.17 ? 44  SER A HA   1 
ATOM 678  H HB2  . SER A 1 44  ? 3.646   10.438  -8.217  1.00 0.17 ? 44  SER A HB2  1 
ATOM 679  H HB3  . SER A 1 44  ? 3.305   12.107  -8.655  1.00 0.21 ? 44  SER A HB3  1 
ATOM 680  H HG   . SER A 1 44  ? 5.099   12.640  -7.721  1.00 0.77 ? 44  SER A HG   1 
ATOM 681  N N    . LEU A 1 45  ? 0.810   9.940   -7.584  1.00 0.12 ? 45  LEU A N    1 
ATOM 682  C CA   . LEU A 1 45  ? -0.487  9.551   -8.225  1.00 0.14 ? 45  LEU A CA   1 
ATOM 683  C C    . LEU A 1 45  ? -1.675  10.052  -7.398  1.00 0.13 ? 45  LEU A C    1 
ATOM 684  O O    . LEU A 1 45  ? -2.771  10.189  -7.903  1.00 0.15 ? 45  LEU A O    1 
ATOM 685  C CB   . LEU A 1 45  ? -0.559  8.027   -8.333  1.00 0.16 ? 45  LEU A CB   1 
ATOM 686  C CG   . LEU A 1 45  ? 0.408   7.525   -9.440  1.00 0.18 ? 45  LEU A CG   1 
ATOM 687  C CD1  . LEU A 1 45  ? 0.710   6.000   -9.253  1.00 0.20 ? 45  LEU A CD1  1 
ATOM 688  C CD2  . LEU A 1 45  ? -0.193  7.817   -10.856 1.00 0.22 ? 45  LEU A CD2  1 
ATOM 689  H H    . LEU A 1 45  ? 1.446   9.243   -7.314  1.00 0.13 ? 45  LEU A H    1 
ATOM 690  H HA   . LEU A 1 45  ? -0.536  9.977   -9.216  1.00 0.16 ? 45  LEU A HA   1 
ATOM 691  H HB2  . LEU A 1 45  ? -0.279  7.611   -7.382  1.00 0.15 ? 45  LEU A HB2  1 
ATOM 692  H HB3  . LEU A 1 45  ? -1.569  7.726   -8.563  1.00 0.20 ? 45  LEU A HB3  1 
ATOM 693  H HG   . LEU A 1 45  ? 1.339   8.074   -9.347  1.00 0.17 ? 45  LEU A HG   1 
ATOM 694  H HD11 . LEU A 1 45  ? 0.361   5.660   -8.289  1.00 1.04 ? 45  LEU A HD11 1 
ATOM 695  H HD12 . LEU A 1 45  ? 0.223   5.417   -10.017 1.00 1.01 ? 45  LEU A HD12 1 
ATOM 696  H HD13 . LEU A 1 45  ? 1.779   5.835   -9.313  1.00 1.07 ? 45  LEU A HD13 1 
ATOM 697  H HD21 . LEU A 1 45  ? -1.257  7.985   -10.789 1.00 1.02 ? 45  LEU A HD21 1 
ATOM 698  H HD22 . LEU A 1 45  ? 0.274   8.701   -11.268 1.00 1.01 ? 45  LEU A HD22 1 
ATOM 699  H HD23 . LEU A 1 45  ? -0.011  6.987   -11.523 1.00 1.03 ? 45  LEU A HD23 1 
ATOM 700  N N    . SER A 1 46  ? -1.485  10.308  -6.133  1.00 0.12 ? 46  SER A N    1 
ATOM 701  C CA   . SER A 1 46  ? -2.631  10.776  -5.302  1.00 0.12 ? 46  SER A CA   1 
ATOM 702  C C    . SER A 1 46  ? -3.230  12.031  -5.941  1.00 0.14 ? 46  SER A C    1 
ATOM 703  O O    . SER A 1 46  ? -4.428  12.224  -5.937  1.00 0.16 ? 46  SER A O    1 
ATOM 704  C CB   . SER A 1 46  ? -2.152  11.087  -3.880  1.00 0.13 ? 46  SER A CB   1 
ATOM 705  O OG   . SER A 1 46  ? -1.675  9.894   -3.273  1.00 0.14 ? 46  SER A OG   1 
ATOM 706  H H    . SER A 1 46  ? -0.602  10.178  -5.729  1.00 0.12 ? 46  SER A H    1 
ATOM 707  H HA   . SER A 1 46  ? -3.383  10.003  -5.267  1.00 0.13 ? 46  SER A HA   1 
ATOM 708  H HB2  . SER A 1 46  ? -1.356  11.809  -3.913  1.00 0.15 ? 46  SER A HB2  1 
ATOM 709  H HB3  . SER A 1 46  ? -2.973  11.493  -3.304  1.00 0.15 ? 46  SER A HB3  1 
ATOM 710  H HG   . SER A 1 46  ? -1.385  9.300   -3.970  1.00 0.87 ? 46  SER A HG   1 
ATOM 711  N N    . GLU A 1 47  ? -2.413  12.872  -6.511  1.00 0.15 ? 47  GLU A N    1 
ATOM 712  C CA   . GLU A 1 47  ? -2.944  14.093  -7.179  1.00 0.18 ? 47  GLU A CA   1 
ATOM 713  C C    . GLU A 1 47  ? -3.359  13.729  -8.608  1.00 0.18 ? 47  GLU A C    1 
ATOM 714  O O    . GLU A 1 47  ? -4.111  14.444  -9.240  1.00 0.21 ? 47  GLU A O    1 
ATOM 715  C CB   . GLU A 1 47  ? -1.852  15.182  -7.246  1.00 0.22 ? 47  GLU A CB   1 
ATOM 716  C CG   . GLU A 1 47  ? -1.715  15.945  -5.917  1.00 0.23 ? 47  GLU A CG   1 
ATOM 717  C CD   . GLU A 1 47  ? -1.539  15.000  -4.727  1.00 1.34 ? 47  GLU A CD   1 
ATOM 718  O OE1  . GLU A 1 47  ? -1.046  13.906  -4.921  1.00 2.16 ? 47  GLU A OE1  1 
ATOM 719  O OE2  . GLU A 1 47  ? -1.883  15.407  -3.628  1.00 2.05 ? 47  GLU A OE2  1 
ATOM 720  H H    . GLU A 1 47  ? -1.452  12.693  -6.519  1.00 0.16 ? 47  GLU A H    1 
ATOM 721  H HA   . GLU A 1 47  ? -3.805  14.467  -6.634  1.00 0.18 ? 47  GLU A HA   1 
ATOM 722  H HB2  . GLU A 1 47  ? -0.907  14.719  -7.483  1.00 0.22 ? 47  GLU A HB2  1 
ATOM 723  H HB3  . GLU A 1 47  ? -2.101  15.888  -8.027  1.00 0.25 ? 47  GLU A HB3  1 
ATOM 724  H HG2  . GLU A 1 47  ? -0.848  16.587  -5.978  1.00 0.95 ? 47  GLU A HG2  1 
ATOM 725  H HG3  . GLU A 1 47  ? -2.594  16.553  -5.765  1.00 0.90 ? 47  GLU A HG3  1 
ATOM 726  N N    . LYS A 1 48  ? -2.881  12.625  -9.131  1.00 0.17 ? 48  LYS A N    1 
ATOM 727  C CA   . LYS A 1 48  ? -3.275  12.257  -10.518 1.00 0.19 ? 48  LYS A CA   1 
ATOM 728  C C    . LYS A 1 48  ? -4.681  11.692  -10.474 1.00 0.18 ? 48  LYS A C    1 
ATOM 729  O O    . LYS A 1 48  ? -5.505  11.978  -11.318 1.00 0.21 ? 48  LYS A O    1 
ATOM 730  C CB   . LYS A 1 48  ? -2.326  11.217  -11.107 1.00 0.20 ? 48  LYS A CB   1 
ATOM 731  C CG   . LYS A 1 48  ? -2.694  11.033  -12.579 1.00 0.30 ? 48  LYS A CG   1 
ATOM 732  C CD   . LYS A 1 48  ? -1.772  10.010  -13.241 1.00 0.82 ? 48  LYS A CD   1 
ATOM 733  C CE   . LYS A 1 48  ? -1.912  10.125  -14.763 1.00 1.03 ? 48  LYS A CE   1 
ATOM 734  N NZ   . LYS A 1 48  ? -0.901  9.257   -15.426 1.00 1.78 ? 48  LYS A NZ   1 
ATOM 735  H H    . LYS A 1 48  ? -2.283  12.046  -8.615  1.00 0.16 ? 48  LYS A H    1 
ATOM 736  H HA   . LYS A 1 48  ? -3.267  13.142  -11.138 1.00 0.22 ? 48  LYS A HA   1 
ATOM 737  H HB2  . LYS A 1 48  ? -1.305  11.561  -11.020 1.00 0.24 ? 48  LYS A HB2  1 
ATOM 738  H HB3  . LYS A 1 48  ? -2.442  10.278  -10.587 1.00 0.18 ? 48  LYS A HB3  1 
ATOM 739  H HG2  . LYS A 1 48  ? -3.715  10.689  -12.654 1.00 0.90 ? 48  LYS A HG2  1 
ATOM 740  H HG3  . LYS A 1 48  ? -2.600  11.983  -13.084 1.00 0.82 ? 48  LYS A HG3  1 
ATOM 741  H HD2  . LYS A 1 48  ? -0.750  10.204  -12.952 1.00 1.44 ? 48  LYS A HD2  1 
ATOM 742  H HD3  . LYS A 1 48  ? -2.055  9.015   -12.929 1.00 1.48 ? 48  LYS A HD3  1 
ATOM 743  H HE2  . LYS A 1 48  ? -2.902  9.812   -15.057 1.00 1.50 ? 48  LYS A HE2  1 
ATOM 744  H HE3  . LYS A 1 48  ? -1.755  11.150  -15.064 1.00 1.49 ? 48  LYS A HE3  1 
ATOM 745  H HZ1  . LYS A 1 48  ? -0.780  8.383   -14.874 1.00 2.18 ? 48  LYS A HZ1  1 
ATOM 746  H HZ2  . LYS A 1 48  ? -1.223  9.022   -16.385 1.00 2.29 ? 48  LYS A HZ2  1 
ATOM 747  H HZ3  . LYS A 1 48  ? 0.006   9.762   -15.481 1.00 2.26 ? 48  LYS A HZ3  1 
ATOM 748  N N    . TYR A 1 49  ? -4.966  10.910  -9.466  1.00 0.16 ? 49  TYR A N    1 
ATOM 749  C CA   . TYR A 1 49  ? -6.334  10.335  -9.307  1.00 0.17 ? 49  TYR A CA   1 
ATOM 750  C C    . TYR A 1 49  ? -6.864  10.822  -7.965  1.00 0.16 ? 49  TYR A C    1 
ATOM 751  O O    . TYR A 1 49  ? -7.045  10.064  -7.035  1.00 0.16 ? 49  TYR A O    1 
ATOM 752  C CB   . TYR A 1 49  ? -6.271  8.801   -9.317  1.00 0.17 ? 49  TYR A CB   1 
ATOM 753  C CG   . TYR A 1 49  ? -5.766  8.313   -10.659 1.00 0.17 ? 49  TYR A CG   1 
ATOM 754  C CD1  . TYR A 1 49  ? -6.612  8.357   -11.786 1.00 0.22 ? 49  TYR A CD1  1 
ATOM 755  C CD2  . TYR A 1 49  ? -4.454  7.817   -10.786 1.00 0.19 ? 49  TYR A CD2  1 
ATOM 756  C CE1  . TYR A 1 49  ? -6.144  7.908   -13.036 1.00 0.25 ? 49  TYR A CE1  1 
ATOM 757  C CE2  . TYR A 1 49  ? -3.988  7.367   -12.036 1.00 0.20 ? 49  TYR A CE2  1 
ATOM 758  C CZ   . TYR A 1 49  ? -4.832  7.412   -13.161 1.00 0.21 ? 49  TYR A CZ   1 
ATOM 759  O OH   . TYR A 1 49  ? -4.375  6.969   -14.385 1.00 0.25 ? 49  TYR A OH   1 
ATOM 760  H H    . TYR A 1 49  ? -4.274  10.715  -8.790  1.00 0.15 ? 49  TYR A H    1 
ATOM 761  H HA   . TYR A 1 49  ? -6.989  10.679  -10.099 1.00 0.18 ? 49  TYR A HA   1 
ATOM 762  H HB2  . TYR A 1 49  ? -5.603  8.464   -8.538  1.00 0.17 ? 49  TYR A HB2  1 
ATOM 763  H HB3  . TYR A 1 49  ? -7.258  8.400   -9.140  1.00 0.20 ? 49  TYR A HB3  1 
ATOM 764  H HD1  . TYR A 1 49  ? -7.618  8.738   -11.691 1.00 0.27 ? 49  TYR A HD1  1 
ATOM 765  H HD2  . TYR A 1 49  ? -3.805  7.783   -9.923  1.00 0.23 ? 49  TYR A HD2  1 
ATOM 766  H HE1  . TYR A 1 49  ? -6.792  7.942   -13.899 1.00 0.31 ? 49  TYR A HE1  1 
ATOM 767  H HE2  . TYR A 1 49  ? -2.982  6.986   -12.132 1.00 0.24 ? 49  TYR A HE2  1 
ATOM 768  H HH   . TYR A 1 49  ? -5.109  6.998   -15.004 1.00 0.95 ? 49  TYR A HH   1 
ATOM 769  N N    . SER A 1 50  ? -7.116  12.100  -7.872  1.00 0.17 ? 50  SER A N    1 
ATOM 770  C CA   . SER A 1 50  ? -7.625  12.676  -6.606  1.00 0.18 ? 50  SER A CA   1 
ATOM 771  C C    . SER A 1 50  ? -8.993  12.068  -6.313  1.00 0.19 ? 50  SER A C    1 
ATOM 772  O O    . SER A 1 50  ? -9.547  12.234  -5.245  1.00 0.21 ? 50  SER A O    1 
ATOM 773  C CB   . SER A 1 50  ? -7.743  14.192  -6.757  1.00 0.20 ? 50  SER A CB   1 
ATOM 774  O OG   . SER A 1 50  ? -8.889  14.499  -7.541  1.00 0.22 ? 50  SER A OG   1 
ATOM 775  H H    . SER A 1 50  ? -6.960  12.685  -8.642  1.00 0.18 ? 50  SER A H    1 
ATOM 776  H HA   . SER A 1 50  ? -6.945  12.443  -5.800  1.00 0.18 ? 50  SER A HA   1 
ATOM 777  H HB2  . SER A 1 50  ? -7.831  14.648  -5.789  1.00 0.21 ? 50  SER A HB2  1 
ATOM 778  H HB3  . SER A 1 50  ? -6.853  14.569  -7.245  1.00 0.21 ? 50  SER A HB3  1 
ATOM 779  H HG   . SER A 1 50  ? -8.588  14.895  -8.362  1.00 0.89 ? 50  SER A HG   1 
ATOM 780  N N    . ASN A 1 51  ? -9.532  11.344  -7.258  1.00 0.20 ? 51  ASN A N    1 
ATOM 781  C CA   . ASN A 1 51  ? -10.857 10.701  -7.047  1.00 0.23 ? 51  ASN A CA   1 
ATOM 782  C C    . ASN A 1 51  ? -10.631 9.310   -6.462  1.00 0.19 ? 51  ASN A C    1 
ATOM 783  O O    . ASN A 1 51  ? -11.550 8.532   -6.295  1.00 0.22 ? 51  ASN A O    1 
ATOM 784  C CB   . ASN A 1 51  ? -11.580 10.575  -8.389  1.00 0.32 ? 51  ASN A CB   1 
ATOM 785  C CG   . ASN A 1 51  ? -13.036 10.175  -8.153  1.00 0.54 ? 51  ASN A CG   1 
ATOM 786  O OD1  . ASN A 1 51  ? -13.805 10.935  -7.596  1.00 1.13 ? 51  ASN A OD1  1 
ATOM 787  N ND2  . ASN A 1 51  ? -13.453 9.006   -8.555  1.00 0.27 ? 51  ASN A ND2  1 
ATOM 788  H H    . ASN A 1 51  ? -9.056  11.216  -8.104  1.00 0.20 ? 51  ASN A H    1 
ATOM 789  H HA   . ASN A 1 51  ? -11.450 11.290  -6.368  1.00 0.26 ? 51  ASN A HA   1 
ATOM 790  H HB2  . ASN A 1 51  ? -11.543 11.522  -8.908  1.00 0.32 ? 51  ASN A HB2  1 
ATOM 791  H HB3  . ASN A 1 51  ? -11.094 9.818   -8.987  1.00 0.31 ? 51  ASN A HB3  1 
ATOM 792  H HD21 . ASN A 1 51  ? -12.833 8.393   -9.005  1.00 0.53 ? 51  ASN A HD21 1 
ATOM 793  H HD22 . ASN A 1 51  ? -14.384 8.740   -8.408  1.00 0.35 ? 51  ASN A HD22 1 
ATOM 794  N N    . VAL A 1 52  ? -9.403  9.011   -6.127  1.00 0.21 ? 52  VAL A N    1 
ATOM 795  C CA   . VAL A 1 52  ? -9.061  7.696   -5.518  1.00 0.17 ? 52  VAL A CA   1 
ATOM 796  C C    . VAL A 1 52  ? -8.289  7.981   -4.238  1.00 0.13 ? 52  VAL A C    1 
ATOM 797  O O    . VAL A 1 52  ? -7.542  8.937   -4.168  1.00 0.14 ? 52  VAL A O    1 
ATOM 798  C CB   . VAL A 1 52  ? -8.198  6.878   -6.491  1.00 0.19 ? 52  VAL A CB   1 
ATOM 799  C CG1  . VAL A 1 52  ? -7.617  5.647   -5.760  1.00 0.19 ? 52  VAL A CG1  1 
ATOM 800  C CG2  . VAL A 1 52  ? -9.058  6.437   -7.705  1.00 0.24 ? 52  VAL A CG2  1 
ATOM 801  H H    . VAL A 1 52  ? -8.695  9.673   -6.259  1.00 0.28 ? 52  VAL A H    1 
ATOM 802  H HA   . VAL A 1 52  ? -9.961  7.151   -5.280  1.00 0.18 ? 52  VAL A HA   1 
ATOM 803  H HB   . VAL A 1 52  ? -7.382  7.499   -6.838  1.00 0.20 ? 52  VAL A HB   1 
ATOM 804  H HG11 . VAL A 1 52  ? -8.297  5.325   -4.984  1.00 1.04 ? 52  VAL A HG11 1 
ATOM 805  H HG12 . VAL A 1 52  ? -7.464  4.840   -6.461  1.00 1.02 ? 52  VAL A HG12 1 
ATOM 806  H HG13 . VAL A 1 52  ? -6.671  5.911   -5.309  1.00 1.03 ? 52  VAL A HG13 1 
ATOM 807  H HG21 . VAL A 1 52  ? -9.890  7.114   -7.836  1.00 1.02 ? 52  VAL A HG21 1 
ATOM 808  H HG22 . VAL A 1 52  ? -8.451  6.448   -8.599  1.00 1.06 ? 52  VAL A HG22 1 
ATOM 809  H HG23 . VAL A 1 52  ? -9.438  5.440   -7.547  1.00 1.05 ? 52  VAL A HG23 1 
ATOM 810  N N    . ILE A 1 53  ? -8.481  7.198   -3.210  1.00 0.11 ? 53  ILE A N    1 
ATOM 811  C CA   . ILE A 1 53  ? -7.768  7.481   -1.924  1.00 0.09 ? 53  ILE A CA   1 
ATOM 812  C C    . ILE A 1 53  ? -6.548  6.554   -1.803  1.00 0.09 ? 53  ILE A C    1 
ATOM 813  O O    . ILE A 1 53  ? -6.665  5.346   -1.865  1.00 0.12 ? 53  ILE A O    1 
ATOM 814  C CB   . ILE A 1 53  ? -8.739  7.226   -0.752  1.00 0.11 ? 53  ILE A CB   1 
ATOM 815  C CG1  . ILE A 1 53  ? -10.115 7.897   -1.031  1.00 0.13 ? 53  ILE A CG1  1 
ATOM 816  C CG2  . ILE A 1 53  ? -8.150  7.781   0.578   1.00 0.13 ? 53  ILE A CG2  1 
ATOM 817  C CD1  . ILE A 1 53  ? -10.013 9.437   -1.211  1.00 0.15 ? 53  ILE A CD1  1 
ATOM 818  H H    . ILE A 1 53  ? -9.112  6.442   -3.273  1.00 0.12 ? 53  ILE A H    1 
ATOM 819  H HA   . ILE A 1 53  ? -7.426  8.503   -1.902  1.00 0.10 ? 53  ILE A HA   1 
ATOM 820  H HB   . ILE A 1 53  ? -8.887  6.157   -0.655  1.00 0.12 ? 53  ILE A HB   1 
ATOM 821  H HG12 . ILE A 1 53  ? -10.539 7.459   -1.924  1.00 0.14 ? 53  ILE A HG12 1 
ATOM 822  H HG13 . ILE A 1 53  ? -10.771 7.686   -0.201  1.00 0.16 ? 53  ILE A HG13 1 
ATOM 823  H HG21 . ILE A 1 53  ? -7.240  8.333   0.388   1.00 1.01 ? 53  ILE A HG21 1 
ATOM 824  H HG22 . ILE A 1 53  ? -8.863  8.436   1.060   1.00 1.04 ? 53  ILE A HG22 1 
ATOM 825  H HG23 . ILE A 1 53  ? -7.931  6.965   1.242   1.00 1.01 ? 53  ILE A HG23 1 
ATOM 826  H HD11 . ILE A 1 53  ? -8.999  9.768   -1.087  1.00 0.98 ? 53  ILE A HD11 1 
ATOM 827  H HD12 . ILE A 1 53  ? -10.366 9.712   -2.198  1.00 1.02 ? 53  ILE A HD12 1 
ATOM 828  H HD13 . ILE A 1 53  ? -10.633 9.929   -0.472  1.00 1.03 ? 53  ILE A HD13 1 
ATOM 829  N N    . PHE A 1 54  ? -5.373  7.122   -1.637  1.00 0.08 ? 54  PHE A N    1 
ATOM 830  C CA   . PHE A 1 54  ? -4.125  6.294   -1.515  1.00 0.09 ? 54  PHE A CA   1 
ATOM 831  C C    . PHE A 1 54  ? -3.680  6.228   -0.046  1.00 0.09 ? 54  PHE A C    1 
ATOM 832  O O    . PHE A 1 54  ? -3.492  7.242   0.595   1.00 0.12 ? 54  PHE A O    1 
ATOM 833  C CB   . PHE A 1 54  ? -2.995  6.952   -2.320  1.00 0.10 ? 54  PHE A CB   1 
ATOM 834  C CG   . PHE A 1 54  ? -3.288  6.890   -3.801  1.00 0.09 ? 54  PHE A CG   1 
ATOM 835  C CD1  . PHE A 1 54  ? -4.264  7.733   -4.365  1.00 0.09 ? 54  PHE A CD1  1 
ATOM 836  C CD2  . PHE A 1 54  ? -2.569  6.001   -4.624  1.00 0.10 ? 54  PHE A CD2  1 
ATOM 837  C CE1  . PHE A 1 54  ? -4.523  7.682   -5.750  1.00 0.10 ? 54  PHE A CE1  1 
ATOM 838  C CE2  . PHE A 1 54  ? -2.828  5.950   -6.004  1.00 0.11 ? 54  PHE A CE2  1 
ATOM 839  C CZ   . PHE A 1 54  ? -3.806  6.790   -6.568  1.00 0.10 ? 54  PHE A CZ   1 
ATOM 840  H H    . PHE A 1 54  ? -5.310  8.099   -1.598  1.00 0.10 ? 54  PHE A H    1 
ATOM 841  H HA   . PHE A 1 54  ? -4.300  5.295   -1.892  1.00 0.09 ? 54  PHE A HA   1 
ATOM 842  H HB2  . PHE A 1 54  ? -2.900  7.984   -2.021  1.00 0.11 ? 54  PHE A HB2  1 
ATOM 843  H HB3  . PHE A 1 54  ? -2.067  6.438   -2.116  1.00 0.12 ? 54  PHE A HB3  1 
ATOM 844  H HD1  . PHE A 1 54  ? -4.816  8.416   -3.736  1.00 0.10 ? 54  PHE A HD1  1 
ATOM 845  H HD2  . PHE A 1 54  ? -1.822  5.357   -4.194  1.00 0.12 ? 54  PHE A HD2  1 
ATOM 846  H HE1  . PHE A 1 54  ? -5.266  8.334   -6.186  1.00 0.11 ? 54  PHE A HE1  1 
ATOM 847  H HE2  . PHE A 1 54  ? -2.275  5.268   -6.630  1.00 0.13 ? 54  PHE A HE2  1 
ATOM 848  H HZ   . PHE A 1 54  ? -4.005  6.750   -7.628  1.00 0.12 ? 54  PHE A HZ   1 
ATOM 849  N N    . LEU A 1 55  ? -3.482  5.041   0.486   1.00 0.09 ? 55  LEU A N    1 
ATOM 850  C CA   . LEU A 1 55  ? -3.009  4.899   1.909   1.00 0.11 ? 55  LEU A CA   1 
ATOM 851  C C    . LEU A 1 55  ? -1.575  4.387   1.933   1.00 0.10 ? 55  LEU A C    1 
ATOM 852  O O    . LEU A 1 55  ? -1.198  3.526   1.167   1.00 0.10 ? 55  LEU A O    1 
ATOM 853  C CB   . LEU A 1 55  ? -3.856  3.885   2.700   1.00 0.12 ? 55  LEU A CB   1 
ATOM 854  C CG   . LEU A 1 55  ? -5.235  4.440   3.081   1.00 0.15 ? 55  LEU A CG   1 
ATOM 855  C CD1  . LEU A 1 55  ? -5.939  5.045   1.863   1.00 0.20 ? 55  LEU A CD1  1 
ATOM 856  C CD2  . LEU A 1 55  ? -6.091  3.295   3.699   1.00 0.22 ? 55  LEU A CD2  1 
ATOM 857  H H    . LEU A 1 55  ? -3.619  4.239   -0.059  1.00 0.09 ? 55  LEU A H    1 
ATOM 858  H HA   . LEU A 1 55  ? -3.048  5.856   2.408   1.00 0.12 ? 55  LEU A HA   1 
ATOM 859  H HB2  . LEU A 1 55  ? -3.997  3.001   2.098   1.00 0.12 ? 55  LEU A HB2  1 
ATOM 860  H HB3  . LEU A 1 55  ? -3.330  3.608   3.609   1.00 0.15 ? 55  LEU A HB3  1 
ATOM 861  H HG   . LEU A 1 55  ? -5.099  5.218   3.822   1.00 0.24 ? 55  LEU A HG   1 
ATOM 862  H HD11 . LEU A 1 55  ? -5.767  4.425   0.996   1.00 1.06 ? 55  LEU A HD11 1 
ATOM 863  H HD12 . LEU A 1 55  ? -6.996  5.102   2.061   1.00 1.03 ? 55  LEU A HD12 1 
ATOM 864  H HD13 . LEU A 1 55  ? -5.557  6.038   1.685   1.00 1.01 ? 55  LEU A HD13 1 
ATOM 865  H HD21 . LEU A 1 55  ? -5.480  2.416   3.862   1.00 1.02 ? 55  LEU A HD21 1 
ATOM 866  H HD22 . LEU A 1 55  ? -6.490  3.617   4.644   1.00 1.08 ? 55  LEU A HD22 1 
ATOM 867  H HD23 . LEU A 1 55  ? -6.907  3.032   3.040   1.00 1.04 ? 55  LEU A HD23 1 
ATOM 868  N N    . GLU A 1 56  ? -0.797  4.871   2.861   1.00 0.12 ? 56  GLU A N    1 
ATOM 869  C CA   . GLU A 1 56  ? 0.604   4.389   3.015   1.00 0.13 ? 56  GLU A CA   1 
ATOM 870  C C    . GLU A 1 56  ? 0.673   3.630   4.336   1.00 0.13 ? 56  GLU A C    1 
ATOM 871  O O    . GLU A 1 56  ? 0.221   4.116   5.352   1.00 0.14 ? 56  GLU A O    1 
ATOM 872  C CB   . GLU A 1 56  ? 1.564   5.575   3.053   1.00 0.15 ? 56  GLU A CB   1 
ATOM 873  C CG   . GLU A 1 56  ? 3.001   5.059   3.012   1.00 0.17 ? 56  GLU A CG   1 
ATOM 874  C CD   . GLU A 1 56  ? 3.959   6.229   3.227   1.00 0.20 ? 56  GLU A CD   1 
ATOM 875  O OE1  . GLU A 1 56  ? 3.901   7.162   2.450   1.00 1.13 ? 56  GLU A OE1  1 
ATOM 876  O OE2  . GLU A 1 56  ? 4.729   6.174   4.172   1.00 1.05 ? 56  GLU A OE2  1 
ATOM 877  H H    . GLU A 1 56  ? -1.152  5.531   3.495   1.00 0.14 ? 56  GLU A H    1 
ATOM 878  H HA   . GLU A 1 56  ? 0.871   3.727   2.201   1.00 0.12 ? 56  GLU A HA   1 
ATOM 879  H HB2  . GLU A 1 56  ? 1.382   6.215   2.200   1.00 0.17 ? 56  GLU A HB2  1 
ATOM 880  H HB3  . GLU A 1 56  ? 1.411   6.136   3.964   1.00 0.17 ? 56  GLU A HB3  1 
ATOM 881  H HG2  . GLU A 1 56  ? 3.143   4.324   3.792   1.00 0.18 ? 56  GLU A HG2  1 
ATOM 882  H HG3  . GLU A 1 56  ? 3.195   4.607   2.049   1.00 0.18 ? 56  GLU A HG3  1 
ATOM 883  N N    . VAL A 1 57  ? 1.209   2.436   4.329   1.00 0.12 ? 57  VAL A N    1 
ATOM 884  C CA   . VAL A 1 57  ? 1.280   1.627   5.592   1.00 0.12 ? 57  VAL A CA   1 
ATOM 885  C C    . VAL A 1 57  ? 2.719   1.167   5.843   1.00 0.11 ? 57  VAL A C    1 
ATOM 886  O O    . VAL A 1 57  ? 3.409   0.708   4.955   1.00 0.13 ? 57  VAL A O    1 
ATOM 887  C CB   . VAL A 1 57  ? 0.370   0.397   5.456   1.00 0.12 ? 57  VAL A CB   1 
ATOM 888  C CG1  . VAL A 1 57  ? 0.386   -0.452  6.761   1.00 0.15 ? 57  VAL A CG1  1 
ATOM 889  C CG2  . VAL A 1 57  ? -1.058  0.867   5.161   1.00 0.14 ? 57  VAL A CG2  1 
ATOM 890  H H    . VAL A 1 57  ? 1.549   2.062   3.493   1.00 0.12 ? 57  VAL A H    1 
ATOM 891  H HA   . VAL A 1 57  ? 0.945   2.217   6.436   1.00 0.13 ? 57  VAL A HA   1 
ATOM 892  H HB   . VAL A 1 57  ? 0.720   -0.207  4.631   1.00 0.11 ? 57  VAL A HB   1 
ATOM 893  H HG11 . VAL A 1 57  ? 1.220   -0.171  7.385   1.00 0.98 ? 57  VAL A HG11 1 
ATOM 894  H HG12 . VAL A 1 57  ? -0.531  -0.302  7.315   1.00 1.00 ? 57  VAL A HG12 1 
ATOM 895  H HG13 . VAL A 1 57  ? 0.474   -1.497  6.508   1.00 1.01 ? 57  VAL A HG13 1 
ATOM 896  H HG21 . VAL A 1 57  ? -1.062  1.476   4.269   1.00 1.01 ? 57  VAL A HG21 1 
ATOM 897  H HG22 . VAL A 1 57  ? -1.692  0.008   5.017   1.00 1.03 ? 57  VAL A HG22 1 
ATOM 898  H HG23 . VAL A 1 57  ? -1.424  1.446   5.994   1.00 1.01 ? 57  VAL A HG23 1 
ATOM 899  N N    . ASP A 1 58  ? 3.154   1.276   7.069   1.00 0.10 ? 58  ASP A N    1 
ATOM 900  C CA   . ASP A 1 58  ? 4.528   0.843   7.449   1.00 0.09 ? 58  ASP A CA   1 
ATOM 901  C C    . ASP A 1 58  ? 4.460   -0.557  8.051   1.00 0.09 ? 58  ASP A C    1 
ATOM 902  O O    . ASP A 1 58  ? 3.834   -0.769  9.067   1.00 0.09 ? 58  ASP A O    1 
ATOM 903  C CB   . ASP A 1 58  ? 5.054   1.799   8.508   1.00 0.10 ? 58  ASP A CB   1 
ATOM 904  C CG   . ASP A 1 58  ? 6.521   1.483   8.799   1.00 0.11 ? 58  ASP A CG   1 
ATOM 905  O OD1  . ASP A 1 58  ? 7.093   0.694   8.066   1.00 1.05 ? 58  ASP A OD1  1 
ATOM 906  O OD2  . ASP A 1 58  ? 7.046   2.037   9.750   1.00 1.02 ? 58  ASP A OD2  1 
ATOM 907  H H    . ASP A 1 58  ? 2.560   1.637   7.758   1.00 0.11 ? 58  ASP A H    1 
ATOM 908  H HA   . ASP A 1 58  ? 5.187   0.848   6.590   1.00 0.10 ? 58  ASP A HA   1 
ATOM 909  H HB2  . ASP A 1 58  ? 4.962   2.818   8.154   1.00 0.12 ? 58  ASP A HB2  1 
ATOM 910  H HB3  . ASP A 1 58  ? 4.473   1.672   9.409   1.00 0.10 ? 58  ASP A HB3  1 
ATOM 911  N N    . VAL A 1 59  ? 5.109   -1.515  7.468   1.00 0.09 ? 59  VAL A N    1 
ATOM 912  C CA   . VAL A 1 59  ? 5.054   -2.873  8.064   1.00 0.10 ? 59  VAL A CA   1 
ATOM 913  C C    . VAL A 1 59  ? 5.808   -2.856  9.385   1.00 0.11 ? 59  VAL A C    1 
ATOM 914  O O    . VAL A 1 59  ? 5.677   -3.749  10.195  1.00 0.12 ? 59  VAL A O    1 
ATOM 915  C CB   . VAL A 1 59  ? 5.699   -3.879  7.113   1.00 0.12 ? 59  VAL A CB   1 
ATOM 916  C CG1  . VAL A 1 59  ? 4.918   -3.887  5.793   1.00 0.14 ? 59  VAL A CG1  1 
ATOM 917  C CG2  . VAL A 1 59  ? 7.170   -3.492  6.858   1.00 0.16 ? 59  VAL A CG2  1 
ATOM 918  H H    . VAL A 1 59  ? 5.639   -1.343  6.656   1.00 0.10 ? 59  VAL A H    1 
ATOM 919  H HA   . VAL A 1 59  ? 4.019   -3.152  8.238   1.00 0.11 ? 59  VAL A HA   1 
ATOM 920  H HB   . VAL A 1 59  ? 5.659   -4.863  7.558   1.00 0.14 ? 59  VAL A HB   1 
ATOM 921  H HG11 . VAL A 1 59  ? 3.860   -3.772  5.988   1.00 1.03 ? 59  VAL A HG11 1 
ATOM 922  H HG12 . VAL A 1 59  ? 5.257   -3.075  5.175   1.00 1.03 ? 59  VAL A HG12 1 
ATOM 923  H HG13 . VAL A 1 59  ? 5.086   -4.817  5.285   1.00 1.02 ? 59  VAL A HG13 1 
ATOM 924  H HG21 . VAL A 1 59  ? 7.276   -2.417  6.864   1.00 1.02 ? 59  VAL A HG21 1 
ATOM 925  H HG22 . VAL A 1 59  ? 7.791   -3.916  7.632   1.00 1.02 ? 59  VAL A HG22 1 
ATOM 926  H HG23 . VAL A 1 59  ? 7.488   -3.879  5.899   1.00 1.04 ? 59  VAL A HG23 1 
ATOM 927  N N    . ASP A 1 60  ? 6.617   -1.849  9.603   1.00 0.10 ? 60  ASP A N    1 
ATOM 928  C CA   . ASP A 1 60  ? 7.396   -1.778  10.876  1.00 0.12 ? 60  ASP A CA   1 
ATOM 929  C C    . ASP A 1 60  ? 6.665   -0.933  11.934  1.00 0.13 ? 60  ASP A C    1 
ATOM 930  O O    . ASP A 1 60  ? 6.632   -1.295  13.093  1.00 0.15 ? 60  ASP A O    1 
ATOM 931  C CB   . ASP A 1 60  ? 8.766   -1.170  10.569  1.00 0.14 ? 60  ASP A CB   1 
ATOM 932  C CG   . ASP A 1 60  ? 9.685   -2.247  9.980   1.00 0.16 ? 60  ASP A CG   1 
ATOM 933  O OD1  . ASP A 1 60  ? 9.167   -3.177  9.386   1.00 1.08 ? 60  ASP A OD1  1 
ATOM 934  O OD2  . ASP A 1 60  ? 10.886  -2.131  10.149  1.00 1.07 ? 60  ASP A OD2  1 
ATOM 935  H H    . ASP A 1 60  ? 6.718   -1.143  8.924   1.00 0.11 ? 60  ASP A H    1 
ATOM 936  H HA   . ASP A 1 60  ? 7.533   -2.775  11.270  1.00 0.13 ? 60  ASP A HA   1 
ATOM 937  H HB2  . ASP A 1 60  ? 8.649   -0.369  9.854   1.00 0.14 ? 60  ASP A HB2  1 
ATOM 938  H HB3  . ASP A 1 60  ? 9.199   -0.780  11.467  1.00 0.16 ? 60  ASP A HB3  1 
ATOM 939  N N    . ASP A 1 61  ? 6.068   0.174   11.561  1.00 0.13 ? 61  ASP A N    1 
ATOM 940  C CA   . ASP A 1 61  ? 5.341   1.013   12.578  1.00 0.15 ? 61  ASP A CA   1 
ATOM 941  C C    . ASP A 1 61  ? 3.854   0.668   12.531  1.00 0.14 ? 61  ASP A C    1 
ATOM 942  O O    . ASP A 1 61  ? 3.108   0.954   13.447  1.00 0.19 ? 61  ASP A O    1 
ATOM 943  C CB   . ASP A 1 61  ? 5.535   2.503   12.274  1.00 0.16 ? 61  ASP A CB   1 
ATOM 944  C CG   . ASP A 1 61  ? 7.021   2.852   12.362  1.00 0.19 ? 61  ASP A CG   1 
ATOM 945  O OD1  . ASP A 1 61  ? 7.768   2.050   12.900  1.00 1.07 ? 61  ASP A OD1  1 
ATOM 946  O OD2  . ASP A 1 61  ? 7.388   3.915   11.889  1.00 1.01 ? 61  ASP A OD2  1 
ATOM 947  H H    . ASP A 1 61  ? 6.092   0.453   10.622  1.00 0.12 ? 61  ASP A H    1 
ATOM 948  H HA   . ASP A 1 61  ? 5.722   0.802   13.571  1.00 0.16 ? 61  ASP A HA   1 
ATOM 949  H HB2  . ASP A 1 61  ? 5.167   2.728   11.286  1.00 0.16 ? 61  ASP A HB2  1 
ATOM 950  H HB3  . ASP A 1 61  ? 4.989   3.089   12.999  1.00 0.18 ? 61  ASP A HB3  1 
ATOM 951  N N    . ALA A 1 62  ? 3.424   0.041   11.466  1.00 0.11 ? 62  ALA A N    1 
ATOM 952  C CA   . ALA A 1 62  ? 1.991   -0.363  11.325  1.00 0.12 ? 62  ALA A CA   1 
ATOM 953  C C    . ALA A 1 62  ? 1.965   -1.875  11.091  1.00 0.11 ? 62  ALA A C    1 
ATOM 954  O O    . ALA A 1 62  ? 1.198   -2.395  10.304  1.00 0.12 ? 62  ALA A O    1 
ATOM 955  C CB   . ALA A 1 62  ? 1.341   0.397   10.150  1.00 0.14 ? 62  ALA A CB   1 
ATOM 956  H H    . ALA A 1 62  ? 4.059   -0.181  10.754  1.00 0.12 ? 62  ALA A H    1 
ATOM 957  H HA   . ALA A 1 62  ? 1.459   -0.142  12.240  1.00 0.13 ? 62  ALA A HA   1 
ATOM 958  H HB1  . ALA A 1 62  ? 2.103   0.717   9.457   1.00 1.03 ? 62  ALA A HB1  1 
ATOM 959  H HB2  . ALA A 1 62  ? 0.634   -0.241  9.638   1.00 1.01 ? 62  ALA A HB2  1 
ATOM 960  H HB3  . ALA A 1 62  ? 0.821   1.266   10.528  1.00 1.02 ? 62  ALA A HB3  1 
ATOM 961  N N    . GLN A 1 63  ? 2.822   -2.576  11.776  1.00 0.11 ? 63  GLN A N    1 
ATOM 962  C CA   . GLN A 1 63  ? 2.899   -4.050  11.616  1.00 0.12 ? 63  GLN A CA   1 
ATOM 963  C C    . GLN A 1 63  ? 1.554   -4.676  11.985  1.00 0.12 ? 63  GLN A C    1 
ATOM 964  O O    . GLN A 1 63  ? 1.238   -5.765  11.559  1.00 0.14 ? 63  GLN A O    1 
ATOM 965  C CB   . GLN A 1 63  ? 4.000   -4.595  12.531  1.00 0.13 ? 63  GLN A CB   1 
ATOM 966  C CG   . GLN A 1 63  ? 3.578   -4.445  13.994  1.00 0.15 ? 63  GLN A CG   1 
ATOM 967  C CD   . GLN A 1 63  ? 4.797   -4.642  14.896  1.00 0.77 ? 63  GLN A CD   1 
ATOM 968  O OE1  . GLN A 1 63  ? 5.839   -5.074  14.444  1.00 1.47 ? 63  GLN A OE1  1 
ATOM 969  N NE2  . GLN A 1 63  ? 4.710   -4.341  16.163  1.00 1.43 ? 63  GLN A NE2  1 
ATOM 970  H H    . GLN A 1 63  ? 3.432   -2.122  12.393  1.00 0.12 ? 63  GLN A H    1 
ATOM 971  H HA   . GLN A 1 63  ? 3.137   -4.288  10.589  1.00 0.12 ? 63  GLN A HA   1 
ATOM 972  H HB2  . GLN A 1 63  ? 4.166   -5.640  12.311  1.00 0.15 ? 63  GLN A HB2  1 
ATOM 973  H HB3  . GLN A 1 63  ? 4.912   -4.043  12.366  1.00 0.14 ? 63  GLN A HB3  1 
ATOM 974  H HG2  . GLN A 1 63  ? 3.167   -3.458  14.149  1.00 0.53 ? 63  GLN A HG2  1 
ATOM 975  H HG3  . GLN A 1 63  ? 2.833   -5.188  14.231  1.00 0.55 ? 63  GLN A HG3  1 
ATOM 976  H HE21 . GLN A 1 63  ? 3.869   -3.994  16.526  1.00 1.92 ? 63  GLN A HE21 1 
ATOM 977  H HE22 . GLN A 1 63  ? 5.486   -4.460  16.749  1.00 1.80 ? 63  GLN A HE22 1 
ATOM 978  N N    . ASP A 1 64  ? 0.745   -4.002  12.757  1.00 0.13 ? 64  ASP A N    1 
ATOM 979  C CA   . ASP A 1 64  ? -0.573  -4.589  13.106  1.00 0.13 ? 64  ASP A CA   1 
ATOM 980  C C    . ASP A 1 64  ? -1.411  -4.697  11.833  1.00 0.15 ? 64  ASP A C    1 
ATOM 981  O O    . ASP A 1 64  ? -2.149  -5.644  11.647  1.00 0.16 ? 64  ASP A O    1 
ATOM 982  C CB   . ASP A 1 64  ? -1.290  -3.725  14.154  1.00 0.17 ? 64  ASP A CB   1 
ATOM 983  C CG   . ASP A 1 64  ? -1.303  -2.260  13.727  1.00 0.21 ? 64  ASP A CG   1 
ATOM 984  O OD1  . ASP A 1 64  ? -1.910  -1.968  12.718  1.00 1.05 ? 64  ASP A OD1  1 
ATOM 985  O OD2  . ASP A 1 64  ? -0.725  -1.451  14.436  1.00 1.02 ? 64  ASP A OD2  1 
ATOM 986  H H    . ASP A 1 64  ? 0.996   -3.119  13.090  1.00 0.14 ? 64  ASP A H    1 
ATOM 987  H HA   . ASP A 1 64  ? -0.415  -5.580  13.510  1.00 0.14 ? 64  ASP A HA   1 
ATOM 988  H HB2  . ASP A 1 64  ? -2.312  -4.064  14.258  1.00 0.18 ? 64  ASP A HB2  1 
ATOM 989  H HB3  . ASP A 1 64  ? -0.784  -3.818  15.098  1.00 0.19 ? 64  ASP A HB3  1 
ATOM 990  N N    . VAL A 1 65  ? -1.291  -3.748  10.939  1.00 0.17 ? 65  VAL A N    1 
ATOM 991  C CA   . VAL A 1 65  ? -2.076  -3.826  9.675   1.00 0.22 ? 65  VAL A CA   1 
ATOM 992  C C    . VAL A 1 65  ? -1.494  -4.928  8.787   1.00 0.22 ? 65  VAL A C    1 
ATOM 993  O O    . VAL A 1 65  ? -2.204  -5.709  8.185   1.00 0.26 ? 65  VAL A O    1 
ATOM 994  C CB   . VAL A 1 65  ? -1.944  -2.511  8.876   1.00 0.26 ? 65  VAL A CB   1 
ATOM 995  C CG1  . VAL A 1 65  ? -2.983  -2.483  7.734   1.00 0.35 ? 65  VAL A CG1  1 
ATOM 996  C CG2  . VAL A 1 65  ? -2.129  -1.299  9.790   1.00 0.32 ? 65  VAL A CG2  1 
ATOM 997  H H    . VAL A 1 65  ? -0.682  -2.999  11.095  1.00 0.18 ? 65  VAL A H    1 
ATOM 998  H HA   . VAL A 1 65  ? -3.116  -4.031  9.896   1.00 0.25 ? 65  VAL A HA   1 
ATOM 999  H HB   . VAL A 1 65  ? -0.950  -2.466  8.441   1.00 0.23 ? 65  VAL A HB   1 
ATOM 1000 H HG11 . VAL A 1 65  ? -3.249  -3.494  7.453   1.00 1.10 ? 65  VAL A HG11 1 
ATOM 1001 H HG12 . VAL A 1 65  ? -3.873  -1.961  8.058   1.00 1.06 ? 65  VAL A HG12 1 
ATOM 1002 H HG13 . VAL A 1 65  ? -2.565  -1.976  6.876   1.00 1.05 ? 65  VAL A HG13 1 
ATOM 1003 H HG21 . VAL A 1 65  ? -1.413  -1.342  10.590  1.00 1.06 ? 65  VAL A HG21 1 
ATOM 1004 H HG22 . VAL A 1 65  ? -1.973  -0.394  9.221   1.00 1.06 ? 65  VAL A HG22 1 
ATOM 1005 H HG23 . VAL A 1 65  ? -3.120  -1.302  10.190  1.00 1.10 ? 65  VAL A HG23 1 
ATOM 1006 N N    . ALA A 1 66  ? -0.194  -4.952  8.674   1.00 0.19 ? 66  ALA A N    1 
ATOM 1007 C CA   . ALA A 1 66  ? 0.475   -5.948  7.797   1.00 0.22 ? 66  ALA A CA   1 
ATOM 1008 C C    . ALA A 1 66  ? 0.354   -7.355  8.385   1.00 0.23 ? 66  ALA A C    1 
ATOM 1009 O O    . ALA A 1 66  ? 0.154   -8.320  7.674   1.00 0.26 ? 66  ALA A O    1 
ATOM 1010 C CB   . ALA A 1 66  ? 1.956   -5.557  7.644   1.00 0.25 ? 66  ALA A CB   1 
ATOM 1011 H H    . ALA A 1 66  ? 0.344   -4.284  9.148   1.00 0.17 ? 66  ALA A H    1 
ATOM 1012 H HA   . ALA A 1 66  ? 0.002   -5.930  6.828   1.00 0.25 ? 66  ALA A HA   1 
ATOM 1013 H HB1  . ALA A 1 66  ? 2.065   -4.498  7.830   1.00 1.03 ? 66  ALA A HB1  1 
ATOM 1014 H HB2  . ALA A 1 66  ? 2.563   -6.106  8.351   1.00 0.98 ? 66  ALA A HB2  1 
ATOM 1015 H HB3  . ALA A 1 66  ? 2.286   -5.777  6.639   1.00 0.99 ? 66  ALA A HB3  1 
ATOM 1016 N N    . SER A 1 67  ? 0.495   -7.485  9.671   1.00 0.21 ? 67  SER A N    1 
ATOM 1017 C CA   . SER A 1 67  ? 0.403   -8.833  10.289  1.00 0.23 ? 67  SER A CA   1 
ATOM 1018 C C    . SER A 1 67  ? -0.976  -9.429  10.011  1.00 0.23 ? 67  SER A C    1 
ATOM 1019 O O    . SER A 1 67  ? -1.118  -10.614 9.793   1.00 0.24 ? 67  SER A O    1 
ATOM 1020 C CB   . SER A 1 67  ? 0.619   -8.713  11.798  1.00 0.23 ? 67  SER A CB   1 
ATOM 1021 O OG   . SER A 1 67  ? -0.384  -7.871  12.349  1.00 0.22 ? 67  SER A OG   1 
ATOM 1022 H H    . SER A 1 67  ? 0.669   -6.699  10.227  1.00 0.20 ? 67  SER A H    1 
ATOM 1023 H HA   . SER A 1 67  ? 1.162   -9.474  9.867   1.00 0.26 ? 67  SER A HA   1 
ATOM 1024 H HB2  . SER A 1 67  ? 0.554   -9.687  12.252  1.00 0.25 ? 67  SER A HB2  1 
ATOM 1025 H HB3  . SER A 1 67  ? 1.599   -8.294  11.987  1.00 0.24 ? 67  SER A HB3  1 
ATOM 1026 H HG   . SER A 1 67  ? -1.144  -8.415  12.563  1.00 0.89 ? 67  SER A HG   1 
ATOM 1027 N N    . GLU A 1 68  ? -1.995  -8.614  10.003  1.00 0.23 ? 68  GLU A N    1 
ATOM 1028 C CA   . GLU A 1 68  ? -3.360  -9.139  9.727   1.00 0.25 ? 68  GLU A CA   1 
ATOM 1029 C C    . GLU A 1 68  ? -3.406  -9.712  8.308   1.00 0.22 ? 68  GLU A C    1 
ATOM 1030 O O    . GLU A 1 68  ? -4.049  -10.709 8.048   1.00 0.24 ? 68  GLU A O    1 
ATOM 1031 C CB   . GLU A 1 68  ? -4.388  -8.005  9.831   1.00 0.29 ? 68  GLU A CB   1 
ATOM 1032 C CG   . GLU A 1 68  ? -5.815  -8.592  9.795   1.00 0.32 ? 68  GLU A CG   1 
ATOM 1033 C CD   . GLU A 1 68  ? -6.795  -7.583  9.187   1.00 1.27 ? 68  GLU A CD   1 
ATOM 1034 O OE1  . GLU A 1 68  ? -6.451  -6.989  8.178   1.00 1.96 ? 68  GLU A OE1  1 
ATOM 1035 O OE2  . GLU A 1 68  ? -7.876  -7.434  9.731   1.00 2.06 ? 68  GLU A OE2  1 
ATOM 1036 H H    . GLU A 1 68  ? -1.860  -7.658  10.170  1.00 0.23 ? 68  GLU A H    1 
ATOM 1037 H HA   . GLU A 1 68  ? -3.601  -9.914  10.440  1.00 0.27 ? 68  GLU A HA   1 
ATOM 1038 H HB2  . GLU A 1 68  ? -4.238  -7.470  10.760  1.00 0.32 ? 68  GLU A HB2  1 
ATOM 1039 H HB3  . GLU A 1 68  ? -4.253  -7.327  9.002   1.00 0.29 ? 68  GLU A HB3  1 
ATOM 1040 H HG2  . GLU A 1 68  ? -5.829  -9.496  9.206   1.00 0.98 ? 68  GLU A HG2  1 
ATOM 1041 H HG3  . GLU A 1 68  ? -6.128  -8.818  10.803  1.00 0.82 ? 68  GLU A HG3  1 
ATOM 1042 N N    . ALA A 1 69  ? -2.757  -9.058  7.379   1.00 0.20 ? 69  ALA A N    1 
ATOM 1043 C CA   . ALA A 1 69  ? -2.786  -9.527  5.961   1.00 0.20 ? 69  ALA A CA   1 
ATOM 1044 C C    . ALA A 1 69  ? -1.701  -10.574 5.700   1.00 0.19 ? 69  ALA A C    1 
ATOM 1045 O O    . ALA A 1 69  ? -1.550  -11.037 4.587   1.00 0.20 ? 69  ALA A O    1 
ATOM 1046 C CB   . ALA A 1 69  ? -2.563  -8.331  5.033   1.00 0.23 ? 69  ALA A CB   1 
ATOM 1047 H H    . ALA A 1 69  ? -2.271  -8.239  7.610   1.00 0.20 ? 69  ALA A H    1 
ATOM 1048 H HA   . ALA A 1 69  ? -3.749  -9.959  5.751   1.00 0.21 ? 69  ALA A HA   1 
ATOM 1049 H HB1  . ALA A 1 69  ? -3.237  -7.532  5.305   1.00 1.03 ? 69  ALA A HB1  1 
ATOM 1050 H HB2  . ALA A 1 69  ? -1.543  -7.989  5.127   1.00 1.05 ? 69  ALA A HB2  1 
ATOM 1051 H HB3  . ALA A 1 69  ? -2.751  -8.629  4.012   1.00 1.04 ? 69  ALA A HB3  1 
ATOM 1052 N N    . GLU A 1 70  ? -0.938  -10.945 6.692   1.00 0.18 ? 70  GLU A N    1 
ATOM 1053 C CA   . GLU A 1 70  ? 0.135   -11.962 6.463   1.00 0.18 ? 70  GLU A CA   1 
ATOM 1054 C C    . GLU A 1 70  ? 1.033   -11.508 5.315   1.00 0.17 ? 70  GLU A C    1 
ATOM 1055 O O    . GLU A 1 70  ? 1.290   -12.263 4.399   1.00 0.18 ? 70  GLU A O    1 
ATOM 1056 C CB   . GLU A 1 70  ? -0.465  -13.328 6.076   1.00 0.22 ? 70  GLU A CB   1 
ATOM 1057 C CG   . GLU A 1 70  ? -1.292  -13.980 7.224   1.00 0.24 ? 70  GLU A CG   1 
ATOM 1058 C CD   . GLU A 1 70  ? -1.397  -13.069 8.457   1.00 1.24 ? 70  GLU A CD   1 
ATOM 1059 O OE1  . GLU A 1 70  ? -2.276  -12.223 8.472   1.00 2.02 ? 70  GLU A OE1  1 
ATOM 1060 O OE2  . GLU A 1 70  ? -0.597  -13.240 9.362   1.00 2.02 ? 70  GLU A OE2  1 
ATOM 1061 H H    . GLU A 1 70  ? -1.064  -10.556 7.582   1.00 0.18 ? 70  GLU A H    1 
ATOM 1062 H HA   . GLU A 1 70  ? 0.726   -12.068 7.357   1.00 0.19 ? 70  GLU A HA   1 
ATOM 1063 H HB2  . GLU A 1 70  ? -1.098  -13.199 5.211   1.00 0.25 ? 70  GLU A HB2  1 
ATOM 1064 H HB3  . GLU A 1 70  ? 0.348   -13.990 5.806   1.00 0.24 ? 70  GLU A HB3  1 
ATOM 1065 H HG2  . GLU A 1 70  ? -2.289  -14.196 6.866   1.00 1.00 ? 70  GLU A HG2  1 
ATOM 1066 H HG3  . GLU A 1 70  ? -0.820  -14.910 7.513   1.00 1.03 ? 70  GLU A HG3  1 
ATOM 1067 N N    . VAL A 1 71  ? 1.518   -10.300 5.329   1.00 0.15 ? 71  VAL A N    1 
ATOM 1068 C CA   . VAL A 1 71  ? 2.373   -9.879  4.188   1.00 0.14 ? 71  VAL A CA   1 
ATOM 1069 C C    . VAL A 1 71  ? 3.661   -10.695 4.214   1.00 0.14 ? 71  VAL A C    1 
ATOM 1070 O O    . VAL A 1 71  ? 4.286   -10.870 5.244   1.00 0.16 ? 71  VAL A O    1 
ATOM 1071 C CB   . VAL A 1 71  ? 2.699   -8.387  4.279   1.00 0.13 ? 71  VAL A CB   1 
ATOM 1072 C CG1  . VAL A 1 71  ? 3.457   -7.984  3.007   1.00 0.14 ? 71  VAL A CG1  1 
ATOM 1073 C CG2  . VAL A 1 71  ? 1.387   -7.575  4.410   1.00 0.15 ? 71  VAL A CG2  1 
ATOM 1074 H H    . VAL A 1 71  ? 1.310   -9.682  6.061   1.00 0.15 ? 71  VAL A H    1 
ATOM 1075 H HA   . VAL A 1 71  ? 1.848   -10.075 3.264   1.00 0.15 ? 71  VAL A HA   1 
ATOM 1076 H HB   . VAL A 1 71  ? 3.334   -8.211  5.148   1.00 0.14 ? 71  VAL A HB   1 
ATOM 1077 H HG11 . VAL A 1 71  ? 2.908   -8.321  2.140   1.00 1.04 ? 71  VAL A HG11 1 
ATOM 1078 H HG12 . VAL A 1 71  ? 3.565   -6.909  2.968   1.00 1.00 ? 71  VAL A HG12 1 
ATOM 1079 H HG13 . VAL A 1 71  ? 4.434   -8.446  3.010   1.00 1.01 ? 71  VAL A HG13 1 
ATOM 1080 H HG21 . VAL A 1 71  ? 0.576   -8.102  3.922   1.00 1.05 ? 71  VAL A HG21 1 
ATOM 1081 H HG22 . VAL A 1 71  ? 1.147   -7.447  5.453   1.00 1.02 ? 71  VAL A HG22 1 
ATOM 1082 H HG23 . VAL A 1 71  ? 1.502   -6.601  3.952   1.00 1.02 ? 71  VAL A HG23 1 
ATOM 1083 N N    . LYS A 1 72  ? 4.032   -11.234 3.084   1.00 0.15 ? 72  LYS A N    1 
ATOM 1084 C CA   . LYS A 1 72  ? 5.247   -12.085 3.011   1.00 0.16 ? 72  LYS A CA   1 
ATOM 1085 C C    . LYS A 1 72  ? 6.404   -11.296 2.383   1.00 0.15 ? 72  LYS A C    1 
ATOM 1086 O O    . LYS A 1 72  ? 7.547   -11.701 2.452   1.00 0.16 ? 72  LYS A O    1 
ATOM 1087 C CB   . LYS A 1 72  ? 4.929   -13.283 2.113   1.00 0.19 ? 72  LYS A CB   1 
ATOM 1088 C CG   . LYS A 1 72  ? 3.744   -14.082 2.681   1.00 0.23 ? 72  LYS A CG   1 
ATOM 1089 C CD   . LYS A 1 72  ? 4.200   -15.018 3.801   1.00 0.74 ? 72  LYS A CD   1 
ATOM 1090 C CE   . LYS A 1 72  ? 3.016   -15.897 4.212   1.00 0.88 ? 72  LYS A CE   1 
ATOM 1091 N NZ   . LYS A 1 72  ? 3.467   -16.932 5.182   1.00 1.60 ? 72  LYS A NZ   1 
ATOM 1092 H H    . LYS A 1 72  ? 3.486   -11.100 2.281   1.00 0.15 ? 72  LYS A H    1 
ATOM 1093 H HA   . LYS A 1 72  ? 5.524   -12.426 3.990   1.00 0.17 ? 72  LYS A HA   1 
ATOM 1094 H HB2  . LYS A 1 72  ? 4.682   -12.929 1.123   1.00 0.19 ? 72  LYS A HB2  1 
ATOM 1095 H HB3  . LYS A 1 72  ? 5.797   -13.923 2.056   1.00 0.21 ? 72  LYS A HB3  1 
ATOM 1096 H HG2  . LYS A 1 72  ? 2.998   -13.401 3.074   1.00 0.51 ? 72  LYS A HG2  1 
ATOM 1097 H HG3  . LYS A 1 72  ? 3.301   -14.668 1.890   1.00 0.53 ? 72  LYS A HG3  1 
ATOM 1098 H HD2  . LYS A 1 72  ? 5.011   -15.638 3.447   1.00 1.04 ? 72  LYS A HD2  1 
ATOM 1099 H HD3  . LYS A 1 72  ? 4.529   -14.438 4.649   1.00 1.09 ? 72  LYS A HD3  1 
ATOM 1100 H HE2  . LYS A 1 72  ? 2.255   -15.283 4.670   1.00 1.30 ? 72  LYS A HE2  1 
ATOM 1101 H HE3  . LYS A 1 72  ? 2.608   -16.378 3.336   1.00 1.28 ? 72  LYS A HE3  1 
ATOM 1102 H HZ1  . LYS A 1 72  ? 4.075   -16.494 5.901   1.00 2.08 ? 72  LYS A HZ1  1 
ATOM 1103 H HZ2  . LYS A 1 72  ? 2.638   -17.358 5.643   1.00 2.04 ? 72  LYS A HZ2  1 
ATOM 1104 H HZ3  . LYS A 1 72  ? 4.000   -17.670 4.677   1.00 2.16 ? 72  LYS A HZ3  1 
ATOM 1105 N N    . ALA A 1 73  ? 6.119   -10.185 1.754   1.00 0.13 ? 73  ALA A N    1 
ATOM 1106 C CA   . ALA A 1 73  ? 7.216   -9.404  1.111   1.00 0.13 ? 73  ALA A CA   1 
ATOM 1107 C C    . ALA A 1 73  ? 6.767   -7.964  0.840   1.00 0.11 ? 73  ALA A C    1 
ATOM 1108 O O    . ALA A 1 73  ? 5.599   -7.684  0.695   1.00 0.12 ? 73  ALA A O    1 
ATOM 1109 C CB   . ALA A 1 73  ? 7.597   -10.089 -0.211  1.00 0.14 ? 73  ALA A CB   1 
ATOM 1110 H H    . ALA A 1 73  ? 5.191   -9.876  1.692   1.00 0.13 ? 73  ALA A H    1 
ATOM 1111 H HA   . ALA A 1 73  ? 8.073   -9.389  1.757   1.00 0.13 ? 73  ALA A HA   1 
ATOM 1112 H HB1  . ALA A 1 73  ? 6.723   -10.562 -0.632  1.00 1.04 ? 73  ALA A HB1  1 
ATOM 1113 H HB2  . ALA A 1 73  ? 7.978   -9.356  -0.906  1.00 1.00 ? 73  ALA A HB2  1 
ATOM 1114 H HB3  . ALA A 1 73  ? 8.357   -10.837 -0.026  1.00 1.03 ? 73  ALA A HB3  1 
ATOM 1115 N N    . THR A 1 74  ? 7.709   -7.057  0.742   1.00 0.11 ? 74  THR A N    1 
ATOM 1116 C CA   . THR A 1 74  ? 7.386   -5.624  0.454   1.00 0.11 ? 74  THR A CA   1 
ATOM 1117 C C    . THR A 1 74  ? 8.249   -5.195  -0.741  1.00 0.12 ? 74  THR A C    1 
ATOM 1118 O O    . THR A 1 74  ? 9.309   -5.744  -0.941  1.00 0.15 ? 74  THR A O    1 
ATOM 1119 C CB   . THR A 1 74  ? 7.765   -4.764  1.684   1.00 0.12 ? 74  THR A CB   1 
ATOM 1120 O OG1  . THR A 1 74  ? 9.175   -4.721  1.792   1.00 0.15 ? 74  THR A OG1  1 
ATOM 1121 C CG2  . THR A 1 74  ? 7.179   -5.344  2.985   1.00 0.14 ? 74  THR A CG2  1 
ATOM 1122 H H    . THR A 1 74  ? 8.646   -7.326  0.845   1.00 0.12 ? 74  THR A H    1 
ATOM 1123 H HA   . THR A 1 74  ? 6.341   -5.513  0.228   1.00 0.10 ? 74  THR A HA   1 
ATOM 1124 H HB   . THR A 1 74  ? 7.404   -3.758  1.553   1.00 0.12 ? 74  THR A HB   1 
ATOM 1125 H HG1  . THR A 1 74  ? 9.414   -5.043  2.663   1.00 0.89 ? 74  THR A HG1  1 
ATOM 1126 H HG21 . THR A 1 74  ? 6.913   -6.376  2.848   1.00 1.01 ? 74  THR A HG21 1 
ATOM 1127 H HG22 . THR A 1 74  ? 7.917   -5.270  3.770   1.00 1.01 ? 74  THR A HG22 1 
ATOM 1128 H HG23 . THR A 1 74  ? 6.299   -4.785  3.272   1.00 1.04 ? 74  THR A HG23 1 
ATOM 1129 N N    . PRO A 1 75  ? 7.857   -4.200  -1.505  1.00 0.13 ? 75  PRO A N    1 
ATOM 1130 C CA   . PRO A 1 75  ? 6.567   -3.471  -1.326  1.00 0.10 ? 75  PRO A CA   1 
ATOM 1131 C C    . PRO A 1 75  ? 5.362   -4.275  -1.831  1.00 0.09 ? 75  PRO A C    1 
ATOM 1132 O O    . PRO A 1 75  ? 5.421   -4.920  -2.859  1.00 0.10 ? 75  PRO A O    1 
ATOM 1133 C CB   . PRO A 1 75  ? 6.801   -2.211  -2.179  1.00 0.12 ? 75  PRO A CB   1 
ATOM 1134 C CG   . PRO A 1 75  ? 7.940   -2.521  -3.163  1.00 0.15 ? 75  PRO A CG   1 
ATOM 1135 C CD   . PRO A 1 75  ? 8.714   -3.736  -2.630  1.00 0.16 ? 75  PRO A CD   1 
ATOM 1136 H HA   . PRO A 1 75  ? 6.418   -3.196  -0.309  1.00 0.11 ? 75  PRO A HA   1 
ATOM 1137 H HB2  . PRO A 1 75  ? 5.900   -1.941  -2.720  1.00 0.11 ? 75  PRO A HB2  1 
ATOM 1138 H HB3  . PRO A 1 75  ? 7.095   -1.390  -1.540  1.00 0.13 ? 75  PRO A HB3  1 
ATOM 1139 H HG2  . PRO A 1 75  ? 7.531   -2.742  -4.144  1.00 0.15 ? 75  PRO A HG2  1 
ATOM 1140 H HG3  . PRO A 1 75  ? 8.603   -1.677  -3.234  1.00 0.18 ? 75  PRO A HG3  1 
ATOM 1141 H HD2  . PRO A 1 75  ? 8.800   -4.504  -3.392  1.00 0.18 ? 75  PRO A HD2  1 
ATOM 1142 H HD3  . PRO A 1 75  ? 9.689   -3.446  -2.260  1.00 0.19 ? 75  PRO A HD3  1 
ATOM 1143 N N    . THR A 1 76  ? 4.259   -4.199  -1.129  1.00 0.09 ? 76  THR A N    1 
ATOM 1144 C CA   . THR A 1 76  ? 3.018   -4.917  -1.566  1.00 0.09 ? 76  THR A CA   1 
ATOM 1145 C C    . THR A 1 76  ? 1.884   -3.908  -1.626  1.00 0.10 ? 76  THR A C    1 
ATOM 1146 O O    . THR A 1 76  ? 1.697   -3.110  -0.729  1.00 0.12 ? 76  THR A O    1 
ATOM 1147 C CB   . THR A 1 76  ? 2.651   -6.031  -0.574  1.00 0.10 ? 76  THR A CB   1 
ATOM 1148 O OG1  . THR A 1 76  ? 3.754   -6.906  -0.436  1.00 0.11 ? 76  THR A OG1  1 
ATOM 1149 C CG2  . THR A 1 76  ? 1.435   -6.834  -1.081  1.00 0.13 ? 76  THR A CG2  1 
ATOM 1150 H H    . THR A 1 76  ? 4.237   -3.645  -0.322  1.00 0.10 ? 76  THR A H    1 
ATOM 1151 H HA   . THR A 1 76  ? 3.159   -5.347  -2.549  1.00 0.10 ? 76  THR A HA   1 
ATOM 1152 H HB   . THR A 1 76  ? 2.417   -5.598  0.380   1.00 0.11 ? 76  THR A HB   1 
ATOM 1153 H HG1  . THR A 1 76  ? 3.858   -7.386  -1.260  1.00 0.90 ? 76  THR A HG1  1 
ATOM 1154 H HG21 . THR A 1 76  ? 0.762   -6.195  -1.635  1.00 1.04 ? 76  THR A HG21 1 
ATOM 1155 H HG22 . THR A 1 76  ? 1.775   -7.633  -1.722  1.00 1.04 ? 76  THR A HG22 1 
ATOM 1156 H HG23 . THR A 1 76  ? 0.905   -7.257  -0.239  1.00 0.99 ? 76  THR A HG23 1 
ATOM 1157 N N    . PHE A 1 77  ? 1.135   -3.937  -2.686  1.00 0.10 ? 77  PHE A N    1 
ATOM 1158 C CA   . PHE A 1 77  ? -0.003  -2.988  -2.842  1.00 0.10 ? 77  PHE A CA   1 
ATOM 1159 C C    . PHE A 1 77  ? -1.315  -3.766  -2.744  1.00 0.10 ? 77  PHE A C    1 
ATOM 1160 O O    . PHE A 1 77  ? -1.499  -4.776  -3.399  1.00 0.10 ? 77  PHE A O    1 
ATOM 1161 C CB   . PHE A 1 77  ? 0.104   -2.324  -4.210  1.00 0.13 ? 77  PHE A CB   1 
ATOM 1162 C CG   . PHE A 1 77  ? 1.417   -1.582  -4.289  1.00 0.14 ? 77  PHE A CG   1 
ATOM 1163 C CD1  . PHE A 1 77  ? 1.524   -0.266  -3.794  1.00 0.18 ? 77  PHE A CD1  1 
ATOM 1164 C CD2  . PHE A 1 77  ? 2.537   -2.212  -4.863  1.00 0.14 ? 77  PHE A CD2  1 
ATOM 1165 C CE1  . PHE A 1 77  ? 2.751   0.420   -3.881  1.00 0.20 ? 77  PHE A CE1  1 
ATOM 1166 C CE2  . PHE A 1 77  ? 3.765   -1.527  -4.947  1.00 0.16 ? 77  PHE A CE2  1 
ATOM 1167 C CZ   . PHE A 1 77  ? 3.872   -0.210  -4.458  1.00 0.19 ? 77  PHE A CZ   1 
ATOM 1168 H H    . PHE A 1 77  ? 1.327   -4.588  -3.389  1.00 0.10 ? 77  PHE A H    1 
ATOM 1169 H HA   . PHE A 1 77  ? 0.027   -2.232  -2.074  1.00 0.11 ? 77  PHE A HA   1 
ATOM 1170 H HB2  . PHE A 1 77  ? 0.066   -3.079  -4.983  1.00 0.13 ? 77  PHE A HB2  1 
ATOM 1171 H HB3  . PHE A 1 77  ? -0.712  -1.628  -4.341  1.00 0.14 ? 77  PHE A HB3  1 
ATOM 1172 H HD1  . PHE A 1 77  ? 0.664   0.217   -3.354  1.00 0.20 ? 77  PHE A HD1  1 
ATOM 1173 H HD2  . PHE A 1 77  ? 2.454   -3.222  -5.235  1.00 0.14 ? 77  PHE A HD2  1 
ATOM 1174 H HE1  . PHE A 1 77  ? 2.832   1.428   -3.505  1.00 0.23 ? 77  PHE A HE1  1 
ATOM 1175 H HE2  . PHE A 1 77  ? 4.624   -2.010  -5.391  1.00 0.17 ? 77  PHE A HE2  1 
ATOM 1176 H HZ   . PHE A 1 77  ? 4.812   0.317   -4.526  1.00 0.21 ? 77  PHE A HZ   1 
ATOM 1177 N N    . GLN A 1 78  ? -2.238  -3.294  -1.942  1.00 0.09 ? 78  GLN A N    1 
ATOM 1178 C CA   . GLN A 1 78  ? -3.554  -3.990  -1.797  1.00 0.09 ? 78  GLN A CA   1 
ATOM 1179 C C    . GLN A 1 78  ? -4.660  -3.034  -2.170  1.00 0.08 ? 78  GLN A C    1 
ATOM 1180 O O    . GLN A 1 78  ? -4.622  -1.863  -1.850  1.00 0.09 ? 78  GLN A O    1 
ATOM 1181 C CB   . GLN A 1 78  ? -3.760  -4.442  -0.347  1.00 0.09 ? 78  GLN A CB   1 
ATOM 1182 C CG   . GLN A 1 78  ? -2.814  -5.592  -0.052  1.00 0.12 ? 78  GLN A CG   1 
ATOM 1183 C CD   . GLN A 1 78  ? -3.104  -6.202  1.322   1.00 0.15 ? 78  GLN A CD   1 
ATOM 1184 O OE1  . GLN A 1 78  ? -4.201  -6.092  1.832   1.00 0.27 ? 78  GLN A OE1  1 
ATOM 1185 N NE2  . GLN A 1 78  ? -2.158  -6.860  1.938   1.00 0.29 ? 78  GLN A NE2  1 
ATOM 1186 H H    . GLN A 1 78  ? -2.070  -2.471  -1.438  1.00 0.09 ? 78  GLN A H    1 
ATOM 1187 H HA   . GLN A 1 78  ? -3.604  -4.851  -2.454  1.00 0.09 ? 78  GLN A HA   1 
ATOM 1188 H HB2  . GLN A 1 78  ? -3.556  -3.625  0.317   1.00 0.09 ? 78  GLN A HB2  1 
ATOM 1189 H HB3  . GLN A 1 78  ? -4.779  -4.776  -0.216  1.00 0.11 ? 78  GLN A HB3  1 
ATOM 1190 H HG2  . GLN A 1 78  ? -2.965  -6.329  -0.795  1.00 0.15 ? 78  GLN A HG2  1 
ATOM 1191 H HG3  . GLN A 1 78  ? -1.793  -5.241  -0.084  1.00 0.14 ? 78  GLN A HG3  1 
ATOM 1192 H HE21 . GLN A 1 78  ? -1.276  -6.957  1.521   1.00 0.43 ? 78  GLN A HE21 1 
ATOM 1193 H HE22 . GLN A 1 78  ? -2.330  -7.260  2.816   1.00 0.33 ? 78  GLN A HE22 1 
ATOM 1194 N N    . PHE A 1 79  ? -5.646  -3.533  -2.850  1.00 0.07 ? 79  PHE A N    1 
ATOM 1195 C CA   . PHE A 1 79  ? -6.785  -2.668  -3.269  1.00 0.07 ? 79  PHE A CA   1 
ATOM 1196 C C    . PHE A 1 79  ? -8.018  -2.992  -2.445  1.00 0.07 ? 79  PHE A C    1 
ATOM 1197 O O    . PHE A 1 79  ? -8.390  -4.136  -2.288  1.00 0.08 ? 79  PHE A O    1 
ATOM 1198 C CB   . PHE A 1 79  ? -7.075  -2.914  -4.743  1.00 0.08 ? 79  PHE A CB   1 
ATOM 1199 C CG   . PHE A 1 79  ? -5.883  -2.449  -5.535  1.00 0.09 ? 79  PHE A CG   1 
ATOM 1200 C CD1  . PHE A 1 79  ? -4.735  -3.259  -5.612  1.00 0.08 ? 79  PHE A CD1  1 
ATOM 1201 C CD2  . PHE A 1 79  ? -5.907  -1.199  -6.178  1.00 0.12 ? 79  PHE A CD2  1 
ATOM 1202 C CE1  . PHE A 1 79  ? -3.613  -2.818  -6.334  1.00 0.09 ? 79  PHE A CE1  1 
ATOM 1203 C CE2  . PHE A 1 79  ? -4.783  -0.758  -6.896  1.00 0.14 ? 79  PHE A CE2  1 
ATOM 1204 C CZ   . PHE A 1 79  ? -3.638  -1.564  -6.975  1.00 0.12 ? 79  PHE A CZ   1 
ATOM 1205 H H    . PHE A 1 79  ? -5.634  -4.489  -3.095  1.00 0.08 ? 79  PHE A H    1 
ATOM 1206 H HA   . PHE A 1 79  ? -6.533  -1.623  -3.133  1.00 0.08 ? 79  PHE A HA   1 
ATOM 1207 H HB2  . PHE A 1 79  ? -7.239  -3.970  -4.913  1.00 0.09 ? 79  PHE A HB2  1 
ATOM 1208 H HB3  . PHE A 1 79  ? -7.952  -2.359  -5.038  1.00 0.10 ? 79  PHE A HB3  1 
ATOM 1209 H HD1  . PHE A 1 79  ? -4.718  -4.220  -5.120  1.00 0.08 ? 79  PHE A HD1  1 
ATOM 1210 H HD2  . PHE A 1 79  ? -6.789  -0.579  -6.122  1.00 0.14 ? 79  PHE A HD2  1 
ATOM 1211 H HE1  . PHE A 1 79  ? -2.730  -3.438  -6.391  1.00 0.09 ? 79  PHE A HE1  1 
ATOM 1212 H HE2  . PHE A 1 79  ? -4.801  0.201   -7.393  1.00 0.17 ? 79  PHE A HE2  1 
ATOM 1213 H HZ   . PHE A 1 79  ? -2.780  -1.219  -7.527  1.00 0.14 ? 79  PHE A HZ   1 
ATOM 1214 N N    . PHE A 1 80  ? -8.663  -1.977  -1.937  1.00 0.08 ? 80  PHE A N    1 
ATOM 1215 C CA   . PHE A 1 80  ? -9.900  -2.174  -1.129  1.00 0.08 ? 80  PHE A CA   1 
ATOM 1216 C C    . PHE A 1 80  ? -11.010 -1.317  -1.700  1.00 0.09 ? 80  PHE A C    1 
ATOM 1217 O O    . PHE A 1 80  ? -10.772 -0.270  -2.271  1.00 0.12 ? 80  PHE A O    1 
ATOM 1218 C CB   . PHE A 1 80  ? -9.668  -1.774  0.323   1.00 0.09 ? 80  PHE A CB   1 
ATOM 1219 C CG   . PHE A 1 80  ? -8.783  -2.780  1.009   1.00 0.10 ? 80  PHE A CG   1 
ATOM 1220 C CD1  . PHE A 1 80  ? -7.380  -2.651  0.954   1.00 0.11 ? 80  PHE A CD1  1 
ATOM 1221 C CD2  . PHE A 1 80  ? -9.368  -3.842  1.729   1.00 0.12 ? 80  PHE A CD2  1 
ATOM 1222 C CE1  . PHE A 1 80  ? -6.567  -3.587  1.619   1.00 0.13 ? 80  PHE A CE1  1 
ATOM 1223 C CE2  . PHE A 1 80  ? -8.551  -4.773  2.396   1.00 0.14 ? 80  PHE A CE2  1 
ATOM 1224 C CZ   . PHE A 1 80  ? -7.150  -4.645  2.341   1.00 0.15 ? 80  PHE A CZ   1 
ATOM 1225 H H    . PHE A 1 80  ? -8.338  -1.067  -2.102  1.00 0.09 ? 80  PHE A H    1 
ATOM 1226 H HA   . PHE A 1 80  ? -10.204 -3.201  -1.168  1.00 0.09 ? 80  PHE A HA   1 
ATOM 1227 H HB2  . PHE A 1 80  ? -9.197  -0.806  0.360   1.00 0.10 ? 80  PHE A HB2  1 
ATOM 1228 H HB3  . PHE A 1 80  ? -10.617 -1.731  0.832   1.00 0.10 ? 80  PHE A HB3  1 
ATOM 1229 H HD1  . PHE A 1 80  ? -6.927  -1.844  0.395   1.00 0.12 ? 80  PHE A HD1  1 
ATOM 1230 H HD2  . PHE A 1 80  ? -10.443 -3.938  1.771   1.00 0.13 ? 80  PHE A HD2  1 
ATOM 1231 H HE1  . PHE A 1 80  ? -5.495  -3.488  1.582   1.00 0.15 ? 80  PHE A HE1  1 
ATOM 1232 H HE2  . PHE A 1 80  ? -8.998  -5.586  2.948   1.00 0.17 ? 80  PHE A HE2  1 
ATOM 1233 H HZ   . PHE A 1 80  ? -6.522  -5.360  2.851   1.00 0.17 ? 80  PHE A HZ   1 
ATOM 1234 N N    . LYS A 1 81  ? -12.226 -1.747  -1.546  1.00 0.09 ? 81  LYS A N    1 
ATOM 1235 C CA   . LYS A 1 81  ? -13.356 -0.953  -2.079  1.00 0.12 ? 81  LYS A CA   1 
ATOM 1236 C C    . LYS A 1 81  ? -14.582 -1.231  -1.215  1.00 0.11 ? 81  LYS A C    1 
ATOM 1237 O O    . LYS A 1 81  ? -14.925 -2.361  -0.971  1.00 0.13 ? 81  LYS A O    1 
ATOM 1238 C CB   . LYS A 1 81  ? -13.598 -1.396  -3.521  1.00 0.17 ? 81  LYS A CB   1 
ATOM 1239 C CG   . LYS A 1 81  ? -14.445 -0.352  -4.238  1.00 0.26 ? 81  LYS A CG   1 
ATOM 1240 C CD   . LYS A 1 81  ? -14.786 -0.825  -5.668  1.00 0.73 ? 81  LYS A CD   1 
ATOM 1241 C CE   . LYS A 1 81  ? -14.786 0.375   -6.622  1.00 1.02 ? 81  LYS A CE   1 
ATOM 1242 N NZ   . LYS A 1 81  ? -15.536 0.031   -7.858  1.00 1.68 ? 81  LYS A NZ   1 
ATOM 1243 H H    . LYS A 1 81  ? -12.400 -2.594  -1.076  1.00 0.10 ? 81  LYS A H    1 
ATOM 1244 H HA   . LYS A 1 81  ? -13.118 0.102   -2.051  1.00 0.14 ? 81  LYS A HA   1 
ATOM 1245 H HB2  . LYS A 1 81  ? -12.648 -1.498  -4.027  1.00 0.18 ? 81  LYS A HB2  1 
ATOM 1246 H HB3  . LYS A 1 81  ? -14.112 -2.345  -3.527  1.00 0.20 ? 81  LYS A HB3  1 
ATOM 1247 H HG2  . LYS A 1 81  ? -15.351 -0.193  -3.683  1.00 0.75 ? 81  LYS A HG2  1 
ATOM 1248 H HG3  . LYS A 1 81  ? -13.889 0.574   -4.283  1.00 0.81 ? 81  LYS A HG3  1 
ATOM 1249 H HD2  . LYS A 1 81  ? -14.053 -1.547  -6.006  1.00 1.51 ? 81  LYS A HD2  1 
ATOM 1250 H HD3  . LYS A 1 81  ? -15.767 -1.283  -5.675  1.00 1.27 ? 81  LYS A HD3  1 
ATOM 1251 H HE2  . LYS A 1 81  ? -15.254 1.221   -6.140  1.00 1.36 ? 81  LYS A HE2  1 
ATOM 1252 H HE3  . LYS A 1 81  ? -13.767 0.626   -6.877  1.00 1.64 ? 81  LYS A HE3  1 
ATOM 1253 H HZ1  . LYS A 1 81  ? -15.642 -1.001  -7.924  1.00 2.11 ? 81  LYS A HZ1  1 
ATOM 1254 H HZ2  . LYS A 1 81  ? -16.477 0.476   -7.825  1.00 2.13 ? 81  LYS A HZ2  1 
ATOM 1255 H HZ3  . LYS A 1 81  ? -15.016 0.378   -8.686  1.00 2.18 ? 81  LYS A HZ3  1 
ATOM 1256 N N    . LYS A 1 82  ? -15.224 -0.214  -0.718  1.00 0.12 ? 82  LYS A N    1 
ATOM 1257 C CA   . LYS A 1 82  ? -16.415 -0.441  0.160   1.00 0.13 ? 82  LYS A CA   1 
ATOM 1258 C C    . LYS A 1 82  ? -15.976 -1.300  1.347   1.00 0.13 ? 82  LYS A C    1 
ATOM 1259 O O    . LYS A 1 82  ? -16.753 -2.048  1.907   1.00 0.17 ? 82  LYS A O    1 
ATOM 1260 C CB   . LYS A 1 82  ? -17.542 -1.155  -0.611  1.00 0.16 ? 82  LYS A CB   1 
ATOM 1261 C CG   . LYS A 1 82  ? -18.036 -0.249  -1.735  1.00 0.20 ? 82  LYS A CG   1 
ATOM 1262 C CD   . LYS A 1 82  ? -19.324 -0.808  -2.338  1.00 0.32 ? 82  LYS A CD   1 
ATOM 1263 C CE   . LYS A 1 82  ? -19.665 -0.008  -3.597  1.00 0.31 ? 82  LYS A CE   1 
ATOM 1264 N NZ   . LYS A 1 82  ? -20.868 -0.593  -4.255  1.00 1.22 ? 82  LYS A NZ   1 
ATOM 1265 H H    . LYS A 1 82  ? -14.915 0.699   -0.905  1.00 0.14 ? 82  LYS A H    1 
ATOM 1266 H HA   . LYS A 1 82  ? -16.777 0.514   0.522   1.00 0.15 ? 82  LYS A HA   1 
ATOM 1267 H HB2  . LYS A 1 82  ? -17.177 -2.081  -1.026  1.00 0.17 ? 82  LYS A HB2  1 
ATOM 1268 H HB3  . LYS A 1 82  ? -18.359 -1.364  0.063   1.00 0.18 ? 82  LYS A HB3  1 
ATOM 1269 H HG2  . LYS A 1 82  ? -18.227 0.734   -1.338  1.00 0.26 ? 82  LYS A HG2  1 
ATOM 1270 H HG3  . LYS A 1 82  ? -17.285 -0.186  -2.500  1.00 0.33 ? 82  LYS A HG3  1 
ATOM 1271 H HD2  . LYS A 1 82  ? -19.182 -1.848  -2.594  1.00 0.50 ? 82  LYS A HD2  1 
ATOM 1272 H HD3  . LYS A 1 82  ? -20.128 -0.716  -1.625  1.00 0.43 ? 82  LYS A HD3  1 
ATOM 1273 H HE2  . LYS A 1 82  ? -19.867 1.017   -3.328  1.00 0.93 ? 82  LYS A HE2  1 
ATOM 1274 H HE3  . LYS A 1 82  ? -18.829 -0.041  -4.281  1.00 0.89 ? 82  LYS A HE3  1 
ATOM 1275 H HZ1  . LYS A 1 82  ? -21.031 -1.553  -3.889  1.00 1.80 ? 82  LYS A HZ1  1 
ATOM 1276 H HZ2  . LYS A 1 82  ? -21.696 0.003   -4.054  1.00 1.74 ? 82  LYS A HZ2  1 
ATOM 1277 H HZ3  . LYS A 1 82  ? -20.713 -0.633  -5.282  1.00 1.76 ? 82  LYS A HZ3  1 
ATOM 1278 N N    . GLY A 1 83  ? -14.729 -1.212  1.723   1.00 0.13 ? 83  GLY A N    1 
ATOM 1279 C CA   . GLY A 1 83  ? -14.234 -2.034  2.860   1.00 0.16 ? 83  GLY A CA   1 
ATOM 1280 C C    . GLY A 1 83  ? -14.048 -3.472  2.381   1.00 0.16 ? 83  GLY A C    1 
ATOM 1281 O O    . GLY A 1 83  ? -14.004 -4.395  3.169   1.00 0.23 ? 83  GLY A O    1 
ATOM 1282 H H    . GLY A 1 83  ? -14.115 -0.619  1.249   1.00 0.13 ? 83  GLY A H    1 
ATOM 1283 H HA2  . GLY A 1 83  ? -13.288 -1.642  3.205   1.00 0.18 ? 83  GLY A HA2  1 
ATOM 1284 H HA3  . GLY A 1 83  ? -14.952 -2.014  3.664   1.00 0.19 ? 83  GLY A HA3  1 
ATOM 1285 N N    . GLN A 1 84  ? -13.955 -3.668  1.083   1.00 0.12 ? 84  GLN A N    1 
ATOM 1286 C CA   . GLN A 1 84  ? -13.793 -5.047  0.521   1.00 0.15 ? 84  GLN A CA   1 
ATOM 1287 C C    . GLN A 1 84  ? -12.498 -5.146  -0.287  1.00 0.12 ? 84  GLN A C    1 
ATOM 1288 O O    . GLN A 1 84  ? -12.213 -4.320  -1.121  1.00 0.13 ? 84  GLN A O    1 
ATOM 1289 C CB   . GLN A 1 84  ? -14.978 -5.352  -0.409  1.00 0.20 ? 84  GLN A CB   1 
ATOM 1290 C CG   . GLN A 1 84  ? -16.295 -5.339  0.390   1.00 0.33 ? 84  GLN A CG   1 
ATOM 1291 C CD   . GLN A 1 84  ? -16.506 -6.702  1.043   1.00 0.97 ? 84  GLN A CD   1 
ATOM 1292 O OE1  . GLN A 1 84  ? -17.593 -7.022  1.482   1.00 0.95 ? 84  GLN A OE1  1 
ATOM 1293 N NE2  . GLN A 1 84  ? -15.499 -7.524  1.110   1.00 2.07 ? 84  GLN A NE2  1 
ATOM 1294 H H    . GLN A 1 84  ? -14.004 -2.904  0.476   1.00 0.13 ? 84  GLN A H    1 
ATOM 1295 H HA   . GLN A 1 84  ? -13.770 -5.769  1.317   1.00 0.18 ? 84  GLN A HA   1 
ATOM 1296 H HB2  . GLN A 1 84  ? -15.023 -4.617  -1.193  1.00 0.25 ? 84  GLN A HB2  1 
ATOM 1297 H HB3  . GLN A 1 84  ? -14.837 -6.326  -0.854  1.00 0.20 ? 84  GLN A HB3  1 
ATOM 1298 H HG2  . GLN A 1 84  ? -16.248 -4.578  1.157   1.00 0.99 ? 84  GLN A HG2  1 
ATOM 1299 H HG3  . GLN A 1 84  ? -17.118 -5.127  -0.274  1.00 0.87 ? 84  GLN A HG3  1 
ATOM 1300 H HE21 . GLN A 1 84  ? -14.625 -7.255  0.744   1.00 2.29 ? 84  GLN A HE21 1 
ATOM 1301 H HE22 . GLN A 1 84  ? -15.613 -8.410  1.512   1.00 2.75 ? 84  GLN A HE22 1 
ATOM 1302 N N    . LYS A 1 85  ? -11.731 -6.177  -0.065  1.00 0.12 ? 85  LYS A N    1 
ATOM 1303 C CA   . LYS A 1 85  ? -10.458 -6.358  -0.827  1.00 0.12 ? 85  LYS A CA   1 
ATOM 1304 C C    . LYS A 1 85  ? -10.784 -6.923  -2.207  1.00 0.14 ? 85  LYS A C    1 
ATOM 1305 O O    . LYS A 1 85  ? -11.444 -7.936  -2.329  1.00 0.21 ? 85  LYS A O    1 
ATOM 1306 C CB   . LYS A 1 85  ? -9.586  -7.342  -0.055  1.00 0.17 ? 85  LYS A CB   1 
ATOM 1307 C CG   . LYS A 1 85  ? -8.230  -7.490  -0.733  1.00 0.20 ? 85  LYS A CG   1 
ATOM 1308 C CD   . LYS A 1 85  ? -7.448  -8.574  -0.001  1.00 0.28 ? 85  LYS A CD   1 
ATOM 1309 C CE   . LYS A 1 85  ? -6.027  -8.642  -0.542  1.00 1.28 ? 85  LYS A CE   1 
ATOM 1310 N NZ   . LYS A 1 85  ? -5.382  -9.887  -0.044  1.00 1.82 ? 85  LYS A NZ   1 
ATOM 1311 H H    . LYS A 1 85  ? -11.999 -6.847  0.598   1.00 0.14 ? 85  LYS A H    1 
ATOM 1312 H HA   . LYS A 1 85  ? -9.937  -5.419  -0.931  1.00 0.10 ? 85  LYS A HA   1 
ATOM 1313 H HB2  . LYS A 1 85  ? -9.444  -6.975  0.951   1.00 0.19 ? 85  LYS A HB2  1 
ATOM 1314 H HB3  . LYS A 1 85  ? -10.076 -8.303  -0.022  1.00 0.21 ? 85  LYS A HB3  1 
ATOM 1315 H HG2  . LYS A 1 85  ? -8.367  -7.772  -1.766  1.00 0.23 ? 85  LYS A HG2  1 
ATOM 1316 H HG3  . LYS A 1 85  ? -7.691  -6.558  -0.679  1.00 0.21 ? 85  LYS A HG3  1 
ATOM 1317 H HD2  . LYS A 1 85  ? -7.420  -8.346  1.054   1.00 1.01 ? 85  LYS A HD2  1 
ATOM 1318 H HD3  . LYS A 1 85  ? -7.932  -9.527  -0.150  1.00 1.10 ? 85  LYS A HD3  1 
ATOM 1319 H HE2  . LYS A 1 85  ? -6.054  -8.653  -1.621  1.00 1.95 ? 85  LYS A HE2  1 
ATOM 1320 H HE3  . LYS A 1 85  ? -5.468  -7.784  -0.201  1.00 1.92 ? 85  LYS A HE3  1 
ATOM 1321 H HZ1  . LYS A 1 85  ? -6.095  -10.642 0.022   1.00 2.30 ? 85  LYS A HZ1  1 
ATOM 1322 H HZ2  . LYS A 1 85  ? -4.632  -10.178 -0.701  1.00 2.23 ? 85  LYS A HZ2  1 
ATOM 1323 H HZ3  . LYS A 1 85  ? -4.974  -9.712  0.897   1.00 2.22 ? 85  LYS A HZ3  1 
ATOM 1324 N N    . VAL A 1 86  ? -10.348 -6.253  -3.250  1.00 0.13 ? 86  VAL A N    1 
ATOM 1325 C CA   . VAL A 1 86  ? -10.642 -6.725  -4.639  1.00 0.18 ? 86  VAL A CA   1 
ATOM 1326 C C    . VAL A 1 86  ? -9.348  -6.920  -5.447  1.00 0.17 ? 86  VAL A C    1 
ATOM 1327 O O    . VAL A 1 86  ? -9.400  -7.149  -6.639  1.00 0.22 ? 86  VAL A O    1 
ATOM 1328 C CB   . VAL A 1 86  ? -11.532 -5.688  -5.335  1.00 0.25 ? 86  VAL A CB   1 
ATOM 1329 C CG1  . VAL A 1 86  ? -12.929 -5.694  -4.695  1.00 0.30 ? 86  VAL A CG1  1 
ATOM 1330 C CG2  . VAL A 1 86  ? -10.905 -4.289  -5.197  1.00 0.26 ? 86  VAL A CG2  1 
ATOM 1331 H H    . VAL A 1 86  ? -9.835  -5.430  -3.118  1.00 0.12 ? 86  VAL A H    1 
ATOM 1332 H HA   . VAL A 1 86  ? -11.169 -7.666  -4.602  1.00 0.23 ? 86  VAL A HA   1 
ATOM 1333 H HB   . VAL A 1 86  ? -11.620 -5.942  -6.382  1.00 0.30 ? 86  VAL A HB   1 
ATOM 1334 H HG11 . VAL A 1 86  ? -13.298 -6.707  -4.646  1.00 1.06 ? 86  VAL A HG11 1 
ATOM 1335 H HG12 . VAL A 1 86  ? -12.877 -5.285  -3.697  1.00 1.04 ? 86  VAL A HG12 1 
ATOM 1336 H HG13 . VAL A 1 86  ? -13.602 -5.096  -5.293  1.00 1.06 ? 86  VAL A HG13 1 
ATOM 1337 H HG21 . VAL A 1 86  ? -9.831  -4.363  -5.285  1.00 0.98 ? 86  VAL A HG21 1 
ATOM 1338 H HG22 . VAL A 1 86  ? -11.287 -3.649  -5.978  1.00 0.99 ? 86  VAL A HG22 1 
ATOM 1339 H HG23 . VAL A 1 86  ? -11.151 -3.866  -4.235  1.00 0.99 ? 86  VAL A HG23 1 
ATOM 1340 N N    . GLY A 1 87  ? -8.189  -6.836  -4.837  1.00 0.14 ? 87  GLY A N    1 
ATOM 1341 C CA   . GLY A 1 87  ? -6.941  -7.037  -5.646  1.00 0.17 ? 87  GLY A CA   1 
ATOM 1342 C C    . GLY A 1 87  ? -5.670  -6.855  -4.800  1.00 0.12 ? 87  GLY A C    1 
ATOM 1343 O O    . GLY A 1 87  ? -5.658  -6.144  -3.818  1.00 0.17 ? 87  GLY A O    1 
ATOM 1344 H H    . GLY A 1 87  ? -8.142  -6.649  -3.873  1.00 0.13 ? 87  GLY A H    1 
ATOM 1345 H HA2  . GLY A 1 87  ? -6.947  -8.033  -6.063  1.00 0.21 ? 87  GLY A HA2  1 
ATOM 1346 H HA3  . GLY A 1 87  ? -6.928  -6.319  -6.451  1.00 0.22 ? 87  GLY A HA3  1 
ATOM 1347 N N    . GLU A 1 88  ? -4.592  -7.487  -5.211  1.00 0.11 ? 88  GLU A N    1 
ATOM 1348 C CA   . GLU A 1 88  ? -3.290  -7.362  -4.478  1.00 0.13 ? 88  GLU A CA   1 
ATOM 1349 C C    . GLU A 1 88  ? -2.156  -7.837  -5.382  1.00 0.11 ? 88  GLU A C    1 
ATOM 1350 O O    . GLU A 1 88  ? -2.319  -8.733  -6.187  1.00 0.14 ? 88  GLU A O    1 
ATOM 1351 C CB   . GLU A 1 88  ? -3.303  -8.228  -3.200  1.00 0.21 ? 88  GLU A CB   1 
ATOM 1352 C CG   . GLU A 1 88  ? -1.926  -8.172  -2.453  1.00 0.58 ? 88  GLU A CG   1 
ATOM 1353 C CD   . GLU A 1 88  ? -1.220  -9.532  -2.443  1.00 1.13 ? 88  GLU A CD   1 
ATOM 1354 O OE1  . GLU A 1 88  ? -1.904  -10.540 -2.438  1.00 1.93 ? 88  GLU A OE1  1 
ATOM 1355 O OE2  . GLU A 1 88  ? 0.000   -9.534  -2.399  1.00 1.87 ? 88  GLU A OE2  1 
ATOM 1356 H H    . GLU A 1 88  ? -4.638  -8.039  -6.020  1.00 0.14 ? 88  GLU A H    1 
ATOM 1357 H HA   . GLU A 1 88  ? -3.125  -6.331  -4.210  1.00 0.18 ? 88  GLU A HA   1 
ATOM 1358 H HB2  . GLU A 1 88  ? -4.073  -7.857  -2.543  1.00 0.31 ? 88  GLU A HB2  1 
ATOM 1359 H HB3  . GLU A 1 88  ? -3.537  -9.243  -3.468  1.00 0.42 ? 88  GLU A HB3  1 
ATOM 1360 H HG2  . GLU A 1 88  ? -1.279  -7.445  -2.911  1.00 1.36 ? 88  GLU A HG2  1 
ATOM 1361 H HG3  . GLU A 1 88  ? -2.084  -7.892  -1.434  1.00 1.42 ? 88  GLU A HG3  1 
ATOM 1362 N N    . PHE A 1 89  ? -0.995  -7.277  -5.214  1.00 0.10 ? 89  PHE A N    1 
ATOM 1363 C CA   . PHE A 1 89  ? 0.177   -7.729  -6.013  1.00 0.09 ? 89  PHE A CA   1 
ATOM 1364 C C    . PHE A 1 89  ? 1.459   -7.218  -5.355  1.00 0.10 ? 89  PHE A C    1 
ATOM 1365 O O    . PHE A 1 89  ? 1.441   -6.289  -4.572  1.00 0.10 ? 89  PHE A O    1 
ATOM 1366 C CB   . PHE A 1 89  ? 0.068   -7.235  -7.464  1.00 0.11 ? 89  PHE A CB   1 
ATOM 1367 C CG   . PHE A 1 89  ? 0.398   -5.763  -7.571  1.00 0.10 ? 89  PHE A CG   1 
ATOM 1368 C CD1  . PHE A 1 89  ? 1.741   -5.341  -7.552  1.00 0.11 ? 89  PHE A CD1  1 
ATOM 1369 C CD2  . PHE A 1 89  ? -0.634  -4.818  -7.711  1.00 0.12 ? 89  PHE A CD2  1 
ATOM 1370 C CE1  . PHE A 1 89  ? 2.053   -3.972  -7.679  1.00 0.13 ? 89  PHE A CE1  1 
ATOM 1371 C CE2  . PHE A 1 89  ? -0.323  -3.450  -7.833  1.00 0.13 ? 89  PHE A CE2  1 
ATOM 1372 C CZ   . PHE A 1 89  ? 1.019   -3.026  -7.819  1.00 0.14 ? 89  PHE A CZ   1 
ATOM 1373 H H    . PHE A 1 89  ? -0.887  -6.581  -4.530  1.00 0.12 ? 89  PHE A H    1 
ATOM 1374 H HA   . PHE A 1 89  ? 0.201   -8.810  -6.013  1.00 0.10 ? 89  PHE A HA   1 
ATOM 1375 H HB2  . PHE A 1 89  ? 0.761   -7.793  -8.077  1.00 0.14 ? 89  PHE A HB2  1 
ATOM 1376 H HB3  . PHE A 1 89  ? -0.934  -7.405  -7.823  1.00 0.14 ? 89  PHE A HB3  1 
ATOM 1377 H HD1  . PHE A 1 89  ? 2.531   -6.067  -7.443  1.00 0.12 ? 89  PHE A HD1  1 
ATOM 1378 H HD2  . PHE A 1 89  ? -1.663  -5.142  -7.721  1.00 0.13 ? 89  PHE A HD2  1 
ATOM 1379 H HE1  . PHE A 1 89  ? 3.083   -3.648  -7.664  1.00 0.15 ? 89  PHE A HE1  1 
ATOM 1380 H HE2  . PHE A 1 89  ? -1.113  -2.729  -7.941  1.00 0.16 ? 89  PHE A HE2  1 
ATOM 1381 H HZ   . PHE A 1 89  ? 1.255   -1.979  -7.924  1.00 0.16 ? 89  PHE A HZ   1 
ATOM 1382 N N    . SER A 1 90  ? 2.565   -7.839  -5.664  1.00 0.10 ? 90  SER A N    1 
ATOM 1383 C CA   . SER A 1 90  ? 3.876   -7.435  -5.069  1.00 0.10 ? 90  SER A CA   1 
ATOM 1384 C C    . SER A 1 90  ? 4.867   -7.166  -6.189  1.00 0.09 ? 90  SER A C    1 
ATOM 1385 O O    . SER A 1 90  ? 4.691   -7.617  -7.304  1.00 0.11 ? 90  SER A O    1 
ATOM 1386 C CB   . SER A 1 90  ? 4.420   -8.567  -4.197  1.00 0.11 ? 90  SER A CB   1 
ATOM 1387 O OG   . SER A 1 90  ? 4.535   -9.748  -4.980  1.00 0.12 ? 90  SER A OG   1 
ATOM 1388 H H    . SER A 1 90  ? 2.534   -8.591  -6.291  1.00 0.10 ? 90  SER A H    1 
ATOM 1389 H HA   . SER A 1 90  ? 3.757   -6.542  -4.467  1.00 0.10 ? 90  SER A HA   1 
ATOM 1390 H HB2  . SER A 1 90  ? 5.401   -8.293  -3.834  1.00 0.12 ? 90  SER A HB2  1 
ATOM 1391 H HB3  . SER A 1 90  ? 3.759   -8.734  -3.357  1.00 0.13 ? 90  SER A HB3  1 
ATOM 1392 H HG   . SER A 1 90  ? 5.448   -10.042 -4.943  1.00 0.90 ? 90  SER A HG   1 
ATOM 1393 N N    . GLY A 1 91  ? 5.912   -6.433  -5.901  1.00 0.09 ? 91  GLY A N    1 
ATOM 1394 C CA   . GLY A 1 91  ? 6.935   -6.126  -6.946  1.00 0.09 ? 91  GLY A CA   1 
ATOM 1395 C C    . GLY A 1 91  ? 7.125   -4.613  -7.044  1.00 0.10 ? 91  GLY A C    1 
ATOM 1396 O O    . GLY A 1 91  ? 6.176   -3.855  -6.999  1.00 0.12 ? 91  GLY A O    1 
ATOM 1397 H H    . GLY A 1 91  ? 6.028   -6.085  -4.987  1.00 0.10 ? 91  GLY A H    1 
ATOM 1398 H HA2  . GLY A 1 91  ? 7.864   -6.597  -6.680  1.00 0.10 ? 91  GLY A HA2  1 
ATOM 1399 H HA3  . GLY A 1 91  ? 6.613   -6.499  -7.909  1.00 0.10 ? 91  GLY A HA3  1 
ATOM 1400 N N    . ALA A 1 92  ? 8.341   -4.161  -7.186  1.00 0.11 ? 92  ALA A N    1 
ATOM 1401 C CA   . ALA A 1 92  ? 8.571   -2.694  -7.295  1.00 0.14 ? 92  ALA A CA   1 
ATOM 1402 C C    . ALA A 1 92  ? 8.178   -2.223  -8.702  1.00 0.13 ? 92  ALA A C    1 
ATOM 1403 O O    . ALA A 1 92  ? 9.007   -1.761  -9.459  1.00 0.17 ? 92  ALA A O    1 
ATOM 1404 C CB   . ALA A 1 92  ? 10.059  -2.410  -7.068  1.00 0.18 ? 92  ALA A CB   1 
ATOM 1405 H H    . ALA A 1 92  ? 9.102   -4.783  -7.215  1.00 0.11 ? 92  ALA A H    1 
ATOM 1406 H HA   . ALA A 1 92  ? 7.982   -2.174  -6.554  1.00 0.15 ? 92  ALA A HA   1 
ATOM 1407 H HB1  . ALA A 1 92  ? 10.646  -3.133  -7.612  1.00 1.04 ? 92  ALA A HB1  1 
ATOM 1408 H HB2  . ALA A 1 92  ? 10.300  -1.419  -7.421  1.00 1.02 ? 92  ALA A HB2  1 
ATOM 1409 H HB3  . ALA A 1 92  ? 10.286  -2.485  -6.014  1.00 1.04 ? 92  ALA A HB3  1 
ATOM 1410 N N    . ASN A 1 93  ? 6.910   -2.321  -9.048  1.00 0.12 ? 93  ASN A N    1 
ATOM 1411 C CA   . ASN A 1 93  ? 6.444   -1.866  -10.401 1.00 0.14 ? 93  ASN A CA   1 
ATOM 1412 C C    . ASN A 1 93  ? 5.407   -0.752  -10.202 1.00 0.13 ? 93  ASN A C    1 
ATOM 1413 O O    . ASN A 1 93  ? 4.242   -1.009  -9.977  1.00 0.14 ? 93  ASN A O    1 
ATOM 1414 C CB   . ASN A 1 93  ? 5.799   -3.051  -11.133 1.00 0.16 ? 93  ASN A CB   1 
ATOM 1415 C CG   . ASN A 1 93  ? 5.602   -2.723  -12.621 1.00 0.20 ? 93  ASN A CG   1 
ATOM 1416 O OD1  . ASN A 1 93  ? 4.832   -3.374  -13.297 1.00 0.88 ? 93  ASN A OD1  1 
ATOM 1417 N ND2  . ASN A 1 93  ? 6.290   -1.761  -13.177 1.00 0.75 ? 93  ASN A ND2  1 
ATOM 1418 H H    . ASN A 1 93  ? 6.261   -2.683  -8.411  1.00 0.12 ? 93  ASN A H    1 
ATOM 1419 H HA   . ASN A 1 93  ? 7.272   -1.491  -10.978 1.00 0.16 ? 93  ASN A HA   1 
ATOM 1420 H HB2  . ASN A 1 93  ? 6.439   -3.917  -11.042 1.00 0.18 ? 93  ASN A HB2  1 
ATOM 1421 H HB3  . ASN A 1 93  ? 4.840   -3.268  -10.687 1.00 0.15 ? 93  ASN A HB3  1 
ATOM 1422 H HD21 . ASN A 1 93  ? 6.934   -1.248  -12.650 1.00 1.36 ? 93  ASN A HD21 1 
ATOM 1423 H HD22 . ASN A 1 93  ? 6.162   -1.555  -14.126 1.00 0.72 ? 93  ASN A HD22 1 
ATOM 1424 N N    . LYS A 1 94  ? 5.825   0.483   -10.266 1.00 0.14 ? 94  LYS A N    1 
ATOM 1425 C CA   . LYS A 1 94  ? 4.872   1.619   -10.062 1.00 0.15 ? 94  LYS A CA   1 
ATOM 1426 C C    . LYS A 1 94  ? 3.871   1.730   -11.222 1.00 0.15 ? 94  LYS A C    1 
ATOM 1427 O O    . LYS A 1 94  ? 2.735   2.121   -11.029 1.00 0.15 ? 94  LYS A O    1 
ATOM 1428 C CB   . LYS A 1 94  ? 5.680   2.914   -9.972  1.00 0.18 ? 94  LYS A CB   1 
ATOM 1429 C CG   . LYS A 1 94  ? 6.635   3.051   -11.191 1.00 0.18 ? 94  LYS A CG   1 
ATOM 1430 C CD   . LYS A 1 94  ? 8.094   2.834   -10.771 1.00 0.24 ? 94  LYS A CD   1 
ATOM 1431 C CE   . LYS A 1 94  ? 9.009   3.254   -11.920 1.00 0.59 ? 94  LYS A CE   1 
ATOM 1432 N NZ   . LYS A 1 94  ? 10.429  3.035   -11.531 1.00 1.06 ? 94  LYS A NZ   1 
ATOM 1433 H H    . LYS A 1 94  ? 6.772   0.667   -10.437 1.00 0.15 ? 94  LYS A H    1 
ATOM 1434 H HA   . LYS A 1 94  ? 4.332   1.485   -9.130  1.00 0.16 ? 94  LYS A HA   1 
ATOM 1435 H HB2  . LYS A 1 94  ? 4.993   3.741   -9.963  1.00 0.22 ? 94  LYS A HB2  1 
ATOM 1436 H HB3  . LYS A 1 94  ? 6.246   2.915   -9.052  1.00 0.20 ? 94  LYS A HB3  1 
ATOM 1437 H HG2  . LYS A 1 94  ? 6.383   2.323   -11.943 1.00 0.27 ? 94  LYS A HG2  1 
ATOM 1438 H HG3  . LYS A 1 94  ? 6.537   4.039   -11.616 1.00 0.25 ? 94  LYS A HG3  1 
ATOM 1439 H HD2  . LYS A 1 94  ? 8.316   3.430   -9.899  1.00 0.56 ? 94  LYS A HD2  1 
ATOM 1440 H HD3  . LYS A 1 94  ? 8.253   1.787   -10.548 1.00 0.52 ? 94  LYS A HD3  1 
ATOM 1441 H HE2  . LYS A 1 94  ? 8.779   2.668   -12.796 1.00 1.03 ? 94  LYS A HE2  1 
ATOM 1442 H HE3  . LYS A 1 94  ? 8.851   4.301   -12.136 1.00 1.02 ? 94  LYS A HE3  1 
ATOM 1443 H HZ1  . LYS A 1 94  ? 10.571  3.348   -10.548 1.00 1.60 ? 94  LYS A HZ1  1 
ATOM 1444 H HZ2  . LYS A 1 94  ? 10.658  2.024   -11.609 1.00 1.56 ? 94  LYS A HZ2  1 
ATOM 1445 H HZ3  . LYS A 1 94  ? 11.050  3.578   -12.162 1.00 1.54 ? 94  LYS A HZ3  1 
ATOM 1446 N N    . GLU A 1 95  ? 4.272   1.391   -12.418 1.00 0.15 ? 95  GLU A N    1 
ATOM 1447 C CA   . GLU A 1 95  ? 3.340   1.486   -13.574 1.00 0.15 ? 95  GLU A CA   1 
ATOM 1448 C C    . GLU A 1 95  ? 2.179   0.523   -13.356 1.00 0.15 ? 95  GLU A C    1 
ATOM 1449 O O    . GLU A 1 95  ? 1.074   0.735   -13.817 1.00 0.16 ? 95  GLU A O    1 
ATOM 1450 C CB   . GLU A 1 95  ? 4.080   1.096   -14.856 1.00 0.17 ? 95  GLU A CB   1 
ATOM 1451 C CG   . GLU A 1 95  ? 5.250   2.052   -15.099 1.00 0.19 ? 95  GLU A CG   1 
ATOM 1452 C CD   . GLU A 1 95  ? 4.720   3.431   -15.492 1.00 0.86 ? 95  GLU A CD   1 
ATOM 1453 O OE1  . GLU A 1 95  ? 3.522   3.550   -15.692 1.00 1.61 ? 95  GLU A OE1  1 
ATOM 1454 O OE2  . GLU A 1 95  ? 5.520   4.347   -15.586 1.00 1.55 ? 95  GLU A OE2  1 
ATOM 1455 H H    . GLU A 1 95  ? 5.187   1.076   -12.558 1.00 0.16 ? 95  GLU A H    1 
ATOM 1456 H HA   . GLU A 1 95  ? 2.967   2.496   -13.660 1.00 0.16 ? 95  GLU A HA   1 
ATOM 1457 H HB2  . GLU A 1 95  ? 4.453   0.087   -14.762 1.00 0.17 ? 95  GLU A HB2  1 
ATOM 1458 H HB3  . GLU A 1 95  ? 3.399   1.149   -15.689 1.00 0.19 ? 95  GLU A HB3  1 
ATOM 1459 H HG2  . GLU A 1 95  ? 5.838   2.135   -14.198 1.00 0.62 ? 95  GLU A HG2  1 
ATOM 1460 H HG3  . GLU A 1 95  ? 5.868   1.666   -15.896 1.00 0.60 ? 95  GLU A HG3  1 
ATOM 1461 N N    . LYS A 1 96  ? 2.441   -0.547  -12.671 1.00 0.14 ? 96  LYS A N    1 
ATOM 1462 C CA   . LYS A 1 96  ? 1.390   -1.565  -12.417 1.00 0.15 ? 96  LYS A CA   1 
ATOM 1463 C C    . LYS A 1 96  ? 0.247   -0.936  -11.637 1.00 0.14 ? 96  LYS A C    1 
ATOM 1464 O O    . LYS A 1 96  ? -0.907  -1.268  -11.821 1.00 0.15 ? 96  LYS A O    1 
ATOM 1465 C CB   . LYS A 1 96  ? 2.007   -2.684  -11.594 1.00 0.16 ? 96  LYS A CB   1 
ATOM 1466 C CG   . LYS A 1 96  ? 1.052   -3.879  -11.512 1.00 0.21 ? 96  LYS A CG   1 
ATOM 1467 C CD   . LYS A 1 96  ? 1.838   -5.134  -11.119 1.00 0.25 ? 96  LYS A CD   1 
ATOM 1468 C CE   . LYS A 1 96  ? 0.933   -6.360  -11.245 1.00 0.82 ? 96  LYS A CE   1 
ATOM 1469 N NZ   . LYS A 1 96  ? 1.752   -7.595  -11.100 1.00 1.45 ? 96  LYS A NZ   1 
ATOM 1470 H H    . LYS A 1 96  ? 3.346   -0.693  -12.330 1.00 0.14 ? 96  LYS A H    1 
ATOM 1471 H HA   . LYS A 1 96  ? 1.025   -1.954  -13.354 1.00 0.16 ? 96  LYS A HA   1 
ATOM 1472 H HB2  . LYS A 1 96  ? 2.927   -2.974  -12.051 1.00 0.17 ? 96  LYS A HB2  1 
ATOM 1473 H HB3  . LYS A 1 96  ? 2.203   -2.322  -10.596 1.00 0.16 ? 96  LYS A HB3  1 
ATOM 1474 H HG2  . LYS A 1 96  ? 0.296   -3.682  -10.764 1.00 0.22 ? 96  LYS A HG2  1 
ATOM 1475 H HG3  . LYS A 1 96  ? 0.580   -4.039  -12.468 1.00 0.23 ? 96  LYS A HG3  1 
ATOM 1476 H HD2  . LYS A 1 96  ? 2.691   -5.248  -11.776 1.00 0.66 ? 96  LYS A HD2  1 
ATOM 1477 H HD3  . LYS A 1 96  ? 2.183   -5.042  -10.101 1.00 0.67 ? 96  LYS A HD3  1 
ATOM 1478 H HE2  . LYS A 1 96  ? 0.179   -6.334  -10.472 1.00 1.45 ? 96  LYS A HE2  1 
ATOM 1479 H HE3  . LYS A 1 96  ? 0.456   -6.357  -12.214 1.00 1.39 ? 96  LYS A HE3  1 
ATOM 1480 H HZ1  . LYS A 1 96  ? 2.226   -7.590  -10.177 1.00 1.95 ? 96  LYS A HZ1  1 
ATOM 1481 H HZ2  . LYS A 1 96  ? 1.136   -8.429  -11.168 1.00 1.88 ? 96  LYS A HZ2  1 
ATOM 1482 H HZ3  . LYS A 1 96  ? 2.464   -7.627  -11.858 1.00 2.02 ? 96  LYS A HZ3  1 
ATOM 1483 N N    . LEU A 1 97  ? 0.560   -0.032  -10.761 1.00 0.13 ? 97  LEU A N    1 
ATOM 1484 C CA   . LEU A 1 97  ? -0.502  0.619   -9.964  1.00 0.13 ? 97  LEU A CA   1 
ATOM 1485 C C    . LEU A 1 97  ? -1.461  1.313   -10.900 1.00 0.14 ? 97  LEU A C    1 
ATOM 1486 O O    . LEU A 1 97  ? -2.659  1.313   -10.708 1.00 0.15 ? 97  LEU A O    1 
ATOM 1487 C CB   . LEU A 1 97  ? 0.127   1.687   -9.070  1.00 0.13 ? 97  LEU A CB   1 
ATOM 1488 C CG   . LEU A 1 97  ? 0.945   1.037   -7.951  1.00 0.14 ? 97  LEU A CG   1 
ATOM 1489 C CD1  . LEU A 1 97  ? 1.908   2.069   -7.325  1.00 0.19 ? 97  LEU A CD1  1 
ATOM 1490 C CD2  . LEU A 1 97  ? -0.011  0.508   -6.866  1.00 0.19 ? 97  LEU A CD2  1 
ATOM 1491 H H    . LEU A 1 97  ? 1.497   0.218   -10.624 1.00 0.13 ? 97  LEU A H    1 
ATOM 1492 H HA   . LEU A 1 97  ? -1.027  -0.109  -9.379  1.00 0.14 ? 97  LEU A HA   1 
ATOM 1493 H HB2  . LEU A 1 97  ? 0.772   2.303   -9.678  1.00 0.13 ? 97  LEU A HB2  1 
ATOM 1494 H HB3  . LEU A 1 97  ? -0.647  2.300   -8.641  1.00 0.16 ? 97  LEU A HB3  1 
ATOM 1495 H HG   . LEU A 1 97  ? 1.517   0.224   -8.360  1.00 0.14 ? 97  LEU A HG   1 
ATOM 1496 H HD11 . LEU A 1 97  ? 2.267   2.756   -8.078  1.00 1.03 ? 97  LEU A HD11 1 
ATOM 1497 H HD12 . LEU A 1 97  ? 1.395   2.622   -6.566  1.00 1.02 ? 97  LEU A HD12 1 
ATOM 1498 H HD13 . LEU A 1 97  ? 2.750   1.555   -6.886  1.00 1.03 ? 97  LEU A HD13 1 
ATOM 1499 H HD21 . LEU A 1 97  ? -0.650  1.310   -6.525  1.00 0.98 ? 97  LEU A HD21 1 
ATOM 1500 H HD22 . LEU A 1 97  ? -0.616  -0.292  -7.255  1.00 1.05 ? 97  LEU A HD22 1 
ATOM 1501 H HD23 . LEU A 1 97  ? 0.561   0.142   -6.047  1.00 1.05 ? 97  LEU A HD23 1 
ATOM 1502 N N    . GLU A 1 98  ? -0.935  1.920   -11.907 1.00 0.14 ? 98  GLU A N    1 
ATOM 1503 C CA   . GLU A 1 98  ? -1.818  2.653   -12.848 1.00 0.15 ? 98  GLU A CA   1 
ATOM 1504 C C    . GLU A 1 98  ? -2.796  1.690   -13.514 1.00 0.16 ? 98  GLU A C    1 
ATOM 1505 O O    . GLU A 1 98  ? -3.955  2.005   -13.696 1.00 0.18 ? 98  GLU A O    1 
ATOM 1506 C CB   . GLU A 1 98  ? -0.977  3.332   -13.931 1.00 0.18 ? 98  GLU A CB   1 
ATOM 1507 C CG   . GLU A 1 98  ? -1.878  4.231   -14.789 1.00 0.21 ? 98  GLU A CG   1 
ATOM 1508 C CD   . GLU A 1 98  ? -1.123  4.668   -16.043 1.00 1.28 ? 98  GLU A CD   1 
ATOM 1509 O OE1  . GLU A 1 98  ? 0.096   4.673   -16.005 1.00 2.10 ? 98  GLU A OE1  1 
ATOM 1510 O OE2  . GLU A 1 98  ? -1.777  4.985   -17.022 1.00 2.00 ? 98  GLU A OE2  1 
ATOM 1511 H H    . GLU A 1 98  ? 0.044   1.899   -12.033 1.00 0.13 ? 98  GLU A H    1 
ATOM 1512 H HA   . GLU A 1 98  ? -2.372  3.405   -12.305 1.00 0.16 ? 98  GLU A HA   1 
ATOM 1513 H HB2  . GLU A 1 98  ? -0.208  3.932   -13.465 1.00 0.19 ? 98  GLU A HB2  1 
ATOM 1514 H HB3  . GLU A 1 98  ? -0.520  2.581   -14.556 1.00 0.18 ? 98  GLU A HB3  1 
ATOM 1515 H HG2  . GLU A 1 98  ? -2.767  3.691   -15.081 1.00 0.94 ? 98  GLU A HG2  1 
ATOM 1516 H HG3  . GLU A 1 98  ? -2.159  5.104   -14.221 1.00 0.95 ? 98  GLU A HG3  1 
ATOM 1517 N N    . ALA A 1 99  ? -2.344  0.538   -13.910 1.00 0.16 ? 99  ALA A N    1 
ATOM 1518 C CA   . ALA A 1 99  ? -3.266  -0.401  -14.604 1.00 0.17 ? 99  ALA A CA   1 
ATOM 1519 C C    . ALA A 1 99  ? -4.340  -0.926  -13.649 1.00 0.16 ? 99  ALA A C    1 
ATOM 1520 O O    . ALA A 1 99  ? -5.499  -0.990  -13.997 1.00 0.17 ? 99  ALA A O    1 
ATOM 1521 C CB   . ALA A 1 99  ? -2.462  -1.573  -15.188 1.00 0.19 ? 99  ALA A CB   1 
ATOM 1522 H H    . ALA A 1 99  ? -1.399  0.304   -13.779 1.00 0.16 ? 99  ALA A H    1 
ATOM 1523 H HA   . ALA A 1 99  ? -3.754  0.132   -15.408 1.00 0.18 ? 99  ALA A HA   1 
ATOM 1524 H HB1  . ALA A 1 99  ? -1.478  -1.227  -15.467 1.00 1.06 ? 99  ALA A HB1  1 
ATOM 1525 H HB2  . ALA A 1 99  ? -2.369  -2.359  -14.451 1.00 1.03 ? 99  ALA A HB2  1 
ATOM 1526 H HB3  . ALA A 1 99  ? -2.967  -1.958  -16.062 1.00 1.02 ? 99  ALA A HB3  1 
ATOM 1527 N N    . THR A 1 100 ? -3.979  -1.314  -12.462 1.00 0.16 ? 100 THR A N    1 
ATOM 1528 C CA   . THR A 1 100 ? -5.013  -1.846  -11.534 1.00 0.16 ? 100 THR A CA   1 
ATOM 1529 C C    . THR A 1 100 ? -6.010  -0.736  -11.175 1.00 0.15 ? 100 THR A C    1 
ATOM 1530 O O    . THR A 1 100 ? -7.201  -0.963  -11.108 1.00 0.15 ? 100 THR A O    1 
ATOM 1531 C CB   . THR A 1 100 ? -4.346  -2.389  -10.270 1.00 0.17 ? 100 THR A CB   1 
ATOM 1532 O OG1  . THR A 1 100 ? -3.353  -3.340  -10.630 1.00 0.19 ? 100 THR A OG1  1 
ATOM 1533 C CG2  . THR A 1 100 ? -5.400  -3.069  -9.397  1.00 0.20 ? 100 THR A CG2  1 
ATOM 1534 H H    . THR A 1 100 ? -3.039  -1.270  -12.188 1.00 0.16 ? 100 THR A H    1 
ATOM 1535 H HA   . THR A 1 100 ? -5.542  -2.649  -12.028 1.00 0.17 ? 100 THR A HA   1 
ATOM 1536 H HB   . THR A 1 100 ? -3.892  -1.579  -9.718  1.00 0.16 ? 100 THR A HB   1 
ATOM 1537 H HG1  . THR A 1 100 ? -2.735  -2.912  -11.228 1.00 0.94 ? 100 THR A HG1  1 
ATOM 1538 H HG21 . THR A 1 100 ? -6.040  -3.685  -10.012 1.00 1.03 ? 100 THR A HG21 1 
ATOM 1539 H HG22 . THR A 1 100 ? -4.910  -3.688  -8.659  1.00 0.98 ? 100 THR A HG22 1 
ATOM 1540 H HG23 . THR A 1 100 ? -5.990  -2.314  -8.904  1.00 1.04 ? 100 THR A HG23 1 
ATOM 1541 N N    . ILE A 1 101 ? -5.539  0.466   -10.965 1.00 0.14 ? 101 ILE A N    1 
ATOM 1542 C CA   . ILE A 1 101 ? -6.475  1.585   -10.629 1.00 0.13 ? 101 ILE A CA   1 
ATOM 1543 C C    . ILE A 1 101 ? -7.440  1.756   -11.795 1.00 0.14 ? 101 ILE A C    1 
ATOM 1544 O O    . ILE A 1 101 ? -8.638  1.808   -11.622 1.00 0.14 ? 101 ILE A O    1 
ATOM 1545 C CB   . ILE A 1 101 ? -5.661  2.879   -10.433 1.00 0.14 ? 101 ILE A CB   1 
ATOM 1546 C CG1  . ILE A 1 101 ? -4.814  2.744   -9.153  1.00 0.14 ? 101 ILE A CG1  1 
ATOM 1547 C CG2  . ILE A 1 101 ? -6.584  4.141   -10.332 1.00 0.15 ? 101 ILE A CG2  1 
ATOM 1548 C CD1  . ILE A 1 101 ? -3.695  3.808   -9.147  1.00 0.16 ? 101 ILE A CD1  1 
ATOM 1549 H H    . ILE A 1 101 ? -4.580  0.633   -11.042 1.00 0.14 ? 101 ILE A H    1 
ATOM 1550 H HA   . ILE A 1 101 ? -7.024  1.356   -9.725  1.00 0.12 ? 101 ILE A HA   1 
ATOM 1551 H HB   . ILE A 1 101 ? -4.994  2.995   -11.280 1.00 0.15 ? 101 ILE A HB   1 
ATOM 1552 H HG12 . ILE A 1 101 ? -5.448  2.875   -8.284  1.00 0.15 ? 101 ILE A HG12 1 
ATOM 1553 H HG13 . ILE A 1 101 ? -4.372  1.759   -9.116  1.00 0.15 ? 101 ILE A HG13 1 
ATOM 1554 H HG21 . ILE A 1 101 ? -7.603  3.892   -10.575 1.00 1.01 ? 101 ILE A HG21 1 
ATOM 1555 H HG22 . ILE A 1 101 ? -6.562  4.549   -9.331  1.00 1.02 ? 101 ILE A HG22 1 
ATOM 1556 H HG23 . ILE A 1 101 ? -6.236  4.898   -11.023 1.00 1.00 ? 101 ILE A HG23 1 
ATOM 1557 H HD11 . ILE A 1 101 ? -3.958  4.630   -9.800  1.00 1.04 ? 101 ILE A HD11 1 
ATOM 1558 H HD12 . ILE A 1 101 ? -3.565  4.182   -8.147  1.00 1.01 ? 101 ILE A HD12 1 
ATOM 1559 H HD13 . ILE A 1 101 ? -2.769  3.366   -9.486  1.00 1.04 ? 101 ILE A HD13 1 
ATOM 1560 N N    . ASN A 1 102 ? -6.917  1.840   -12.982 1.00 0.17 ? 102 ASN A N    1 
ATOM 1561 C CA   . ASN A 1 102 ? -7.783  2.000   -14.175 1.00 0.20 ? 102 ASN A CA   1 
ATOM 1562 C C    . ASN A 1 102 ? -8.716  0.801   -14.261 1.00 0.19 ? 102 ASN A C    1 
ATOM 1563 O O    . ASN A 1 102 ? -9.846  0.896   -14.689 1.00 0.20 ? 102 ASN A O    1 
ATOM 1564 C CB   . ASN A 1 102 ? -6.914  2.052   -15.431 1.00 0.25 ? 102 ASN A CB   1 
ATOM 1565 C CG   . ASN A 1 102 ? -7.805  2.228   -16.661 1.00 0.31 ? 102 ASN A CG   1 
ATOM 1566 O OD1  . ASN A 1 102 ? -8.554  1.341   -17.017 1.00 0.95 ? 102 ASN A OD1  1 
ATOM 1567 N ND2  . ASN A 1 102 ? -7.744  3.342   -17.332 1.00 0.55 ? 102 ASN A ND2  1 
ATOM 1568 H H    . ASN A 1 102 ? -5.944  1.791   -13.090 1.00 0.19 ? 102 ASN A H    1 
ATOM 1569 H HA   . ASN A 1 102 ? -8.361  2.909   -14.090 1.00 0.20 ? 102 ASN A HA   1 
ATOM 1570 H HB2  . ASN A 1 102 ? -6.228  2.885   -15.361 1.00 0.29 ? 102 ASN A HB2  1 
ATOM 1571 H HB3  . ASN A 1 102 ? -6.357  1.132   -15.524 1.00 0.24 ? 102 ASN A HB3  1 
ATOM 1572 H HD21 . ASN A 1 102 ? -7.132  4.051   -17.047 1.00 1.09 ? 102 ASN A HD21 1 
ATOM 1573 H HD22 . ASN A 1 102 ? -8.310  3.470   -18.122 1.00 0.51 ? 102 ASN A HD22 1 
ATOM 1574 N N    . GLU A 1 103 ? -8.221  -0.337  -13.889 1.00 0.18 ? 103 GLU A N    1 
ATOM 1575 C CA   . GLU A 1 103 ? -9.033  -1.572  -13.971 1.00 0.18 ? 103 GLU A CA   1 
ATOM 1576 C C    . GLU A 1 103 ? -10.182 -1.503  -12.949 1.00 0.16 ? 103 GLU A C    1 
ATOM 1577 O O    . GLU A 1 103 ? -11.282 -1.942  -13.222 1.00 0.18 ? 103 GLU A O    1 
ATOM 1578 C CB   . GLU A 1 103 ? -8.098  -2.757  -13.669 1.00 0.19 ? 103 GLU A CB   1 
ATOM 1579 C CG   . GLU A 1 103 ? -8.717  -4.098  -14.117 1.00 0.21 ? 103 GLU A CG   1 
ATOM 1580 C CD   . GLU A 1 103 ? -9.609  -4.682  -13.019 1.00 1.34 ? 103 GLU A CD   1 
ATOM 1581 O OE1  . GLU A 1 103 ? -9.957  -3.953  -12.110 1.00 2.21 ? 103 GLU A OE1  1 
ATOM 1582 O OE2  . GLU A 1 103 ? -9.921  -5.859  -13.107 1.00 2.04 ? 103 GLU A OE2  1 
ATOM 1583 H H    . GLU A 1 103 ? -7.295  -0.384  -13.575 1.00 0.18 ? 103 GLU A H    1 
ATOM 1584 H HA   . GLU A 1 103 ? -9.438  -1.668  -14.966 1.00 0.20 ? 103 GLU A HA   1 
ATOM 1585 H HB2  . GLU A 1 103 ? -7.161  -2.603  -14.183 1.00 0.20 ? 103 GLU A HB2  1 
ATOM 1586 H HB3  . GLU A 1 103 ? -7.909  -2.789  -12.605 1.00 0.18 ? 103 GLU A HB3  1 
ATOM 1587 H HG2  . GLU A 1 103 ? -9.305  -3.948  -15.010 1.00 0.98 ? 103 GLU A HG2  1 
ATOM 1588 H HG3  . GLU A 1 103 ? -7.922  -4.798  -14.335 1.00 0.98 ? 103 GLU A HG3  1 
ATOM 1589 N N    . LEU A 1 104 ? -9.938  -0.967  -11.771 1.00 0.14 ? 104 LEU A N    1 
ATOM 1590 C CA   . LEU A 1 104 ? -11.024 -0.891  -10.731 1.00 0.14 ? 104 LEU A CA   1 
ATOM 1591 C C    . LEU A 1 104 ? -11.629 0.523   -10.658 1.00 0.13 ? 104 LEU A C    1 
ATOM 1592 O O    . LEU A 1 104 ? -12.522 0.769   -9.871  1.00 0.15 ? 104 LEU A O    1 
ATOM 1593 C CB   . LEU A 1 104 ? -10.434 -1.238  -9.354  1.00 0.14 ? 104 LEU A CB   1 
ATOM 1594 C CG   . LEU A 1 104 ? -9.841  -2.665  -9.349  1.00 0.16 ? 104 LEU A CG   1 
ATOM 1595 C CD1  . LEU A 1 104 ? -8.966  -2.887  -8.079  1.00 0.17 ? 104 LEU A CD1  1 
ATOM 1596 C CD2  . LEU A 1 104 ? -10.968 -3.720  -9.374  1.00 0.25 ? 104 LEU A CD2  1 
ATOM 1597 H H    . LEU A 1 104 ? -9.042  -0.626  -11.566 1.00 0.14 ? 104 LEU A H    1 
ATOM 1598 H HA   . LEU A 1 104 ? -11.809 -1.582  -10.971 1.00 0.15 ? 104 LEU A HA   1 
ATOM 1599 H HB2  . LEU A 1 104 ? -9.657  -0.532  -9.129  1.00 0.13 ? 104 LEU A HB2  1 
ATOM 1600 H HB3  . LEU A 1 104 ? -11.210 -1.169  -8.602  1.00 0.17 ? 104 LEU A HB3  1 
ATOM 1601 H HG   . LEU A 1 104 ? -9.222  -2.782  -10.227 1.00 0.18 ? 104 LEU A HG   1 
ATOM 1602 H HD11 . LEU A 1 104 ? -8.806  -1.952  -7.558  1.00 1.03 ? 104 LEU A HD11 1 
ATOM 1603 H HD12 . LEU A 1 104 ? -9.450  -3.582  -7.412  1.00 1.01 ? 104 LEU A HD12 1 
ATOM 1604 H HD13 . LEU A 1 104 ? -8.009  -3.294  -8.366  1.00 1.01 ? 104 LEU A HD13 1 
ATOM 1605 H HD21 . LEU A 1 104 ? -11.616 -3.574  -8.521  1.00 0.95 ? 104 LEU A HD21 1 
ATOM 1606 H HD22 . LEU A 1 104 ? -11.539 -3.638  -10.280 1.00 1.05 ? 104 LEU A HD22 1 
ATOM 1607 H HD23 . LEU A 1 104 ? -10.530 -4.706  -9.323  1.00 1.00 ? 104 LEU A HD23 1 
ATOM 1608 N N    . VAL A 1 105 ? -11.169 1.457   -11.448 1.00 0.14 ? 105 VAL A N    1 
ATOM 1609 C CA   . VAL A 1 105 ? -11.758 2.830   -11.368 1.00 0.15 ? 105 VAL A CA   1 
ATOM 1610 C C    . VAL A 1 105 ? -13.216 2.778   -11.836 1.00 0.16 ? 105 VAL A C    1 
ATOM 1611 O O    . VAL A 1 105 ? -13.472 2.138   -12.842 1.00 1.08 ? 105 VAL A O    1 
ATOM 1612 C CB   . VAL A 1 105 ? -10.969 3.809   -12.255 1.00 0.17 ? 105 VAL A CB   1 
ATOM 1613 C CG1  . VAL A 1 105 ? -11.275 3.550   -13.738 1.00 0.21 ? 105 VAL A CG1  1 
ATOM 1614 C CG2  . VAL A 1 105 ? -11.365 5.245   -11.896 1.00 0.19 ? 105 VAL A CG2  1 
ATOM 1615 O OXT  . VAL A 1 105 ? -14.050 3.380   -11.180 1.00 1.08 ? 105 VAL A OXT  1 
ATOM 1616 H H    . VAL A 1 105 ? -10.446 1.262   -12.080 1.00 0.15 ? 105 VAL A H    1 
ATOM 1617 H HA   . VAL A 1 105 ? -11.723 3.172   -10.340 1.00 0.15 ? 105 VAL A HA   1 
ATOM 1618 H HB   . VAL A 1 105 ? -9.913  3.677   -12.083 1.00 0.17 ? 105 VAL A HB   1 
ATOM 1619 H HG11 . VAL A 1 105 ? -11.334 2.488   -13.913 1.00 1.04 ? 105 VAL A HG11 1 
ATOM 1620 H HG12 . VAL A 1 105 ? -12.220 4.006   -13.998 1.00 0.97 ? 105 VAL A HG12 1 
ATOM 1621 H HG13 . VAL A 1 105 ? -10.491 3.974   -14.347 1.00 1.05 ? 105 VAL A HG13 1 
ATOM 1622 H HG21 . VAL A 1 105 ? -12.440 5.318   -11.832 1.00 1.03 ? 105 VAL A HG21 1 
ATOM 1623 H HG22 . VAL A 1 105 ? -10.929 5.512   -10.944 1.00 1.04 ? 105 VAL A HG22 1 
ATOM 1624 H HG23 . VAL A 1 105 ? -11.003 5.920   -12.659 1.00 1.03 ? 105 VAL A HG23 1 
ATOM 1625 N N    . PRO B 2 1   ? 19.679  -14.772 -4.643  1.00 1.11 ? 59  PRO B N    1 
ATOM 1626 C CA   . PRO B 2 1   ? 18.383  -15.091 -3.987  1.00 1.14 ? 59  PRO B CA   1 
ATOM 1627 C C    . PRO B 2 1   ? 17.738  -13.820 -3.425  1.00 1.00 ? 59  PRO B C    1 
ATOM 1628 O O    . PRO B 2 1   ? 16.542  -13.751 -3.218  1.00 1.04 ? 59  PRO B O    1 
ATOM 1629 C CB   . PRO B 2 1   ? 18.748  -16.060 -2.839  1.00 1.33 ? 59  PRO B CB   1 
ATOM 1630 C CG   . PRO B 2 1   ? 20.176  -16.500 -3.070  1.00 1.46 ? 59  PRO B CG   1 
ATOM 1631 C CD   . PRO B 2 1   ? 20.789  -15.595 -4.155  1.00 1.26 ? 59  PRO B CD   1 
ATOM 1632 H HA   . PRO B 2 1   ? 17.717  -15.574 -4.685  1.00 1.18 ? 59  PRO B HA   1 
ATOM 1633 H HB2  . PRO B 2 1   ? 18.657  -15.564 -1.878  1.00 1.51 ? 59  PRO B HB2  1 
ATOM 1634 H HB3  . PRO B 2 1   ? 18.091  -16.920 -2.864  1.00 1.39 ? 59  PRO B HB3  1 
ATOM 1635 H HG2  . PRO B 2 1   ? 20.741  -16.403 -2.149  1.00 1.70 ? 59  PRO B HG2  1 
ATOM 1636 H HG3  . PRO B 2 1   ? 20.202  -17.531 -3.399  1.00 1.75 ? 59  PRO B HG3  1 
ATOM 1637 H HD2  . PRO B 2 1   ? 21.562  -14.964 -3.733  1.00 1.19 ? 59  PRO B HD2  1 
ATOM 1638 H HD3  . PRO B 2 1   ? 21.192  -16.187 -4.965  1.00 1.41 ? 59  PRO B HD3  1 
ATOM 1639 N N    . ALA B 2 2   ? 18.534  -12.813 -3.182  1.00 0.88 ? 60  ALA B N    1 
ATOM 1640 C CA   . ALA B 2 2   ? 17.996  -11.534 -2.640  1.00 0.76 ? 60  ALA B CA   1 
ATOM 1641 C C    . ALA B 2 2   ? 17.738  -10.588 -3.814  1.00 0.61 ? 60  ALA B C    1 
ATOM 1642 O O    . ALA B 2 2   ? 18.634  -10.272 -4.573  1.00 0.61 ? 60  ALA B O    1 
ATOM 1643 C CB   . ALA B 2 2   ? 19.032  -10.924 -1.665  1.00 0.78 ? 60  ALA B CB   1 
ATOM 1644 H H    . ALA B 2 2   ? 19.494  -12.899 -3.364  1.00 0.91 ? 60  ALA B H    1 
ATOM 1645 H HA   . ALA B 2 2   ? 17.064  -11.719 -2.118  1.00 0.80 ? 60  ALA B HA   1 
ATOM 1646 H HB1  . ALA B 2 2   ? 19.916  -11.543 -1.655  1.00 1.22 ? 60  ALA B HB1  1 
ATOM 1647 H HB2  . ALA B 2 2   ? 19.302  -9.924  -1.977  1.00 1.27 ? 60  ALA B HB2  1 
ATOM 1648 H HB3  . ALA B 2 2   ? 18.615  -10.885 -0.667  1.00 1.35 ? 60  ALA B HB3  1 
ATOM 1649 N N    . THR B 2 3   ? 16.522  -10.136 -3.966  1.00 0.54 ? 61  THR B N    1 
ATOM 1650 C CA   . THR B 2 3   ? 16.190  -9.210  -5.091  1.00 0.44 ? 61  THR B CA   1 
ATOM 1651 C C    . THR B 2 3   ? 15.961  -7.807  -4.527  1.00 0.34 ? 61  THR B C    1 
ATOM 1652 O O    . THR B 2 3   ? 15.226  -7.619  -3.578  1.00 0.32 ? 61  THR B O    1 
ATOM 1653 C CB   . THR B 2 3   ? 14.919  -9.712  -5.781  1.00 0.51 ? 61  THR B CB   1 
ATOM 1654 O OG1  . THR B 2 3   ? 15.105  -11.066 -6.175  1.00 0.70 ? 61  THR B OG1  1 
ATOM 1655 C CG2  . THR B 2 3   ? 14.636  -8.862  -7.017  1.00 0.47 ? 61  THR B CG2  1 
ATOM 1656 H H    . THR B 2 3   ? 15.822  -10.408 -3.337  1.00 0.59 ? 61  THR B H    1 
ATOM 1657 H HA   . THR B 2 3   ? 16.998  -9.182  -5.811  1.00 0.48 ? 61  THR B HA   1 
ATOM 1658 H HB   . THR B 2 3   ? 14.084  -9.644  -5.101  1.00 0.73 ? 61  THR B HB   1 
ATOM 1659 H HG1  . THR B 2 3   ? 14.528  -11.614 -5.637  1.00 1.36 ? 61  THR B HG1  1 
ATOM 1660 H HG21 . THR B 2 3   ? 14.514  -7.834  -6.723  1.00 1.14 ? 61  THR B HG21 1 
ATOM 1661 H HG22 . THR B 2 3   ? 15.463  -8.944  -7.707  1.00 1.11 ? 61  THR B HG22 1 
ATOM 1662 H HG23 . THR B 2 3   ? 13.733  -9.211  -7.495  1.00 1.11 ? 61  THR B HG23 1 
ATOM 1663 N N    . LEU B 2 4   ? 16.597  -6.821  -5.098  1.00 0.34 ? 62  LEU B N    1 
ATOM 1664 C CA   . LEU B 2 4   ? 16.430  -5.428  -4.597  1.00 0.32 ? 62  LEU B CA   1 
ATOM 1665 C C    . LEU B 2 4   ? 14.989  -4.969  -4.833  1.00 0.23 ? 62  LEU B C    1 
ATOM 1666 O O    . LEU B 2 4   ? 14.458  -4.154  -4.107  1.00 0.25 ? 62  LEU B O    1 
ATOM 1667 C CB   . LEU B 2 4   ? 17.391  -4.498  -5.344  1.00 0.40 ? 62  LEU B CB   1 
ATOM 1668 C CG   . LEU B 2 4   ? 18.840  -4.791  -4.917  1.00 0.50 ? 62  LEU B CG   1 
ATOM 1669 C CD1  . LEU B 2 4   ? 19.795  -4.121  -5.915  1.00 0.61 ? 62  LEU B CD1  1 
ATOM 1670 C CD2  . LEU B 2 4   ? 19.112  -4.264  -3.474  1.00 0.55 ? 62  LEU B CD2  1 
ATOM 1671 H H    . LEU B 2 4   ? 17.193  -6.999  -5.856  1.00 0.39 ? 62  LEU B H    1 
ATOM 1672 H HA   . LEU B 2 4   ? 16.645  -5.400  -3.542  1.00 0.34 ? 62  LEU B HA   1 
ATOM 1673 H HB2  . LEU B 2 4   ? 17.291  -4.662  -6.408  1.00 0.40 ? 62  LEU B HB2  1 
ATOM 1674 H HB3  . LEU B 2 4   ? 17.151  -3.471  -5.116  1.00 0.42 ? 62  LEU B HB3  1 
ATOM 1675 H HG   . LEU B 2 4   ? 19.001  -5.862  -4.948  1.00 0.50 ? 62  LEU B HG   1 
ATOM 1676 H HD11 . LEU B 2 4   ? 19.617  -3.057  -5.924  1.00 1.11 ? 62  LEU B HD11 1 
ATOM 1677 H HD12 . LEU B 2 4   ? 20.816  -4.313  -5.619  1.00 1.22 ? 62  LEU B HD12 1 
ATOM 1678 H HD13 . LEU B 2 4   ? 19.625  -4.524  -6.902  1.00 1.24 ? 62  LEU B HD13 1 
ATOM 1679 H HD21 . LEU B 2 4   ? 18.231  -3.775  -3.079  1.00 1.17 ? 62  LEU B HD21 1 
ATOM 1680 H HD22 . LEU B 2 4   ? 19.371  -5.092  -2.829  1.00 1.12 ? 62  LEU B HD22 1 
ATOM 1681 H HD23 . LEU B 2 4   ? 19.933  -3.558  -3.482  1.00 1.16 ? 62  LEU B HD23 1 
ATOM 1682 N N    . LYS B 2 5   ? 14.365  -5.475  -5.858  1.00 0.19 ? 63  LYS B N    1 
ATOM 1683 C CA   . LYS B 2 5   ? 12.964  -5.072  -6.167  1.00 0.14 ? 63  LYS B CA   1 
ATOM 1684 C C    . LYS B 2 5   ? 12.061  -5.430  -4.986  1.00 0.12 ? 63  LYS B C    1 
ATOM 1685 O O    . LYS B 2 5   ? 10.959  -4.925  -4.866  1.00 0.12 ? 63  LYS B O    1 
ATOM 1686 C CB   . LYS B 2 5   ? 12.472  -5.841  -7.397  1.00 0.17 ? 63  LYS B CB   1 
ATOM 1687 C CG   . LYS B 2 5   ? 13.413  -5.614  -8.587  1.00 0.20 ? 63  LYS B CG   1 
ATOM 1688 C CD   . LYS B 2 5   ? 13.368  -4.150  -9.038  1.00 0.40 ? 63  LYS B CD   1 
ATOM 1689 C CE   . LYS B 2 5   ? 13.947  -4.038  -10.450 1.00 0.35 ? 63  LYS B CE   1 
ATOM 1690 N NZ   . LYS B 2 5   ? 13.990  -2.606  -10.860 1.00 1.31 ? 63  LYS B NZ   1 
ATOM 1691 H H    . LYS B 2 5   ? 14.825  -6.119  -6.436  1.00 0.22 ? 63  LYS B H    1 
ATOM 1692 H HA   . LYS B 2 5   ? 12.916  -4.012  -6.351  1.00 0.17 ? 63  LYS B HA   1 
ATOM 1693 H HB2  . LYS B 2 5   ? 12.431  -6.895  -7.167  1.00 0.20 ? 63  LYS B HB2  1 
ATOM 1694 H HB3  . LYS B 2 5   ? 11.483  -5.496  -7.657  1.00 0.21 ? 63  LYS B HB3  1 
ATOM 1695 H HG2  . LYS B 2 5   ? 14.421  -5.866  -8.295  1.00 0.28 ? 63  LYS B HG2  1 
ATOM 1696 H HG3  . LYS B 2 5   ? 13.107  -6.251  -9.404  1.00 0.27 ? 63  LYS B HG3  1 
ATOM 1697 H HD2  . LYS B 2 5   ? 12.346  -3.805  -9.039  1.00 0.57 ? 63  LYS B HD2  1 
ATOM 1698 H HD3  . LYS B 2 5   ? 13.954  -3.544  -8.364  1.00 0.56 ? 63  LYS B HD3  1 
ATOM 1699 H HE2  . LYS B 2 5   ? 14.947  -4.445  -10.462 1.00 0.96 ? 63  LYS B HE2  1 
ATOM 1700 H HE3  . LYS B 2 5   ? 13.325  -4.591  -11.138 1.00 0.99 ? 63  LYS B HE3  1 
ATOM 1701 H HZ1  . LYS B 2 5   ? 13.862  -2.002  -10.025 1.00 1.83 ? 63  LYS B HZ1  1 
ATOM 1702 H HZ2  . LYS B 2 5   ? 14.909  -2.400  -11.302 1.00 1.89 ? 63  LYS B HZ2  1 
ATOM 1703 H HZ3  . LYS B 2 5   ? 13.227  -2.417  -11.542 1.00 1.89 ? 63  LYS B HZ3  1 
ATOM 1704 N N    . ILE B 2 6   ? 12.505  -6.337  -4.142  1.00 0.11 ? 64  ILE B N    1 
ATOM 1705 C CA   . ILE B 2 6   ? 11.681  -6.777  -2.960  1.00 0.11 ? 64  ILE B CA   1 
ATOM 1706 C C    . ILE B 2 6   ? 12.530  -6.740  -1.678  1.00 0.10 ? 64  ILE B C    1 
ATOM 1707 O O    . ILE B 2 6   ? 13.677  -7.141  -1.678  1.00 0.11 ? 64  ILE B O    1 
ATOM 1708 C CB   . ILE B 2 6   ? 11.211  -8.223  -3.182  1.00 0.12 ? 64  ILE B CB   1 
ATOM 1709 C CG1  . ILE B 2 6   ? 10.220  -8.287  -4.361  1.00 0.15 ? 64  ILE B CG1  1 
ATOM 1710 C CG2  . ILE B 2 6   ? 10.565  -8.793  -1.902  1.00 0.13 ? 64  ILE B CG2  1 
ATOM 1711 C CD1  . ILE B 2 6   ? 8.932   -7.466  -4.080  1.00 0.15 ? 64  ILE B CD1  1 
ATOM 1712 H H    . ILE B 2 6   ? 13.383  -6.746  -4.293  1.00 0.13 ? 64  ILE B H    1 
ATOM 1713 H HA   . ILE B 2 6   ? 10.821  -6.127  -2.847  1.00 0.11 ? 64  ILE B HA   1 
ATOM 1714 H HB   . ILE B 2 6   ? 12.077  -8.826  -3.426  1.00 0.14 ? 64  ILE B HB   1 
ATOM 1715 H HG12 . ILE B 2 6   ? 10.706  -7.901  -5.244  1.00 0.16 ? 64  ILE B HG12 1 
ATOM 1716 H HG13 . ILE B 2 6   ? 9.957   -9.321  -4.533  1.00 0.17 ? 64  ILE B HG13 1 
ATOM 1717 H HG21 . ILE B 2 6   ? 10.045  -8.014  -1.366  1.00 1.01 ? 64  ILE B HG21 1 
ATOM 1718 H HG22 . ILE B 2 6   ? 9.870   -9.578  -2.168  1.00 1.03 ? 64  ILE B HG22 1 
ATOM 1719 H HG23 . ILE B 2 6   ? 11.334  -9.204  -1.263  1.00 1.03 ? 64  ILE B HG23 1 
ATOM 1720 H HD11 . ILE B 2 6   ? 8.872   -7.184  -3.046  1.00 0.99 ? 64  ILE B HD11 1 
ATOM 1721 H HD12 . ILE B 2 6   ? 8.935   -6.572  -4.681  1.00 0.98 ? 64  ILE B HD12 1 
ATOM 1722 H HD13 . ILE B 2 6   ? 8.063   -8.060  -4.331  1.00 0.97 ? 64  ILE B HD13 1 
ATOM 1723 N N    . CYS B 2 7   ? 11.964  -6.306  -0.574  1.00 0.09 ? 65  CYS B N    1 
ATOM 1724 C CA   . CYS B 2 7   ? 12.727  -6.304  0.715   1.00 0.10 ? 65  CYS B CA   1 
ATOM 1725 C C    . CYS B 2 7   ? 12.331  -7.574  1.482   1.00 0.10 ? 65  CYS B C    1 
ATOM 1726 O O    . CYS B 2 7   ? 11.163  -7.871  1.636   1.00 0.11 ? 65  CYS B O    1 
ATOM 1727 C CB   . CYS B 2 7   ? 12.380  -5.070  1.560   1.00 0.10 ? 65  CYS B CB   1 
ATOM 1728 S SG   . CYS B 2 7   ? 12.409  -3.566  0.549   1.00 0.19 ? 65  CYS B SG   1 
ATOM 1729 H H    . CYS B 2 7   ? 11.030  -6.018  -0.586  1.00 0.11 ? 65  CYS B H    1 
ATOM 1730 H HA   . CYS B 2 7   ? 13.787  -6.323  0.511   1.00 0.11 ? 65  CYS B HA   1 
ATOM 1731 H HB2  . CYS B 2 7   ? 11.402  -5.194  1.987   1.00 0.15 ? 65  CYS B HB2  1 
ATOM 1732 H HB3  . CYS B 2 7   ? 13.100  -4.975  2.354   1.00 0.14 ? 65  CYS B HB3  1 
ATOM 1733 N N    . SER B 2 8   ? 13.282  -8.345  1.934   1.00 0.12 ? 66  SER B N    1 
ATOM 1734 C CA   . SER B 2 8   ? 12.938  -9.614  2.650   1.00 0.14 ? 66  SER B CA   1 
ATOM 1735 C C    . SER B 2 8   ? 12.554  -9.326  4.113   1.00 0.14 ? 66  SER B C    1 
ATOM 1736 O O    . SER B 2 8   ? 13.157  -8.507  4.777   1.00 0.15 ? 66  SER B O    1 
ATOM 1737 C CB   . SER B 2 8   ? 14.156  -10.537 2.629   1.00 0.18 ? 66  SER B CB   1 
ATOM 1738 O OG   . SER B 2 8   ? 14.505  -10.821 1.279   1.00 0.20 ? 66  SER B OG   1 
ATOM 1739 H H    . SER B 2 8   ? 14.221  -8.109  1.779   1.00 0.14 ? 66  SER B H    1 
ATOM 1740 H HA   . SER B 2 8   ? 12.112  -10.101 2.144   1.00 0.15 ? 66  SER B HA   1 
ATOM 1741 H HB2  . SER B 2 8   ? 14.986  -10.055 3.118   1.00 0.18 ? 66  SER B HB2  1 
ATOM 1742 H HB3  . SER B 2 8   ? 13.918  -11.455 3.148   1.00 0.20 ? 66  SER B HB3  1 
ATOM 1743 H HG   . SER B 2 8   ? 14.106  -11.659 1.037   1.00 0.93 ? 66  SER B HG   1 
ATOM 1744 N N    . TRP B 2 9   ? 11.567  -10.017 4.628   1.00 0.15 ? 67  TRP B N    1 
ATOM 1745 C CA   . TRP B 2 9   ? 11.161  -9.800  6.050   1.00 0.16 ? 67  TRP B CA   1 
ATOM 1746 C C    . TRP B 2 9   ? 12.168  -10.488 6.966   1.00 0.19 ? 67  TRP B C    1 
ATOM 1747 O O    . TRP B 2 9   ? 12.162  -10.303 8.167   1.00 0.21 ? 67  TRP B O    1 
ATOM 1748 C CB   . TRP B 2 9   ? 9.765   -10.384 6.297   1.00 0.16 ? 67  TRP B CB   1 
ATOM 1749 C CG   . TRP B 2 9   ? 8.756   -9.547  5.584   1.00 0.14 ? 67  TRP B CG   1 
ATOM 1750 C CD1  . TRP B 2 9   ? 8.754   -9.315  4.257   1.00 0.13 ? 67  TRP B CD1  1 
ATOM 1751 C CD2  . TRP B 2 9   ? 7.611   -8.828  6.127   1.00 0.14 ? 67  TRP B CD2  1 
ATOM 1752 N NE1  . TRP B 2 9   ? 7.682   -8.503  3.945   1.00 0.13 ? 67  TRP B NE1  1 
ATOM 1753 C CE2  . TRP B 2 9   ? 6.950   -8.173  5.063   1.00 0.13 ? 67  TRP B CE2  1 
ATOM 1754 C CE3  . TRP B 2 9   ? 7.082   -8.681  7.429   1.00 0.16 ? 67  TRP B CE3  1 
ATOM 1755 C CZ2  . TRP B 2 9   ? 5.810   -7.397  5.280   1.00 0.14 ? 67  TRP B CZ2  1 
ATOM 1756 C CZ3  . TRP B 2 9   ? 5.931   -7.900  7.653   1.00 0.17 ? 67  TRP B CZ3  1 
ATOM 1757 C CH2  . TRP B 2 9   ? 5.298   -7.257  6.577   1.00 0.16 ? 67  TRP B CH2  1 
ATOM 1758 H H    . TRP B 2 9   ? 11.104  -10.688 4.084   1.00 0.15 ? 67  TRP B H    1 
ATOM 1759 H HA   . TRP B 2 9   ? 11.149  -8.741  6.263   1.00 0.15 ? 67  TRP B HA   1 
ATOM 1760 H HB2  . TRP B 2 9   ? 9.723   -11.397 5.926   1.00 0.17 ? 67  TRP B HB2  1 
ATOM 1761 H HB3  . TRP B 2 9   ? 9.552   -10.378 7.357   1.00 0.18 ? 67  TRP B HB3  1 
ATOM 1762 H HD1  . TRP B 2 9   ? 9.471   -9.706  3.552   1.00 0.14 ? 67  TRP B HD1  1 
ATOM 1763 H HE1  . TRP B 2 9   ? 7.455   -8.186  3.045   1.00 0.13 ? 67  TRP B HE1  1 
ATOM 1764 H HE3  . TRP B 2 9   ? 7.552   -9.173  8.252   1.00 0.18 ? 67  TRP B HE3  1 
ATOM 1765 H HZ2  . TRP B 2 9   ? 5.337   -6.906  4.457   1.00 0.15 ? 67  TRP B HZ2  1 
ATOM 1766 H HZ3  . TRP B 2 9   ? 5.538   -7.794  8.653   1.00 0.19 ? 67  TRP B HZ3  1 
ATOM 1767 H HH2  . TRP B 2 9   ? 4.418   -6.662  6.749   1.00 0.18 ? 67  TRP B HH2  1 
ATOM 1768 N N    . ASN B 2 10  ? 13.041  -11.279 6.408   1.00 0.23 ? 68  ASN B N    1 
ATOM 1769 C CA   . ASN B 2 10  ? 14.050  -11.975 7.247   1.00 0.27 ? 68  ASN B CA   1 
ATOM 1770 C C    . ASN B 2 10  ? 14.802  -10.939 8.075   1.00 0.26 ? 68  ASN B C    1 
ATOM 1771 O O    . ASN B 2 10  ? 15.528  -11.269 8.991   1.00 0.30 ? 68  ASN B O    1 
ATOM 1772 C CB   . ASN B 2 10  ? 15.041  -12.718 6.349   1.00 0.34 ? 68  ASN B CB   1 
ATOM 1773 C CG   . ASN B 2 10  ? 14.338  -13.906 5.687   1.00 0.40 ? 68  ASN B CG   1 
ATOM 1774 O OD1  . ASN B 2 10  ? 14.966  -14.700 5.016   1.00 0.49 ? 68  ASN B OD1  1 
ATOM 1775 N ND2  . ASN B 2 10  ? 13.053  -14.059 5.847   1.00 0.40 ? 68  ASN B ND2  1 
ATOM 1776 H H    . ASN B 2 10  ? 13.033  -11.412 5.437   1.00 0.24 ? 68  ASN B H    1 
ATOM 1777 H HA   . ASN B 2 10  ? 13.556  -12.679 7.903   1.00 0.29 ? 68  ASN B HA   1 
ATOM 1778 H HB2  . ASN B 2 10  ? 15.411  -12.045 5.586   1.00 0.36 ? 68  ASN B HB2  1 
ATOM 1779 H HB3  . ASN B 2 10  ? 15.868  -13.078 6.944   1.00 0.37 ? 68  ASN B HB3  1 
ATOM 1780 H HD21 . ASN B 2 10  ? 12.545  -13.418 6.388   1.00 0.35 ? 68  ASN B HD21 1 
ATOM 1781 H HD22 . ASN B 2 10  ? 12.594  -14.818 5.429   1.00 0.45 ? 68  ASN B HD22 1 
ATOM 1782 N N    . VAL B 2 11  ? 14.634  -9.683  7.762   1.00 0.26 ? 69  VAL B N    1 
ATOM 1783 C CA   . VAL B 2 11  ? 15.342  -8.634  8.543   1.00 0.33 ? 69  VAL B CA   1 
ATOM 1784 C C    . VAL B 2 11  ? 14.893  -8.701  9.996   1.00 0.41 ? 69  VAL B C    1 
ATOM 1785 O O    . VAL B 2 11  ? 13.753  -9.001  10.291  1.00 0.49 ? 69  VAL B O    1 
ATOM 1786 C CB   . VAL B 2 11  ? 15.014  -7.249  7.976   1.00 0.45 ? 69  VAL B CB   1 
ATOM 1787 C CG1  . VAL B 2 11  ? 15.612  -7.114  6.568   1.00 0.99 ? 69  VAL B CG1  1 
ATOM 1788 C CG2  . VAL B 2 11  ? 13.487  -7.056  7.914   1.00 1.04 ? 69  VAL B CG2  1 
ATOM 1789 H H    . VAL B 2 11  ? 14.043  -9.432  7.018   1.00 0.25 ? 69  VAL B H    1 
ATOM 1790 H HA   . VAL B 2 11  ? 16.407  -8.802  8.486   1.00 0.37 ? 69  VAL B HA   1 
ATOM 1791 H HB   . VAL B 2 11  ? 15.445  -6.494  8.619   1.00 1.18 ? 69  VAL B HB   1 
ATOM 1792 H HG11 . VAL B 2 11  ? 15.545  -8.059  6.048   1.00 1.57 ? 69  VAL B HG11 1 
ATOM 1793 H HG12 . VAL B 2 11  ? 15.070  -6.366  6.018   1.00 1.50 ? 69  VAL B HG12 1 
ATOM 1794 H HG13 . VAL B 2 11  ? 16.648  -6.818  6.644   1.00 1.63 ? 69  VAL B HG13 1 
ATOM 1795 H HG21 . VAL B 2 11  ? 13.053  -7.254  8.882   1.00 1.60 ? 69  VAL B HG21 1 
ATOM 1796 H HG22 . VAL B 2 11  ? 13.264  -6.040  7.625   1.00 1.66 ? 69  VAL B HG22 1 
ATOM 1797 H HG23 . VAL B 2 11  ? 13.064  -7.734  7.185   1.00 1.59 ? 69  VAL B HG23 1 
ATOM 1798 N N    . ASP B 2 12  ? 15.772  -8.416  10.909  1.00 0.49 ? 70  ASP B N    1 
ATOM 1799 C CA   . ASP B 2 12  ? 15.373  -8.449  12.336  1.00 0.64 ? 70  ASP B CA   1 
ATOM 1800 C C    . ASP B 2 12  ? 14.248  -7.432  12.522  1.00 0.76 ? 70  ASP B C    1 
ATOM 1801 O O    . ASP B 2 12  ? 13.332  -7.629  13.297  1.00 0.90 ? 70  ASP B O    1 
ATOM 1802 C CB   . ASP B 2 12  ? 16.572  -8.079  13.211  1.00 0.74 ? 70  ASP B CB   1 
ATOM 1803 C CG   . ASP B 2 12  ? 17.599  -9.216  13.165  1.00 0.77 ? 70  ASP B CG   1 
ATOM 1804 O OD1  . ASP B 2 12  ? 17.341  -10.248 13.761  1.00 1.32 ? 70  ASP B OD1  1 
ATOM 1805 O OD2  . ASP B 2 12  ? 18.623  -9.034  12.526  1.00 1.36 ? 70  ASP B OD2  1 
ATOM 1806 H H    . ASP B 2 12  ? 16.685  -8.168  10.658  1.00 0.50 ? 70  ASP B H    1 
ATOM 1807 H HA   . ASP B 2 12  ? 15.018  -9.436  12.593  1.00 0.68 ? 70  ASP B HA   1 
ATOM 1808 H HB2  . ASP B 2 12  ? 17.021  -7.168  12.843  1.00 0.73 ? 70  ASP B HB2  1 
ATOM 1809 H HB3  . ASP B 2 12  ? 16.245  -7.936  14.231  1.00 0.85 ? 70  ASP B HB3  1 
ATOM 1810 N N    . GLY B 2 13  ? 14.309  -6.347  11.796  1.00 0.77 ? 71  GLY B N    1 
ATOM 1811 C CA   . GLY B 2 13  ? 13.244  -5.309  11.897  1.00 0.96 ? 71  GLY B CA   1 
ATOM 1812 C C    . GLY B 2 13  ? 13.423  -4.500  13.181  1.00 1.62 ? 71  GLY B C    1 
ATOM 1813 O O    . GLY B 2 13  ? 12.465  -4.398  13.930  1.00 2.29 ? 71  GLY B O    1 
ATOM 1814 O OXT  . GLY B 2 13  ? 14.512  -3.992  13.392  1.00 2.32 ? 71  GLY B OXT  1 
ATOM 1815 H H    . GLY B 2 13  ? 15.054  -6.221  11.172  1.00 0.71 ? 71  GLY B H    1 
ATOM 1816 H HA2  . GLY B 2 13  ? 13.308  -4.649  11.043  1.00 1.43 ? 71  GLY B HA2  1 
ATOM 1817 H HA3  . GLY B 2 13  ? 12.277  -5.788  11.909  1.00 1.38 ? 71  GLY B HA3  1 
# 
